data_5YKC
#
_entry.id   5YKC
#
_cell.length_a   110.424
_cell.length_b   220.103
_cell.length_c   186.508
_cell.angle_alpha   90.00
_cell.angle_beta   90.00
_cell.angle_gamma   90.00
#
_symmetry.space_group_name_H-M   'C 2 2 21'
#
loop_
_entity.id
_entity.type
_entity.pdbx_description
1 polymer Hemagglutinin
2 branched 2-acetamido-2-deoxy-beta-D-glucopyranose-(1-4)-2-acetamido-2-deoxy-beta-D-glucopyranose
3 non-polymer 2-acetamido-2-deoxy-beta-D-glucopyranose
4 water water
#
_entity_poly.entity_id   1
_entity_poly.type   'polypeptide(L)'
_entity_poly.pdbx_seq_one_letter_code
;MLLVNQSHQGFNKEHTSKMVSAIVLYVLLAAAAHSAFASAGDRICIGYHANNSTTQVDTIMEKNVTVTHAQDILEKEHNG
RLCSLKGVKPLILKNCSVAGWLLGNPMCDEFLNAPEWSYIVEKDRPSNGLCYPGTFNYYEELKHLMSSTNQFEKIQIFPR
SSWSNHDASSGVSSACPYNGRSSFFRNVVWLIKKNNVYRTITRTYNNTNIEDLLIIWGIHHPNNAAEQIKLYQNPSTYVS
VGTSTLNQRSIPEIATRPKVNGQSGRMEFFWTILRPNDSITFESTGNFIAPEYAYKIVKKGDSAIMKSELSYSNCDTKCQ
TPVGAINSSMPFHNVHPFAIGECPKYVKLKKLVLATGLRNIPQRETRGLFGAIAGFIEGGWQGMVDGWYGYHHSNEQGSG
YAADKESTQKAVDGITNKVNSIISKMNSQFEAVGKEFNNLERRIENLNKKMEDGFIDVWTYNAELLVLMENERTLDLHDS
NVKNLYDKVRRQLRDNAKELGNGCFEFYHRCDNKCMESVRNGTYDYPQYSEESRLKREEIDSGLVPRGSPGSGYIPEAPR
DGQAYVRKDGEWVLLSTFLGHHHHHH
;
_entity_poly.pdbx_strand_id   A,B,C
#
loop_
_chem_comp.id
_chem_comp.type
_chem_comp.name
_chem_comp.formula
NAG D-saccharide, beta linking 2-acetamido-2-deoxy-beta-D-glucopyranose 'C8 H15 N O6'
#
# COMPACT_ATOMS: atom_id res chain seq x y z
N ALA A 40 -50.16 29.42 36.72
CA ALA A 40 -49.21 28.50 36.07
C ALA A 40 -47.94 29.23 35.61
N GLY A 41 -46.82 28.96 36.28
CA GLY A 41 -45.59 29.63 35.93
C GLY A 41 -44.38 28.93 36.53
N ASP A 42 -43.25 29.65 36.48
CA ASP A 42 -41.95 29.20 36.98
C ASP A 42 -41.44 28.00 36.18
N ARG A 43 -40.48 28.26 35.29
CA ARG A 43 -40.04 27.31 34.30
C ARG A 43 -38.53 27.12 34.32
N ILE A 44 -38.09 25.93 33.93
CA ILE A 44 -36.69 25.66 33.59
C ILE A 44 -36.66 24.84 32.30
N CYS A 45 -36.00 25.35 31.27
CA CYS A 45 -35.92 24.70 29.97
C CYS A 45 -34.50 24.30 29.60
N ILE A 46 -34.38 23.11 29.01
CA ILE A 46 -33.11 22.56 28.56
C ILE A 46 -32.97 22.86 27.08
N GLY A 47 -31.86 23.48 26.70
CA GLY A 47 -31.68 23.88 25.32
C GLY A 47 -30.22 23.85 24.91
N TYR A 48 -29.99 24.16 23.64
CA TYR A 48 -28.67 24.12 23.04
C TYR A 48 -28.52 25.27 22.05
N HIS A 49 -27.28 25.42 21.57
CA HIS A 49 -26.83 26.61 20.89
C HIS A 49 -27.24 26.65 19.41
N ALA A 50 -27.55 27.85 18.91
CA ALA A 50 -27.68 28.11 17.49
C ALA A 50 -26.88 29.37 17.14
N ASN A 51 -26.85 29.74 15.86
CA ASN A 51 -26.21 31.00 15.46
C ASN A 51 -26.56 31.29 14.00
N ASN A 52 -25.65 31.97 13.30
CA ASN A 52 -25.87 32.48 11.95
C ASN A 52 -25.22 31.61 10.87
N SER A 53 -24.67 30.45 11.23
CA SER A 53 -23.70 29.76 10.38
C SER A 53 -24.29 29.26 9.06
N THR A 54 -23.57 29.56 7.98
CA THR A 54 -23.80 29.06 6.64
C THR A 54 -23.14 27.71 6.40
N THR A 55 -22.14 27.38 7.22
CA THR A 55 -21.21 26.29 7.02
C THR A 55 -21.94 24.94 6.92
N GLN A 56 -21.38 24.03 6.11
CA GLN A 56 -22.00 22.72 5.90
C GLN A 56 -20.96 21.60 5.93
N VAL A 57 -21.22 20.58 6.74
CA VAL A 57 -20.40 19.38 6.76
C VAL A 57 -21.20 18.25 6.11
N ASP A 58 -20.54 17.11 5.91
CA ASP A 58 -21.22 15.91 5.43
C ASP A 58 -20.98 14.75 6.39
N THR A 59 -21.92 13.80 6.38
CA THR A 59 -21.76 12.53 7.07
C THR A 59 -21.96 11.42 6.05
N ILE A 60 -21.94 10.17 6.53
CA ILE A 60 -22.11 9.05 5.61
C ILE A 60 -23.51 9.05 5.01
N MET A 61 -24.52 9.37 5.80
CA MET A 61 -25.89 9.29 5.31
C MET A 61 -26.56 10.65 5.16
N GLU A 62 -25.88 11.74 5.48
CA GLU A 62 -26.42 13.08 5.27
C GLU A 62 -25.45 13.90 4.44
N LYS A 63 -25.93 14.66 3.45
CA LYS A 63 -25.09 15.59 2.68
C LYS A 63 -25.57 17.04 2.84
N ASN A 64 -24.64 18.03 2.85
CA ASN A 64 -24.85 19.42 3.31
C ASN A 64 -25.66 19.58 4.60
N VAL A 65 -25.00 19.39 5.74
CA VAL A 65 -25.65 19.61 7.05
C VAL A 65 -25.09 20.88 7.68
N THR A 66 -25.96 21.82 8.01
CA THR A 66 -25.50 23.11 8.53
C THR A 66 -25.18 23.05 10.01
N VAL A 67 -23.98 23.49 10.40
CA VAL A 67 -23.49 23.33 11.76
C VAL A 67 -23.19 24.70 12.35
N THR A 68 -23.21 24.81 13.68
CA THR A 68 -22.84 26.09 14.29
C THR A 68 -21.40 26.45 13.98
N HIS A 69 -20.48 25.52 14.17
CA HIS A 69 -19.06 25.77 13.94
C HIS A 69 -18.42 24.58 13.24
N ALA A 70 -17.48 24.87 12.35
CA ALA A 70 -16.73 23.84 11.64
C ALA A 70 -15.33 24.35 11.34
N GLN A 71 -14.52 23.46 10.78
CA GLN A 71 -13.10 23.70 10.55
C GLN A 71 -12.70 23.02 9.25
N ASP A 72 -12.42 23.80 8.21
CA ASP A 72 -11.87 23.25 6.97
C ASP A 72 -10.46 22.71 7.22
N ILE A 73 -10.16 21.53 6.65
CA ILE A 73 -8.84 20.94 6.93
C ILE A 73 -8.07 20.62 5.66
N LEU A 74 -8.49 21.21 4.54
CA LEU A 74 -7.86 20.91 3.25
C LEU A 74 -7.34 22.20 2.61
N GLU A 75 -6.01 22.33 2.52
CA GLU A 75 -5.41 23.44 1.79
C GLU A 75 -5.64 23.27 0.30
N LYS A 76 -6.07 24.36 -0.34
CA LYS A 76 -6.49 24.27 -1.73
C LYS A 76 -5.83 25.27 -2.64
N GLU A 77 -5.02 26.20 -2.14
CA GLU A 77 -4.41 27.19 -3.02
C GLU A 77 -2.90 27.22 -2.85
N HIS A 78 -2.23 27.76 -3.87
CA HIS A 78 -0.79 27.92 -3.91
C HIS A 78 -0.44 29.28 -4.52
N ASN A 79 0.79 29.75 -4.30
CA ASN A 79 1.20 31.08 -4.74
C ASN A 79 1.85 31.11 -6.12
N GLY A 80 1.99 29.98 -6.80
CA GLY A 80 2.53 30.01 -8.15
C GLY A 80 3.97 30.47 -8.25
N ARG A 81 4.64 30.64 -7.11
CA ARG A 81 6.06 30.96 -7.09
C ARG A 81 6.84 29.70 -6.71
N LEU A 82 8.13 29.70 -7.05
CA LEU A 82 9.06 28.68 -6.59
C LEU A 82 10.03 29.32 -5.59
N CYS A 83 10.20 28.72 -4.41
CA CYS A 83 10.77 29.42 -3.25
C CYS A 83 11.86 28.61 -2.57
N SER A 84 12.57 29.31 -1.69
CA SER A 84 13.49 28.65 -0.79
C SER A 84 12.70 27.86 0.25
N LEU A 85 13.34 26.84 0.79
CA LEU A 85 12.68 25.91 1.68
C LEU A 85 13.19 26.20 3.07
N LYS A 86 12.48 27.09 3.78
CA LYS A 86 12.89 27.55 5.10
C LYS A 86 14.31 28.12 5.13
N GLY A 87 14.60 29.03 4.21
CA GLY A 87 15.84 29.74 4.29
C GLY A 87 16.94 29.19 3.44
N VAL A 88 16.78 28.01 2.90
CA VAL A 88 17.77 27.41 2.02
C VAL A 88 17.19 27.39 0.62
N LYS A 89 17.99 27.82 -0.37
CA LYS A 89 17.47 28.00 -1.71
C LYS A 89 17.64 26.73 -2.54
N PRO A 90 16.83 26.56 -3.57
CA PRO A 90 17.04 25.43 -4.46
C PRO A 90 18.19 25.73 -5.41
N LEU A 91 18.74 24.66 -5.95
CA LEU A 91 19.72 24.75 -7.03
C LEU A 91 18.95 24.87 -8.34
N ILE A 92 18.97 26.05 -8.96
CA ILE A 92 18.20 26.25 -10.19
C ILE A 92 19.08 25.91 -11.39
N LEU A 93 18.80 24.77 -12.02
CA LEU A 93 19.56 24.40 -13.20
C LEU A 93 19.23 25.23 -14.44
N LYS A 94 18.25 26.15 -14.37
CA LYS A 94 17.77 26.92 -15.52
C LYS A 94 17.38 25.99 -16.67
N ASN A 95 18.08 26.07 -17.78
CA ASN A 95 17.81 25.20 -18.92
C ASN A 95 18.75 24.02 -19.00
N CYS A 96 19.40 23.66 -17.92
CA CYS A 96 20.41 22.62 -17.99
C CYS A 96 19.85 21.33 -17.38
N SER A 97 20.20 20.21 -17.99
CA SER A 97 20.04 18.88 -17.41
C SER A 97 21.04 18.71 -16.28
N VAL A 98 20.84 17.65 -15.49
CA VAL A 98 21.84 17.32 -14.49
C VAL A 98 23.16 16.94 -15.16
N ALA A 99 23.07 16.27 -16.32
CA ALA A 99 24.27 15.92 -17.07
C ALA A 99 25.05 17.16 -17.48
N GLY A 100 24.39 18.09 -18.15
CA GLY A 100 25.06 19.32 -18.55
C GLY A 100 25.74 20.03 -17.40
N TRP A 101 25.03 20.18 -16.28
CA TRP A 101 25.64 20.81 -15.10
C TRP A 101 26.87 20.04 -14.65
N LEU A 102 26.77 18.72 -14.52
CA LEU A 102 27.87 17.98 -13.93
C LEU A 102 29.07 17.94 -14.85
N LEU A 103 28.83 17.61 -16.12
CA LEU A 103 29.90 17.47 -17.08
C LEU A 103 30.50 18.82 -17.49
N GLY A 104 29.76 19.91 -17.27
CA GLY A 104 30.23 21.20 -17.68
C GLY A 104 29.96 21.55 -19.13
N ASN A 105 28.79 21.19 -19.65
CA ASN A 105 28.28 21.75 -20.91
C ASN A 105 28.54 23.25 -20.89
N PRO A 106 29.05 23.83 -21.96
CA PRO A 106 29.51 25.23 -21.88
C PRO A 106 28.42 26.23 -21.50
N MET A 107 27.21 26.04 -22.03
CA MET A 107 26.13 26.97 -21.73
C MET A 107 25.70 26.91 -20.26
N CYS A 108 26.09 25.86 -19.55
CA CYS A 108 25.74 25.72 -18.14
C CYS A 108 26.81 26.35 -17.26
N ASP A 109 26.37 26.96 -16.17
CA ASP A 109 27.26 27.70 -15.28
C ASP A 109 27.67 26.82 -14.10
N GLU A 110 28.91 27.05 -13.65
CA GLU A 110 29.48 26.47 -12.44
C GLU A 110 28.81 27.09 -11.22
N PHE A 111 28.65 26.28 -10.18
CA PHE A 111 28.26 26.83 -8.89
C PHE A 111 29.51 26.98 -8.04
N LEU A 112 30.36 27.92 -8.44
CA LEU A 112 31.66 28.07 -7.80
C LEU A 112 31.55 28.26 -6.29
N ASN A 113 30.45 28.84 -5.81
CA ASN A 113 30.35 29.13 -4.38
C ASN A 113 30.21 27.87 -3.53
N ALA A 114 30.11 26.69 -4.14
CA ALA A 114 29.81 25.45 -3.44
C ALA A 114 28.63 25.59 -2.50
N PRO A 115 27.47 26.01 -3.01
CA PRO A 115 26.32 26.24 -2.13
C PRO A 115 25.68 24.93 -1.75
N GLU A 116 25.10 24.89 -0.56
CA GLU A 116 24.17 23.82 -0.24
C GLU A 116 22.78 24.15 -0.77
N TRP A 117 21.93 23.14 -0.86
CA TRP A 117 20.63 23.35 -1.47
C TRP A 117 19.58 22.55 -0.72
N SER A 118 18.33 22.98 -0.89
CA SER A 118 17.16 22.28 -0.39
C SER A 118 16.64 21.24 -1.37
N TYR A 119 16.66 21.58 -2.65
CA TYR A 119 16.12 20.72 -3.69
C TYR A 119 16.61 21.28 -5.02
N ILE A 120 16.73 20.39 -6.00
CA ILE A 120 17.23 20.72 -7.32
C ILE A 120 16.03 20.96 -8.23
N VAL A 121 16.06 22.04 -9.00
CA VAL A 121 14.99 22.29 -9.97
C VAL A 121 15.55 22.15 -11.37
N GLU A 122 14.85 21.38 -12.19
CA GLU A 122 15.23 21.06 -13.55
C GLU A 122 13.96 21.10 -14.39
N LYS A 123 14.06 21.63 -15.61
CA LYS A 123 12.89 21.69 -16.46
C LYS A 123 12.48 20.27 -16.89
N ASP A 124 11.31 20.15 -17.53
CA ASP A 124 10.92 18.81 -17.95
C ASP A 124 11.66 18.36 -19.20
N ARG A 125 11.94 19.26 -20.13
CA ARG A 125 12.74 18.94 -21.31
C ARG A 125 13.88 19.95 -21.42
N PRO A 126 14.92 19.79 -20.60
CA PRO A 126 15.99 20.80 -20.57
C PRO A 126 16.65 20.92 -21.92
N SER A 127 17.16 22.11 -22.23
CA SER A 127 17.67 22.35 -23.58
C SER A 127 19.18 22.23 -23.71
N ASN A 128 19.94 22.14 -22.62
CA ASN A 128 21.40 22.01 -22.71
C ASN A 128 21.80 20.77 -21.92
N GLY A 129 22.00 19.66 -22.61
CA GLY A 129 22.39 18.46 -21.91
C GLY A 129 23.73 17.94 -22.38
N LEU A 130 23.72 16.74 -22.99
CA LEU A 130 24.88 16.22 -23.70
C LEU A 130 24.94 16.86 -25.08
N CYS A 131 25.53 18.06 -25.13
CA CYS A 131 25.66 18.77 -26.40
C CYS A 131 26.42 17.93 -27.42
N TYR A 132 27.55 17.34 -27.03
CA TYR A 132 28.09 16.26 -27.85
C TYR A 132 27.24 15.03 -27.60
N PRO A 133 26.57 14.49 -28.62
CA PRO A 133 25.54 13.47 -28.37
C PRO A 133 26.16 12.19 -27.81
N GLY A 134 25.40 11.51 -26.97
CA GLY A 134 25.92 10.29 -26.39
C GLY A 134 25.05 9.78 -25.26
N THR A 135 25.64 9.03 -24.36
CA THR A 135 24.86 8.39 -23.32
C THR A 135 25.61 8.53 -22.02
N PHE A 136 24.86 8.48 -20.92
CA PHE A 136 25.40 8.56 -19.56
C PHE A 136 24.90 7.32 -18.83
N ASN A 137 25.76 6.34 -18.59
CA ASN A 137 25.22 5.10 -18.06
C ASN A 137 24.80 5.27 -16.62
N TYR A 138 23.70 4.62 -16.27
CA TYR A 138 23.14 4.70 -14.94
C TYR A 138 22.88 6.15 -14.56
N TYR A 139 22.48 6.96 -15.54
CA TYR A 139 22.12 8.36 -15.27
C TYR A 139 21.02 8.45 -14.22
N GLU A 140 19.92 7.74 -14.42
CA GLU A 140 18.87 7.76 -13.41
C GLU A 140 19.43 7.35 -12.05
N GLU A 141 20.27 6.31 -12.02
CA GLU A 141 20.89 5.97 -10.76
C GLU A 141 21.64 7.16 -10.17
N LEU A 142 22.42 7.88 -11.00
CA LEU A 142 23.16 9.05 -10.53
C LEU A 142 22.22 10.10 -9.93
N LYS A 143 21.20 10.53 -10.66
CA LYS A 143 20.27 11.53 -10.12
C LYS A 143 19.68 11.09 -8.79
N HIS A 144 19.41 9.80 -8.63
CA HIS A 144 18.93 9.38 -7.34
C HIS A 144 19.91 9.77 -6.26
N LEU A 145 21.19 9.47 -6.48
CA LEU A 145 22.19 9.88 -5.50
C LEU A 145 22.11 11.36 -5.23
N MET A 146 21.96 12.16 -6.28
CA MET A 146 21.75 13.58 -6.14
C MET A 146 20.59 13.87 -5.19
N SER A 147 19.44 13.25 -5.42
CA SER A 147 18.27 13.53 -4.60
C SER A 147 18.44 13.18 -3.12
N SER A 148 19.56 12.55 -2.71
CA SER A 148 19.91 12.42 -1.30
C SER A 148 21.25 13.06 -1.01
N THR A 149 21.53 14.15 -1.68
CA THR A 149 22.77 14.89 -1.58
C THR A 149 22.45 16.38 -1.47
N ASN A 150 23.11 17.08 -0.56
CA ASN A 150 22.76 18.47 -0.34
C ASN A 150 23.87 19.47 -0.57
N GLN A 151 25.12 19.05 -0.78
CA GLN A 151 26.16 20.03 -1.05
C GLN A 151 27.36 19.40 -1.74
N PHE A 152 27.76 19.95 -2.89
CA PHE A 152 28.97 19.54 -3.59
C PHE A 152 30.06 20.57 -3.36
N GLU A 153 31.29 20.08 -3.30
CA GLU A 153 32.48 20.92 -3.46
C GLU A 153 33.32 20.31 -4.57
N LYS A 154 33.63 21.10 -5.59
CA LYS A 154 34.32 20.61 -6.77
C LYS A 154 35.83 20.73 -6.55
N ILE A 155 36.57 19.66 -6.85
CA ILE A 155 38.02 19.67 -6.67
C ILE A 155 38.71 19.08 -7.89
N GLN A 156 39.95 19.52 -8.10
CA GLN A 156 40.77 19.09 -9.21
C GLN A 156 41.52 17.81 -8.88
N ILE A 157 41.58 16.90 -9.85
CA ILE A 157 42.30 15.65 -9.60
C ILE A 157 43.34 15.41 -10.67
N PHE A 158 43.02 15.72 -11.93
CA PHE A 158 43.97 15.60 -13.04
C PHE A 158 44.03 16.94 -13.76
N PRO A 159 44.94 17.82 -13.36
CA PRO A 159 44.97 19.18 -13.94
C PRO A 159 45.13 19.15 -15.46
N ARG A 160 44.38 20.02 -16.16
CA ARG A 160 44.39 19.97 -17.62
C ARG A 160 45.79 20.14 -18.20
N SER A 161 46.64 20.91 -17.52
CA SER A 161 48.04 21.09 -17.89
C SER A 161 48.89 19.81 -17.73
N SER A 162 48.34 18.75 -17.17
CA SER A 162 49.14 17.64 -16.67
C SER A 162 49.39 16.57 -17.72
N TRP A 163 48.90 16.74 -18.93
CA TRP A 163 48.97 15.70 -19.95
C TRP A 163 50.13 15.96 -20.90
N SER A 164 51.31 16.06 -20.29
CA SER A 164 52.53 16.53 -20.93
C SER A 164 52.78 15.90 -22.31
N ASN A 165 52.23 14.70 -22.57
CA ASN A 165 52.48 13.96 -23.79
C ASN A 165 51.24 13.84 -24.69
N HIS A 166 50.19 14.63 -24.45
CA HIS A 166 49.02 14.59 -25.31
C HIS A 166 48.46 15.99 -25.54
N ASP A 167 47.47 16.05 -26.43
CA ASP A 167 46.82 17.30 -26.81
C ASP A 167 45.54 17.46 -26.00
N ALA A 168 45.58 18.36 -25.01
CA ALA A 168 44.43 18.65 -24.16
C ALA A 168 43.75 19.94 -24.55
N SER A 169 43.89 20.36 -25.82
CA SER A 169 43.37 21.65 -26.27
C SER A 169 42.65 21.57 -27.60
N SER A 170 43.11 20.72 -28.51
CA SER A 170 42.39 20.55 -29.77
C SER A 170 41.06 19.82 -29.55
N GLY A 171 40.98 18.96 -28.53
CA GLY A 171 39.71 18.30 -28.23
C GLY A 171 38.54 19.24 -27.99
N VAL A 172 37.90 19.69 -29.07
CA VAL A 172 36.75 20.58 -29.01
C VAL A 172 35.87 20.24 -30.21
N SER A 173 34.66 20.80 -30.25
CA SER A 173 33.70 20.41 -31.26
C SER A 173 32.73 21.54 -31.53
N SER A 174 32.17 21.54 -32.75
CA SER A 174 31.12 22.45 -33.16
C SER A 174 29.77 22.13 -32.54
N ALA A 175 29.62 20.95 -31.92
CA ALA A 175 28.42 20.57 -31.20
C ALA A 175 28.33 21.13 -29.79
N CYS A 176 29.43 21.69 -29.28
CA CYS A 176 29.52 22.23 -27.92
C CYS A 176 29.94 23.67 -28.06
N PRO A 177 29.11 24.51 -28.66
CA PRO A 177 29.53 25.88 -28.93
C PRO A 177 29.46 26.68 -27.65
N TYR A 178 30.53 27.40 -27.36
CA TYR A 178 30.51 28.42 -26.30
C TYR A 178 30.94 29.71 -26.96
N ASN A 179 29.98 30.60 -27.20
CA ASN A 179 30.29 31.91 -27.78
C ASN A 179 30.96 31.74 -29.15
N GLY A 180 30.16 31.23 -30.09
CA GLY A 180 30.59 31.06 -31.47
C GLY A 180 31.53 29.91 -31.79
N ARG A 181 32.76 29.99 -31.28
CA ARG A 181 33.82 29.05 -31.63
C ARG A 181 33.52 27.66 -31.03
N SER A 182 34.36 26.69 -31.37
CA SER A 182 34.13 25.33 -30.88
C SER A 182 34.75 25.14 -29.51
N SER A 183 34.11 24.31 -28.71
CA SER A 183 34.46 24.11 -27.31
C SER A 183 34.04 22.70 -26.91
N PHE A 184 33.98 22.45 -25.61
CA PHE A 184 33.78 21.11 -25.06
C PHE A 184 33.45 21.22 -23.58
N PHE A 185 32.88 20.16 -23.04
CA PHE A 185 32.58 20.09 -21.61
C PHE A 185 33.77 20.58 -20.78
N ARG A 186 33.53 21.55 -19.91
CA ARG A 186 34.61 22.17 -19.14
C ARG A 186 35.20 21.27 -18.08
N ASN A 187 34.56 20.16 -17.69
CA ASN A 187 35.08 19.38 -16.57
C ASN A 187 35.75 18.09 -16.97
N VAL A 188 35.60 17.66 -18.23
CA VAL A 188 36.34 16.55 -18.79
C VAL A 188 37.26 17.11 -19.88
N VAL A 189 38.22 16.31 -20.31
CA VAL A 189 39.16 16.73 -21.35
C VAL A 189 39.28 15.64 -22.43
N TRP A 190 39.07 16.05 -23.68
CA TRP A 190 39.12 15.17 -24.83
C TRP A 190 40.58 15.02 -25.27
N LEU A 191 41.27 14.00 -24.80
CA LEU A 191 42.70 13.90 -25.03
C LEU A 191 43.02 13.33 -26.41
N ILE A 192 43.88 14.03 -27.15
CA ILE A 192 44.21 13.78 -28.54
C ILE A 192 45.71 13.50 -28.68
N LYS A 193 46.07 12.74 -29.71
CA LYS A 193 47.45 12.43 -30.02
C LYS A 193 48.27 13.71 -30.20
N LYS A 194 49.53 13.66 -29.78
CA LYS A 194 50.30 14.90 -29.82
C LYS A 194 50.91 15.10 -31.20
N ASN A 195 52.04 14.47 -31.44
CA ASN A 195 52.70 14.53 -32.73
C ASN A 195 52.58 13.17 -33.39
N ASN A 196 51.36 12.87 -33.82
CA ASN A 196 50.98 11.58 -34.35
C ASN A 196 51.50 10.47 -33.46
N VAL A 197 51.10 10.56 -32.20
CA VAL A 197 51.56 9.63 -31.18
C VAL A 197 50.58 9.67 -30.03
N TYR A 198 50.17 8.50 -29.53
CA TYR A 198 49.31 8.42 -28.35
C TYR A 198 50.01 7.47 -27.39
N ARG A 199 50.89 8.03 -26.56
CA ARG A 199 51.54 7.22 -25.55
C ARG A 199 50.49 6.67 -24.59
N THR A 200 50.63 5.38 -24.24
CA THR A 200 49.68 4.77 -23.32
C THR A 200 49.57 5.56 -22.02
N ILE A 201 48.34 5.73 -21.55
CA ILE A 201 48.02 6.54 -20.37
C ILE A 201 47.87 5.63 -19.16
N THR A 202 48.51 5.99 -18.03
CA THR A 202 48.22 5.35 -16.75
C THR A 202 48.44 6.37 -15.63
N ARG A 203 47.34 6.87 -15.04
CA ARG A 203 47.36 7.85 -13.96
C ARG A 203 46.52 7.36 -12.78
N THR A 204 47.04 7.55 -11.56
CA THR A 204 46.34 7.17 -10.34
C THR A 204 45.94 8.42 -9.54
N TYR A 205 44.83 8.33 -8.82
CA TYR A 205 44.48 9.36 -7.85
C TYR A 205 44.05 8.64 -6.57
N ASN A 206 44.67 9.01 -5.43
CA ASN A 206 44.29 8.49 -4.12
C ASN A 206 43.33 9.47 -3.45
N ASN A 207 42.22 8.97 -2.90
CA ASN A 207 41.26 9.82 -2.19
C ASN A 207 41.72 9.98 -0.75
N THR A 208 42.49 11.05 -0.50
CA THR A 208 42.96 11.40 0.83
C THR A 208 42.06 12.40 1.52
N ASN A 209 40.81 12.51 1.11
CA ASN A 209 39.82 13.31 1.78
C ASN A 209 39.09 12.45 2.81
N ILE A 210 38.19 13.08 3.56
CA ILE A 210 37.29 12.36 4.46
C ILE A 210 35.95 12.04 3.81
N GLU A 211 35.53 12.79 2.79
CA GLU A 211 34.25 12.64 2.12
C GLU A 211 34.33 11.61 0.99
N ASP A 212 33.16 11.23 0.45
CA ASP A 212 33.13 10.50 -0.81
C ASP A 212 33.28 11.46 -1.99
N LEU A 213 33.96 11.01 -3.04
CA LEU A 213 34.12 11.76 -4.28
C LEU A 213 33.31 11.16 -5.42
N LEU A 214 32.62 12.01 -6.16
CA LEU A 214 32.04 11.60 -7.43
C LEU A 214 33.01 11.93 -8.56
N ILE A 215 33.35 10.92 -9.36
CA ILE A 215 34.24 11.09 -10.49
C ILE A 215 33.54 10.61 -11.75
N ILE A 216 33.56 11.43 -12.80
CA ILE A 216 32.90 11.14 -14.05
C ILE A 216 33.96 11.05 -15.14
N TRP A 217 33.90 9.99 -15.98
CA TRP A 217 34.81 9.91 -17.13
C TRP A 217 34.08 9.31 -18.33
N GLY A 218 34.75 9.24 -19.47
CA GLY A 218 34.07 8.64 -20.61
C GLY A 218 34.97 8.17 -21.72
N ILE A 219 34.33 7.75 -22.80
CA ILE A 219 35.00 7.16 -23.93
C ILE A 219 34.32 7.65 -25.20
N HIS A 220 35.06 7.65 -26.31
CA HIS A 220 34.62 8.29 -27.54
C HIS A 220 34.46 7.26 -28.64
N HIS A 221 33.25 7.10 -29.16
CA HIS A 221 33.00 6.16 -30.24
C HIS A 221 33.02 6.91 -31.55
N PRO A 222 33.99 6.67 -32.44
CA PRO A 222 34.11 7.44 -33.68
C PRO A 222 33.22 6.91 -34.80
N ASN A 223 33.12 7.72 -35.87
CA ASN A 223 32.22 7.43 -36.98
C ASN A 223 32.74 6.27 -37.85
N ASN A 224 34.04 6.19 -38.08
CA ASN A 224 34.61 5.21 -38.99
C ASN A 224 35.99 4.82 -38.46
N ALA A 225 36.68 3.95 -39.19
CA ALA A 225 38.06 3.67 -38.80
C ALA A 225 39.02 4.78 -39.22
N ALA A 226 38.61 5.64 -40.15
CA ALA A 226 39.48 6.73 -40.55
C ALA A 226 39.73 7.69 -39.39
N GLU A 227 38.64 8.27 -38.84
CA GLU A 227 38.75 9.26 -37.77
C GLU A 227 39.41 8.68 -36.53
N GLN A 228 39.25 7.37 -36.30
CA GLN A 228 39.98 6.72 -35.22
C GLN A 228 41.46 7.06 -35.30
N ILE A 229 42.12 6.68 -36.41
CA ILE A 229 43.53 6.97 -36.55
C ILE A 229 43.80 8.47 -36.63
N LYS A 230 42.82 9.27 -37.07
CA LYS A 230 43.08 10.70 -37.19
C LYS A 230 43.19 11.36 -35.80
N LEU A 231 42.47 10.84 -34.80
CA LEU A 231 42.51 11.43 -33.46
C LEU A 231 43.50 10.72 -32.54
N TYR A 232 43.46 9.39 -32.51
CA TYR A 232 44.22 8.62 -31.53
C TYR A 232 45.21 7.65 -32.15
N GLN A 233 45.49 7.78 -33.45
CA GLN A 233 46.38 6.86 -34.18
C GLN A 233 46.15 5.38 -33.90
N ASN A 234 46.55 4.91 -32.74
CA ASN A 234 46.53 3.50 -32.41
C ASN A 234 45.17 2.88 -32.72
N PRO A 235 45.09 1.94 -33.67
CA PRO A 235 43.78 1.48 -34.13
C PRO A 235 43.04 0.58 -33.15
N SER A 236 43.73 -0.26 -32.39
CA SER A 236 43.10 -1.15 -31.41
C SER A 236 43.33 -0.57 -30.01
N THR A 237 42.25 -0.37 -29.26
CA THR A 237 42.31 0.55 -28.12
C THR A 237 41.21 0.26 -27.11
N TYR A 238 41.39 0.82 -25.92
CA TYR A 238 40.56 0.55 -24.74
C TYR A 238 40.73 1.68 -23.72
N VAL A 239 39.82 1.71 -22.73
CA VAL A 239 39.86 2.66 -21.62
C VAL A 239 39.44 1.92 -20.37
N SER A 240 40.38 1.69 -19.45
CA SER A 240 40.11 0.85 -18.29
C SER A 240 40.29 1.61 -16.99
N VAL A 241 39.40 1.30 -16.04
CA VAL A 241 39.29 2.02 -14.76
C VAL A 241 39.45 1.02 -13.63
N GLY A 242 40.43 1.25 -12.76
CA GLY A 242 40.55 0.43 -11.56
C GLY A 242 40.31 1.12 -10.22
N THR A 243 39.35 0.60 -9.44
CA THR A 243 39.28 0.90 -8.01
C THR A 243 39.21 -0.40 -7.19
N SER A 244 38.94 -0.28 -5.89
CA SER A 244 38.67 -1.47 -5.07
C SER A 244 37.42 -2.18 -5.54
N THR A 245 36.38 -1.42 -5.81
CA THR A 245 35.07 -1.95 -6.14
C THR A 245 34.68 -1.70 -7.59
N LEU A 246 35.65 -1.43 -8.45
CA LEU A 246 35.32 -1.18 -9.84
C LEU A 246 36.43 -1.74 -10.70
N ASN A 247 36.06 -2.70 -11.55
CA ASN A 247 36.87 -3.12 -12.68
C ASN A 247 36.02 -2.93 -13.93
N GLN A 248 36.62 -2.32 -14.96
CA GLN A 248 35.95 -2.05 -16.21
C GLN A 248 36.93 -1.60 -17.29
N ARG A 249 36.89 -2.25 -18.43
CA ARG A 249 37.69 -1.83 -19.58
C ARG A 249 36.73 -1.77 -20.74
N SER A 250 36.43 -0.56 -21.20
CA SER A 250 35.58 -0.38 -22.36
C SER A 250 36.45 -0.33 -23.62
N ILE A 251 35.85 -0.71 -24.74
CA ILE A 251 36.52 -0.65 -26.05
C ILE A 251 35.58 0.10 -27.00
N PRO A 252 36.08 0.91 -27.93
CA PRO A 252 35.19 1.86 -28.61
C PRO A 252 34.36 1.22 -29.71
N GLU A 253 33.04 1.44 -29.67
CA GLU A 253 32.09 0.87 -30.63
C GLU A 253 31.96 1.79 -31.85
N ILE A 254 32.75 1.49 -32.90
CA ILE A 254 32.77 2.28 -34.15
C ILE A 254 31.66 1.83 -35.12
N ALA A 255 30.61 2.63 -35.23
CA ALA A 255 29.58 2.43 -36.23
C ALA A 255 29.24 3.78 -36.85
N THR A 256 28.43 3.75 -37.89
CA THR A 256 28.06 4.95 -38.61
C THR A 256 26.63 5.26 -38.25
N ARG A 257 26.42 6.38 -37.57
CA ARG A 257 25.14 6.73 -37.01
C ARG A 257 24.58 8.00 -37.65
N PRO A 258 23.29 8.26 -37.46
CA PRO A 258 22.73 9.57 -37.82
C PRO A 258 23.39 10.71 -37.05
N LYS A 259 23.46 11.87 -37.69
CA LYS A 259 24.09 13.05 -37.09
C LYS A 259 23.17 13.73 -36.07
N VAL A 260 23.73 14.13 -34.92
CA VAL A 260 23.00 14.80 -33.85
C VAL A 260 23.82 15.99 -33.39
N ASN A 261 23.23 17.18 -33.40
CA ASN A 261 23.96 18.43 -33.19
C ASN A 261 25.23 18.45 -34.03
N GLY A 262 25.15 17.89 -35.23
CA GLY A 262 26.21 17.93 -36.21
C GLY A 262 27.07 16.69 -36.26
N GLN A 263 27.15 15.92 -35.17
CA GLN A 263 28.14 14.84 -35.06
C GLN A 263 27.50 13.48 -35.33
N SER A 264 28.25 12.61 -35.98
CA SER A 264 27.83 11.23 -36.10
C SER A 264 28.66 10.29 -35.24
N GLY A 265 29.69 10.79 -34.55
CA GLY A 265 30.32 10.04 -33.48
C GLY A 265 29.49 10.15 -32.22
N ARG A 266 29.87 9.39 -31.20
CA ARG A 266 29.16 9.47 -29.93
C ARG A 266 30.12 9.32 -28.77
N MET A 267 29.78 9.93 -27.64
CA MET A 267 30.55 9.74 -26.43
C MET A 267 29.68 9.18 -25.32
N GLU A 268 30.17 8.13 -24.68
CA GLU A 268 29.52 7.46 -23.58
C GLU A 268 30.25 7.85 -22.30
N PHE A 269 29.48 8.13 -21.25
CA PHE A 269 30.06 8.55 -19.99
C PHE A 269 29.77 7.56 -18.86
N PHE A 270 30.68 7.54 -17.88
CA PHE A 270 30.59 6.66 -16.73
C PHE A 270 30.84 7.45 -15.46
N TRP A 271 30.38 6.90 -14.34
CA TRP A 271 30.58 7.53 -13.05
C TRP A 271 30.73 6.48 -11.97
N THR A 272 31.58 6.77 -11.02
CA THR A 272 31.75 5.94 -9.84
C THR A 272 31.87 6.85 -8.63
N ILE A 273 31.85 6.26 -7.45
CA ILE A 273 31.92 6.98 -6.21
C ILE A 273 33.09 6.40 -5.45
N LEU A 274 34.13 7.17 -5.28
CA LEU A 274 35.40 6.67 -4.79
C LEU A 274 35.45 6.95 -3.29
N ARG A 275 35.48 5.86 -2.49
CA ARG A 275 35.41 5.94 -1.03
C ARG A 275 36.70 6.53 -0.48
N PRO A 276 36.72 6.98 0.77
CA PRO A 276 37.96 7.57 1.30
C PRO A 276 39.04 6.51 1.55
N ASN A 277 40.29 6.93 1.40
CA ASN A 277 41.48 6.09 1.48
C ASN A 277 41.59 5.11 0.32
N ASP A 278 40.81 5.31 -0.73
CA ASP A 278 40.86 4.46 -1.92
C ASP A 278 41.48 5.19 -3.10
N SER A 279 42.00 4.41 -4.05
CA SER A 279 42.63 4.94 -5.25
C SER A 279 41.85 4.54 -6.50
N ILE A 280 41.97 5.36 -7.52
CA ILE A 280 41.44 5.06 -8.84
C ILE A 280 42.59 5.26 -9.83
N THR A 281 42.73 4.30 -10.75
CA THR A 281 43.80 4.41 -11.75
C THR A 281 43.26 4.06 -13.14
N PHE A 282 43.51 4.95 -14.09
CA PHE A 282 43.02 4.84 -15.46
C PHE A 282 44.14 4.39 -16.37
N GLU A 283 43.88 3.40 -17.22
CA GLU A 283 44.81 2.97 -18.25
C GLU A 283 44.14 3.13 -19.61
N SER A 284 44.79 3.81 -20.56
CA SER A 284 44.14 4.00 -21.84
C SER A 284 45.14 4.17 -22.97
N THR A 285 44.82 3.58 -24.12
CA THR A 285 45.61 3.78 -25.34
C THR A 285 44.92 4.68 -26.36
N GLY A 286 43.75 5.22 -26.05
CA GLY A 286 43.07 6.17 -26.91
C GLY A 286 41.60 6.26 -26.60
N ASN A 287 40.98 7.34 -27.08
CA ASN A 287 39.53 7.56 -26.99
C ASN A 287 39.08 7.86 -25.58
N PHE A 288 40.04 8.16 -24.72
CA PHE A 288 39.80 8.42 -23.32
C PHE A 288 39.40 9.87 -23.10
N ILE A 289 38.41 10.06 -22.26
CA ILE A 289 37.92 11.39 -21.91
C ILE A 289 38.08 11.51 -20.43
N ALA A 290 39.15 12.14 -20.06
CA ALA A 290 39.67 12.11 -18.71
C ALA A 290 38.96 13.17 -17.89
N PRO A 291 38.60 12.87 -16.65
CA PRO A 291 38.02 13.91 -15.81
C PRO A 291 39.11 14.88 -15.43
N GLU A 292 38.77 16.18 -15.43
CA GLU A 292 39.65 17.11 -14.75
C GLU A 292 39.28 17.27 -13.29
N TYR A 293 37.98 17.27 -12.99
CA TYR A 293 37.50 17.55 -11.65
C TYR A 293 36.74 16.35 -11.10
N ALA A 294 36.59 16.39 -9.78
CA ALA A 294 35.80 15.45 -9.01
C ALA A 294 34.92 16.25 -8.06
N TYR A 295 33.83 15.64 -7.60
CA TYR A 295 32.90 16.33 -6.70
C TYR A 295 32.92 15.65 -5.35
N LYS A 296 33.13 16.42 -4.28
CA LYS A 296 33.02 15.87 -2.93
C LYS A 296 31.60 16.02 -2.44
N ILE A 297 30.98 14.91 -2.04
CA ILE A 297 29.71 14.96 -1.32
C ILE A 297 30.02 15.38 0.11
N VAL A 298 29.76 16.65 0.44
CA VAL A 298 30.08 17.16 1.77
C VAL A 298 28.87 17.27 2.66
N LYS A 299 27.67 17.02 2.14
CA LYS A 299 26.46 17.10 2.94
C LYS A 299 25.42 16.16 2.32
N LYS A 300 25.18 15.02 2.97
CA LYS A 300 24.14 14.06 2.62
C LYS A 300 22.91 14.31 3.48
N GLY A 301 21.73 14.01 2.95
CA GLY A 301 20.53 14.32 3.69
C GLY A 301 19.29 14.30 2.80
N ASP A 302 18.26 15.00 3.25
CA ASP A 302 17.01 14.99 2.51
C ASP A 302 17.07 16.02 1.39
N SER A 303 16.91 15.56 0.16
CA SER A 303 16.89 16.46 -1.00
C SER A 303 15.93 15.87 -2.02
N ALA A 304 15.81 16.54 -3.16
CA ALA A 304 14.85 16.13 -4.15
C ALA A 304 15.22 16.79 -5.47
N ILE A 305 14.79 16.19 -6.58
CA ILE A 305 14.86 16.85 -7.89
C ILE A 305 13.43 17.14 -8.33
N MET A 306 13.05 18.40 -8.30
CA MET A 306 11.74 18.80 -8.79
C MET A 306 11.78 19.02 -10.30
N LYS A 307 10.67 18.69 -10.95
CA LYS A 307 10.47 18.99 -12.36
C LYS A 307 9.45 20.13 -12.40
N SER A 308 9.96 21.35 -12.61
CA SER A 308 9.14 22.53 -12.76
C SER A 308 9.74 23.40 -13.85
N GLU A 309 8.93 24.37 -14.30
CA GLU A 309 9.34 25.35 -15.28
C GLU A 309 9.26 26.77 -14.73
N LEU A 310 8.94 26.91 -13.44
CA LEU A 310 8.96 28.19 -12.78
C LEU A 310 10.41 28.67 -12.61
N SER A 311 10.54 29.90 -12.10
CA SER A 311 11.85 30.48 -11.77
C SER A 311 11.80 31.04 -10.36
N TYR A 312 12.87 30.80 -9.58
CA TYR A 312 13.06 31.31 -8.22
C TYR A 312 12.55 32.74 -8.07
N SER A 313 11.96 33.08 -6.91
CA SER A 313 11.11 34.25 -6.83
C SER A 313 11.41 35.14 -5.63
N ASN A 314 12.51 34.93 -4.93
CA ASN A 314 12.87 35.79 -3.80
C ASN A 314 11.86 35.65 -2.66
N CYS A 315 11.18 34.49 -2.59
CA CYS A 315 10.17 34.14 -1.61
C CYS A 315 10.67 32.99 -0.73
N ASP A 316 9.87 32.59 0.26
CA ASP A 316 10.22 31.50 1.16
C ASP A 316 8.97 30.74 1.58
N THR A 317 9.15 29.44 1.84
CA THR A 317 8.03 28.56 2.16
C THR A 317 8.52 27.47 3.09
N LYS A 318 7.58 26.65 3.49
CA LYS A 318 7.80 25.44 4.26
C LYS A 318 7.51 24.21 3.43
N CYS A 319 6.87 24.39 2.27
CA CYS A 319 6.40 23.31 1.40
C CYS A 319 6.27 23.88 0.01
N GLN A 320 6.90 23.21 -0.95
CA GLN A 320 7.00 23.65 -2.33
C GLN A 320 6.48 22.52 -3.19
N THR A 321 5.91 22.87 -4.33
CA THR A 321 5.43 21.91 -5.32
C THR A 321 5.83 22.42 -6.68
N PRO A 322 5.93 21.53 -7.68
CA PRO A 322 6.27 22.01 -9.03
C PRO A 322 5.40 23.14 -9.53
N VAL A 323 4.16 23.30 -9.04
CA VAL A 323 3.29 24.42 -9.46
C VAL A 323 3.34 25.63 -8.53
N GLY A 324 3.95 25.52 -7.35
CA GLY A 324 3.99 26.64 -6.43
C GLY A 324 4.00 26.20 -4.98
N ALA A 325 4.26 27.17 -4.10
CA ALA A 325 4.35 26.88 -2.67
C ALA A 325 2.95 26.92 -2.07
N ILE A 326 2.75 26.11 -1.05
CA ILE A 326 1.46 25.99 -0.41
C ILE A 326 1.62 26.33 1.06
N ASN A 327 0.54 26.83 1.67
CA ASN A 327 0.54 27.33 3.06
C ASN A 327 0.28 26.16 4.00
N SER A 328 1.35 25.47 4.37
CA SER A 328 1.28 24.14 4.97
C SER A 328 0.64 24.01 6.35
N SER A 329 -0.25 24.94 6.74
CA SER A 329 -0.83 24.90 8.08
C SER A 329 -2.09 24.06 8.18
N MET A 330 -2.63 23.57 7.08
CA MET A 330 -3.70 22.59 7.16
C MET A 330 -3.09 21.21 7.28
N PRO A 331 -3.88 20.20 7.69
CA PRO A 331 -3.34 18.84 7.71
C PRO A 331 -3.30 18.20 6.34
N PHE A 332 -4.07 18.69 5.37
CA PHE A 332 -4.20 18.07 4.06
C PHE A 332 -4.25 19.14 2.98
N HIS A 333 -3.81 18.77 1.78
CA HIS A 333 -3.96 19.62 0.61
C HIS A 333 -4.28 18.71 -0.57
N ASN A 334 -4.75 19.33 -1.65
CA ASN A 334 -4.94 18.61 -2.90
C ASN A 334 -4.26 19.32 -4.07
N VAL A 335 -3.22 20.10 -3.80
CA VAL A 335 -2.63 20.97 -4.81
C VAL A 335 -1.93 20.14 -5.89
N HIS A 336 -0.96 19.33 -5.50
CA HIS A 336 -0.28 18.46 -6.44
C HIS A 336 0.38 17.32 -5.66
N PRO A 337 0.56 16.12 -6.26
CA PRO A 337 1.06 14.99 -5.46
C PRO A 337 2.50 15.14 -4.98
N PHE A 338 3.40 15.74 -5.77
CA PHE A 338 4.81 15.81 -5.42
C PHE A 338 5.02 17.11 -4.65
N ALA A 339 5.17 17.00 -3.32
CA ALA A 339 5.37 18.17 -2.50
C ALA A 339 6.41 17.83 -1.45
N ILE A 340 7.37 18.74 -1.28
CA ILE A 340 8.57 18.47 -0.50
C ILE A 340 8.68 19.47 0.63
N GLY A 341 9.19 19.00 1.75
CA GLY A 341 9.33 19.81 2.94
C GLY A 341 8.37 19.41 4.04
N GLU A 342 8.21 20.30 5.01
CA GLU A 342 7.22 20.04 6.05
C GLU A 342 5.87 20.32 5.41
N CYS A 343 5.32 19.30 4.81
CA CYS A 343 4.16 19.45 3.97
C CYS A 343 2.93 18.84 4.63
N PRO A 344 1.74 19.34 4.31
CA PRO A 344 0.52 18.58 4.61
C PRO A 344 0.42 17.34 3.74
N LYS A 345 -0.43 16.41 4.18
CA LYS A 345 -0.65 15.13 3.53
C LYS A 345 -1.59 15.29 2.32
N TYR A 346 -1.19 14.76 1.17
CA TYR A 346 -1.96 15.03 -0.05
C TYR A 346 -3.08 14.02 -0.18
N VAL A 347 -4.26 14.50 -0.60
CA VAL A 347 -5.42 13.67 -0.88
C VAL A 347 -6.09 14.25 -2.10
N LYS A 348 -6.66 13.37 -2.94
CA LYS A 348 -7.43 13.85 -4.09
C LYS A 348 -8.91 13.99 -3.75
N LEU A 349 -9.21 14.92 -2.87
CA LEU A 349 -10.58 15.34 -2.64
C LEU A 349 -10.74 16.79 -3.10
N LYS A 350 -11.99 17.20 -3.33
CA LYS A 350 -12.28 18.58 -3.66
C LYS A 350 -12.69 19.40 -2.44
N LYS A 351 -13.06 18.73 -1.35
CA LYS A 351 -13.58 19.37 -0.14
C LYS A 351 -13.38 18.40 1.00
N LEU A 352 -13.00 18.93 2.17
CA LEU A 352 -12.86 18.11 3.36
C LEU A 352 -12.90 18.97 4.61
N VAL A 353 -14.03 18.96 5.33
CA VAL A 353 -14.22 19.87 6.45
C VAL A 353 -14.91 19.17 7.60
N LEU A 354 -14.32 19.27 8.79
CA LEU A 354 -14.77 18.63 10.02
C LEU A 354 -15.94 19.37 10.64
N ALA A 355 -16.70 18.65 11.46
CA ALA A 355 -17.74 19.27 12.28
C ALA A 355 -17.22 19.45 13.70
N THR A 356 -17.63 20.54 14.35
CA THR A 356 -17.13 20.86 15.69
C THR A 356 -18.27 21.27 16.63
N GLY A 357 -19.08 22.23 16.20
CA GLY A 357 -20.25 22.64 16.94
C GLY A 357 -21.46 21.78 16.64
N LEU A 358 -22.62 22.28 17.06
CA LEU A 358 -23.89 21.59 16.96
C LEU A 358 -24.47 21.73 15.55
N ARG A 359 -25.60 21.09 15.29
CA ARG A 359 -26.30 21.34 14.04
C ARG A 359 -27.22 22.53 14.24
N ASN A 360 -27.11 23.51 13.33
CA ASN A 360 -27.79 24.79 13.49
C ASN A 360 -29.26 24.63 13.13
N ILE A 361 -30.12 24.62 14.13
CA ILE A 361 -31.56 24.69 13.89
C ILE A 361 -32.17 25.68 14.87
N PRO A 362 -32.19 26.97 14.53
CA PRO A 362 -32.86 27.95 15.39
C PRO A 362 -34.35 27.97 15.07
N GLN A 363 -35.15 28.64 15.91
CA GLN A 363 -36.58 28.81 15.64
C GLN A 363 -37.20 27.51 15.10
N ALA A 372 -43.08 32.68 24.31
CA ALA A 372 -43.36 31.27 24.53
C ALA A 372 -42.12 30.41 24.35
N ILE A 373 -41.20 30.44 25.34
CA ILE A 373 -39.90 29.78 25.21
C ILE A 373 -40.03 28.28 25.34
N ALA A 374 -39.32 27.55 24.50
CA ALA A 374 -39.36 26.09 24.52
C ALA A 374 -37.93 25.54 24.45
N GLY A 375 -37.81 24.24 24.79
CA GLY A 375 -36.52 23.58 24.94
C GLY A 375 -36.07 22.85 23.69
N PHE A 376 -35.09 21.96 23.89
CA PHE A 376 -34.32 21.43 22.75
C PHE A 376 -35.18 20.76 21.69
N ILE A 377 -36.45 20.49 21.96
CA ILE A 377 -37.25 19.73 21.02
C ILE A 377 -37.72 20.58 19.87
N GLU A 378 -37.91 21.89 20.09
CA GLU A 378 -38.19 22.79 18.99
C GLU A 378 -36.94 23.31 18.29
N GLY A 379 -35.74 22.94 18.74
CA GLY A 379 -34.52 23.41 18.10
C GLY A 379 -33.60 24.22 18.99
N GLY A 380 -32.70 25.02 18.40
CA GLY A 380 -31.70 25.75 19.14
C GLY A 380 -32.12 27.17 19.52
N TRP A 381 -31.36 27.72 20.47
CA TRP A 381 -31.61 29.03 21.07
C TRP A 381 -30.56 30.01 20.59
N GLN A 382 -30.94 30.91 19.69
CA GLN A 382 -29.98 31.95 19.33
C GLN A 382 -29.66 32.85 20.52
N GLY A 383 -30.52 32.87 21.54
CA GLY A 383 -30.24 33.66 22.74
C GLY A 383 -29.03 33.17 23.52
N MET A 384 -28.71 31.88 23.42
CA MET A 384 -27.64 31.30 24.23
C MET A 384 -26.30 31.48 23.55
N VAL A 385 -25.32 32.04 24.28
CA VAL A 385 -24.06 32.44 23.68
C VAL A 385 -22.87 31.86 24.44
N ASP A 386 -22.98 31.77 25.76
CA ASP A 386 -21.81 31.46 26.60
C ASP A 386 -21.45 29.97 26.61
N GLY A 387 -22.24 29.13 25.95
CA GLY A 387 -21.91 27.72 25.92
C GLY A 387 -22.62 27.02 24.78
N TRP A 388 -22.50 25.69 24.80
CA TRP A 388 -23.14 24.84 23.81
C TRP A 388 -24.47 24.31 24.33
N TYR A 389 -24.49 23.80 25.55
CA TYR A 389 -25.70 23.32 26.21
C TYR A 389 -26.02 24.25 27.37
N GLY A 390 -27.28 24.24 27.79
CA GLY A 390 -27.62 25.04 28.96
C GLY A 390 -29.12 25.23 29.09
N TYR A 391 -29.47 26.09 30.04
CA TYR A 391 -30.80 26.21 30.59
C TYR A 391 -31.41 27.58 30.29
N HIS A 392 -32.70 27.70 30.62
CA HIS A 392 -33.44 28.95 30.62
C HIS A 392 -34.42 28.94 31.79
N HIS A 393 -34.46 30.03 32.55
CA HIS A 393 -35.41 30.17 33.64
C HIS A 393 -36.44 31.23 33.29
N SER A 394 -37.67 31.03 33.79
CA SER A 394 -38.79 31.92 33.51
C SER A 394 -39.59 32.09 34.80
N ASN A 395 -39.02 32.78 35.79
CA ASN A 395 -39.63 32.84 37.11
C ASN A 395 -40.26 34.21 37.35
N GLU A 396 -40.43 34.56 38.63
CA GLU A 396 -41.04 35.79 39.11
C GLU A 396 -40.15 37.02 38.91
N GLN A 397 -38.83 36.85 38.74
CA GLN A 397 -37.92 37.98 38.53
C GLN A 397 -37.71 38.32 37.06
N GLY A 398 -37.94 37.38 36.15
CA GLY A 398 -37.80 37.62 34.73
C GLY A 398 -37.23 36.40 34.04
N SER A 399 -36.91 36.57 32.77
CA SER A 399 -36.36 35.52 31.93
C SER A 399 -34.89 35.80 31.64
N GLY A 400 -34.14 34.74 31.36
CA GLY A 400 -32.74 34.86 31.02
C GLY A 400 -32.05 33.51 30.80
N TYR A 401 -31.02 33.47 29.96
CA TYR A 401 -30.31 32.22 29.65
C TYR A 401 -29.12 32.02 30.58
N ALA A 402 -28.82 30.76 30.86
CA ALA A 402 -27.63 30.37 31.60
C ALA A 402 -27.05 29.12 30.94
N ALA A 403 -25.73 29.06 30.84
CA ALA A 403 -25.06 27.93 30.18
C ALA A 403 -24.60 26.91 31.21
N ASP A 404 -24.63 25.62 30.85
CA ASP A 404 -24.08 24.60 31.73
C ASP A 404 -22.60 24.43 31.40
N LYS A 405 -21.79 25.30 32.01
CA LYS A 405 -20.36 25.31 31.74
C LYS A 405 -19.75 23.94 32.00
N GLU A 406 -20.15 23.30 33.11
CA GLU A 406 -19.54 22.02 33.49
C GLU A 406 -19.69 20.98 32.37
N SER A 407 -20.89 20.85 31.80
CA SER A 407 -21.10 19.89 30.72
C SER A 407 -20.59 20.42 29.39
N THR A 408 -20.85 21.70 29.10
CA THR A 408 -20.38 22.30 27.86
C THR A 408 -18.85 22.18 27.72
N GLN A 409 -18.09 22.25 28.83
CA GLN A 409 -16.64 22.23 28.70
C GLN A 409 -16.13 20.82 28.38
N LYS A 410 -16.64 19.81 29.09
CA LYS A 410 -16.30 18.43 28.79
C LYS A 410 -16.54 18.11 27.32
N ALA A 411 -17.41 18.86 26.66
CA ALA A 411 -17.65 18.69 25.23
C ALA A 411 -16.66 19.49 24.40
N VAL A 412 -16.35 20.73 24.79
CA VAL A 412 -15.28 21.46 24.11
C VAL A 412 -13.96 20.74 24.33
N ASP A 413 -13.69 20.30 25.56
CA ASP A 413 -12.49 19.53 25.86
C ASP A 413 -12.31 18.38 24.87
N GLY A 414 -13.24 17.43 24.89
CA GLY A 414 -13.15 16.29 24.00
C GLY A 414 -13.04 16.69 22.54
N ILE A 415 -13.99 17.49 22.03
CA ILE A 415 -14.09 17.68 20.59
C ILE A 415 -12.82 18.31 20.02
N THR A 416 -12.26 19.32 20.70
CA THR A 416 -10.97 19.84 20.29
C THR A 416 -9.84 18.82 20.52
N ASN A 417 -10.04 17.86 21.44
CA ASN A 417 -9.11 16.74 21.55
C ASN A 417 -9.16 15.85 20.31
N LYS A 418 -10.34 15.31 19.98
CA LYS A 418 -10.49 14.42 18.81
C LYS A 418 -10.02 15.08 17.52
N VAL A 419 -10.12 16.41 17.42
CA VAL A 419 -9.59 17.13 16.26
C VAL A 419 -8.10 16.84 16.10
N ASN A 420 -7.32 17.22 17.12
CA ASN A 420 -5.88 16.99 17.04
C ASN A 420 -5.60 15.52 16.78
N SER A 421 -6.39 14.62 17.37
CA SER A 421 -6.21 13.19 17.17
C SER A 421 -6.48 12.74 15.74
N ILE A 422 -7.08 13.59 14.91
CA ILE A 422 -7.23 13.27 13.50
C ILE A 422 -6.06 13.81 12.68
N ILE A 423 -5.55 15.00 13.02
CA ILE A 423 -4.27 15.42 12.47
C ILE A 423 -3.15 14.46 12.89
N SER A 424 -3.33 13.77 14.01
CA SER A 424 -2.22 13.06 14.65
C SER A 424 -2.00 11.67 14.08
N LYS A 425 -3.06 10.91 13.84
CA LYS A 425 -2.90 9.55 13.32
C LYS A 425 -2.77 9.53 11.80
N MET A 426 -2.67 10.70 11.18
CA MET A 426 -2.14 10.84 9.83
C MET A 426 -0.74 11.43 9.84
N ASN A 427 -0.14 11.58 11.03
CA ASN A 427 1.27 11.94 11.16
C ASN A 427 2.13 11.12 10.20
N SER A 428 1.93 9.80 10.21
CA SER A 428 2.49 8.90 9.21
C SER A 428 1.37 8.61 8.22
N GLN A 429 1.48 9.23 7.04
CA GLN A 429 0.61 8.92 5.91
C GLN A 429 1.51 8.35 4.82
N PHE A 430 1.40 8.88 3.61
CA PHE A 430 2.25 8.49 2.50
C PHE A 430 2.52 9.72 1.65
N GLU A 431 3.80 10.01 1.45
CA GLU A 431 4.25 11.10 0.61
C GLU A 431 5.14 10.51 -0.48
N ALA A 432 4.92 10.96 -1.71
CA ALA A 432 5.59 10.41 -2.89
C ALA A 432 6.94 11.09 -3.12
N VAL A 433 7.90 10.33 -3.62
CA VAL A 433 9.22 10.87 -3.93
C VAL A 433 9.49 10.70 -5.41
N GLY A 434 10.01 11.75 -6.05
CA GLY A 434 10.38 11.68 -7.45
C GLY A 434 11.44 10.62 -7.74
N LYS A 435 11.14 9.78 -8.73
CA LYS A 435 12.10 8.85 -9.29
C LYS A 435 11.94 8.90 -10.81
N GLU A 436 13.05 8.73 -11.52
CA GLU A 436 13.05 8.74 -12.99
C GLU A 436 13.56 7.40 -13.52
N PHE A 437 13.17 7.06 -14.75
CA PHE A 437 13.44 5.75 -15.39
C PHE A 437 13.64 5.95 -16.88
N ASN A 438 14.34 5.01 -17.50
CA ASN A 438 14.50 5.07 -18.96
C ASN A 438 13.51 4.15 -19.67
N ASN A 439 13.35 4.36 -20.98
CA ASN A 439 12.61 3.35 -21.74
C ASN A 439 13.50 2.13 -21.79
N LEU A 440 12.93 0.99 -21.42
CA LEU A 440 13.59 -0.25 -21.01
C LEU A 440 13.53 -0.41 -19.50
N GLU A 441 13.11 0.64 -18.78
CA GLU A 441 12.66 0.52 -17.41
C GLU A 441 11.19 0.91 -17.30
N ARG A 442 10.45 0.76 -18.40
CA ARG A 442 9.06 1.16 -18.41
C ARG A 442 8.20 0.29 -17.49
N ARG A 443 8.66 -0.93 -17.18
CA ARG A 443 7.88 -1.82 -16.30
C ARG A 443 7.94 -1.36 -14.86
N ILE A 444 9.15 -1.14 -14.33
CA ILE A 444 9.28 -0.63 -12.97
C ILE A 444 8.72 0.79 -12.88
N GLU A 445 8.87 1.60 -13.95
CA GLU A 445 8.27 2.94 -13.93
C GLU A 445 6.77 2.86 -13.65
N ASN A 446 6.11 1.91 -14.29
CA ASN A 446 4.69 1.72 -14.07
C ASN A 446 4.44 1.11 -12.70
N LEU A 447 5.32 0.21 -12.29
CA LEU A 447 5.20 -0.39 -10.98
C LEU A 447 5.25 0.70 -9.93
N ASN A 448 6.20 1.63 -10.07
CA ASN A 448 6.38 2.72 -9.12
C ASN A 448 5.20 3.66 -9.16
N LYS A 449 4.66 3.91 -10.34
CA LYS A 449 3.51 4.80 -10.36
C LYS A 449 2.21 4.07 -10.02
N LYS A 450 2.09 2.76 -10.25
CA LYS A 450 0.88 2.10 -9.76
C LYS A 450 0.84 2.15 -8.25
N MET A 451 2.02 2.20 -7.61
CA MET A 451 2.00 2.09 -6.17
C MET A 451 2.00 3.45 -5.50
N GLU A 452 2.60 4.46 -6.12
CA GLU A 452 2.38 5.82 -5.64
C GLU A 452 0.89 6.16 -5.69
N ASP A 453 0.25 5.93 -6.83
CA ASP A 453 -1.20 6.14 -6.96
C ASP A 453 -1.98 5.29 -5.97
N GLY A 454 -1.58 4.02 -5.80
CA GLY A 454 -2.29 3.14 -4.88
C GLY A 454 -2.36 3.69 -3.47
N PHE A 455 -1.19 4.07 -2.90
CA PHE A 455 -1.20 4.65 -1.57
C PHE A 455 -1.95 5.96 -1.52
N ILE A 456 -1.86 6.78 -2.56
CA ILE A 456 -2.64 8.01 -2.53
C ILE A 456 -4.11 7.68 -2.39
N ASP A 457 -4.55 6.65 -3.11
CA ASP A 457 -5.98 6.37 -3.14
C ASP A 457 -6.44 5.82 -1.79
N VAL A 458 -5.65 4.91 -1.22
CA VAL A 458 -5.95 4.37 0.09
C VAL A 458 -6.08 5.49 1.12
N TRP A 459 -5.17 6.49 1.07
CA TRP A 459 -5.17 7.51 2.11
C TRP A 459 -6.20 8.59 1.86
N THR A 460 -6.55 8.83 0.59
CA THR A 460 -7.74 9.65 0.31
C THR A 460 -8.98 9.00 0.88
N TYR A 461 -9.10 7.67 0.68
CA TYR A 461 -10.22 6.93 1.24
C TYR A 461 -10.29 7.11 2.74
N ASN A 462 -9.18 6.90 3.42
CA ASN A 462 -9.19 6.92 4.88
C ASN A 462 -9.50 8.31 5.39
N ALA A 463 -8.88 9.33 4.79
CA ALA A 463 -9.12 10.69 5.26
C ALA A 463 -10.56 11.09 5.01
N GLU A 464 -11.09 10.82 3.81
CA GLU A 464 -12.48 11.16 3.55
C GLU A 464 -13.36 10.43 4.53
N LEU A 465 -13.08 9.14 4.71
CA LEU A 465 -13.95 8.28 5.49
C LEU A 465 -13.84 8.57 6.97
N LEU A 466 -12.70 9.06 7.45
CA LEU A 466 -12.58 9.33 8.87
C LEU A 466 -13.33 10.58 9.25
N VAL A 467 -13.27 11.60 8.39
CA VAL A 467 -13.96 12.85 8.65
C VAL A 467 -15.47 12.64 8.64
N LEU A 468 -15.98 12.02 7.57
CA LEU A 468 -17.40 11.67 7.47
C LEU A 468 -17.90 10.95 8.72
N MET A 469 -17.15 9.94 9.17
CA MET A 469 -17.65 9.09 10.23
C MET A 469 -17.60 9.80 11.58
N GLU A 470 -16.63 10.68 11.79
CA GLU A 470 -16.58 11.38 13.05
C GLU A 470 -17.43 12.65 13.05
N ASN A 471 -17.70 13.22 11.88
CA ASN A 471 -18.79 14.18 11.76
C ASN A 471 -20.09 13.58 12.29
N GLU A 472 -20.42 12.37 11.86
CA GLU A 472 -21.55 11.66 12.42
C GLU A 472 -21.47 11.59 13.94
N ARG A 473 -20.32 11.12 14.46
CA ARG A 473 -20.25 10.89 15.90
C ARG A 473 -20.19 12.20 16.68
N THR A 474 -19.63 13.26 16.07
CA THR A 474 -19.66 14.58 16.70
C THR A 474 -21.09 15.04 16.94
N LEU A 475 -21.92 15.03 15.90
CA LEU A 475 -23.30 15.46 16.07
C LEU A 475 -24.03 14.53 17.05
N ASP A 476 -23.93 13.22 16.84
CA ASP A 476 -24.62 12.29 17.75
C ASP A 476 -24.13 12.47 19.18
N LEU A 477 -22.90 12.94 19.36
CA LEU A 477 -22.45 13.34 20.68
C LEU A 477 -23.29 14.49 21.22
N HIS A 478 -23.42 15.57 20.43
CA HIS A 478 -24.19 16.74 20.85
C HIS A 478 -25.63 16.34 21.19
N ASP A 479 -26.25 15.51 20.34
CA ASP A 479 -27.54 14.92 20.65
C ASP A 479 -27.55 14.33 22.06
N SER A 480 -26.56 13.49 22.35
CA SER A 480 -26.55 12.76 23.61
C SER A 480 -26.38 13.69 24.79
N ASN A 481 -25.51 14.69 24.67
CA ASN A 481 -25.31 15.63 25.78
C ASN A 481 -26.60 16.39 26.09
N VAL A 482 -27.27 16.90 25.06
CA VAL A 482 -28.50 17.66 25.30
C VAL A 482 -29.50 16.78 25.97
N LYS A 483 -29.65 15.54 25.50
CA LYS A 483 -30.50 14.59 26.19
C LYS A 483 -30.05 14.42 27.63
N ASN A 484 -28.79 14.02 27.84
CA ASN A 484 -28.32 13.75 29.18
C ASN A 484 -28.43 14.97 30.10
N LEU A 485 -28.39 16.17 29.52
CA LEU A 485 -28.60 17.39 30.31
C LEU A 485 -30.03 17.45 30.83
N TYR A 486 -31.00 17.29 29.92
CA TYR A 486 -32.41 17.23 30.31
C TYR A 486 -32.63 16.30 31.50
N ASP A 487 -31.95 15.14 31.52
CA ASP A 487 -32.22 14.12 32.54
C ASP A 487 -31.56 14.44 33.87
N LYS A 488 -30.43 15.14 33.86
CA LYS A 488 -29.92 15.75 35.07
C LYS A 488 -31.03 16.55 35.76
N VAL A 489 -31.73 17.39 35.02
CA VAL A 489 -32.80 18.17 35.64
C VAL A 489 -34.01 17.31 35.93
N ARG A 490 -34.30 16.33 35.07
CA ARG A 490 -35.52 15.55 35.24
C ARG A 490 -35.42 14.62 36.42
N ARG A 491 -34.21 14.15 36.74
CA ARG A 491 -34.02 13.27 37.88
C ARG A 491 -33.80 14.04 39.19
N GLN A 492 -33.43 15.32 39.11
CA GLN A 492 -33.42 16.13 40.32
C GLN A 492 -34.84 16.52 40.73
N LEU A 493 -35.57 17.16 39.81
CA LEU A 493 -36.86 17.74 40.17
C LEU A 493 -37.89 16.68 40.53
N ARG A 494 -37.81 15.51 39.91
CA ARG A 494 -38.62 14.34 40.31
C ARG A 494 -40.09 14.73 40.29
N ASP A 495 -40.86 14.44 41.33
CA ASP A 495 -42.29 14.64 41.40
C ASP A 495 -42.68 16.10 41.61
N ASN A 496 -41.70 17.00 41.72
CA ASN A 496 -41.97 18.40 42.07
C ASN A 496 -42.17 19.28 40.84
N ALA A 497 -42.06 18.71 39.65
CA ALA A 497 -42.32 19.43 38.40
C ALA A 497 -42.92 18.46 37.42
N LYS A 498 -43.72 18.98 36.51
CA LYS A 498 -44.25 18.19 35.43
C LYS A 498 -43.49 18.50 34.15
N GLU A 499 -43.32 17.47 33.32
CA GLU A 499 -42.65 17.59 32.04
C GLU A 499 -43.66 18.02 30.98
N LEU A 500 -43.39 19.13 30.31
CA LEU A 500 -44.32 19.71 29.33
C LEU A 500 -44.17 19.11 27.93
N GLY A 501 -43.19 18.23 27.73
CA GLY A 501 -43.05 17.52 26.48
C GLY A 501 -42.36 18.29 25.38
N ASN A 502 -41.67 19.37 25.70
CA ASN A 502 -40.88 20.09 24.71
C ASN A 502 -39.51 20.44 25.26
N GLY A 503 -39.12 19.78 26.35
CA GLY A 503 -37.86 20.05 26.99
C GLY A 503 -37.91 21.03 28.15
N CYS A 504 -39.10 21.34 28.67
CA CYS A 504 -39.25 22.25 29.79
C CYS A 504 -39.99 21.59 30.95
N PHE A 505 -39.87 22.20 32.11
CA PHE A 505 -40.48 21.77 33.35
C PHE A 505 -41.26 22.93 33.95
N GLU A 506 -42.38 22.61 34.57
CA GLU A 506 -43.12 23.58 35.36
C GLU A 506 -43.05 23.14 36.81
N PHE A 507 -42.42 23.97 37.65
CA PHE A 507 -42.31 23.66 39.05
C PHE A 507 -43.68 23.74 39.73
N TYR A 508 -43.90 22.85 40.69
CA TYR A 508 -45.10 22.92 41.50
C TYR A 508 -44.92 23.88 42.67
N HIS A 509 -43.67 24.21 42.99
CA HIS A 509 -43.34 25.21 43.99
C HIS A 509 -42.81 26.46 43.31
N ARG A 510 -42.71 27.54 44.09
CA ARG A 510 -42.00 28.71 43.59
C ARG A 510 -40.52 28.41 43.57
N CYS A 511 -39.79 29.10 42.69
CA CYS A 511 -38.40 28.70 42.41
C CYS A 511 -37.36 29.79 42.61
N ASP A 512 -37.64 31.03 42.17
CA ASP A 512 -36.73 32.17 42.07
C ASP A 512 -35.30 31.83 41.65
N ASN A 513 -34.39 32.80 41.83
CA ASN A 513 -33.13 32.79 41.12
C ASN A 513 -32.18 31.72 41.65
N LYS A 514 -32.11 31.55 42.97
CA LYS A 514 -31.05 30.72 43.52
C LYS A 514 -31.38 29.23 43.56
N CYS A 515 -32.67 28.86 43.58
CA CYS A 515 -33.02 27.46 43.38
C CYS A 515 -32.82 27.04 41.93
N MET A 516 -33.07 27.95 40.97
CA MET A 516 -32.62 27.74 39.60
C MET A 516 -31.13 27.46 39.56
N GLU A 517 -30.35 28.37 40.14
CA GLU A 517 -28.91 28.15 40.30
C GLU A 517 -28.62 26.83 41.00
N SER A 518 -29.54 26.39 41.86
CA SER A 518 -29.34 25.13 42.58
C SER A 518 -29.43 23.93 41.63
N VAL A 519 -30.46 23.88 40.78
CA VAL A 519 -30.62 22.74 39.88
C VAL A 519 -29.57 22.79 38.77
N ARG A 520 -29.22 23.99 38.32
CA ARG A 520 -28.09 24.13 37.40
C ARG A 520 -26.85 23.49 37.99
N ASN A 521 -26.51 23.85 39.24
CA ASN A 521 -25.40 23.31 40.04
C ASN A 521 -25.54 21.79 40.39
N GLY A 522 -26.55 21.06 39.91
CA GLY A 522 -26.66 19.64 40.21
C GLY A 522 -27.00 19.32 41.65
N THR A 523 -27.62 20.27 42.37
CA THR A 523 -27.93 20.09 43.78
C THR A 523 -29.27 20.76 44.08
N TYR A 524 -30.36 20.20 43.53
CA TYR A 524 -31.69 20.66 43.92
C TYR A 524 -32.13 19.92 45.19
N ASP A 525 -32.49 20.70 46.21
CA ASP A 525 -32.93 20.17 47.50
C ASP A 525 -34.39 19.75 47.42
N TYR A 526 -34.61 18.55 46.87
CA TYR A 526 -35.98 18.04 46.76
C TYR A 526 -36.62 17.75 48.12
N PRO A 527 -35.89 17.26 49.17
CA PRO A 527 -36.50 17.17 50.51
C PRO A 527 -37.20 18.44 50.97
N GLN A 528 -36.83 19.59 50.41
CA GLN A 528 -37.20 20.90 50.96
C GLN A 528 -38.31 21.61 50.18
N TYR A 529 -38.78 21.06 49.05
CA TYR A 529 -39.96 21.63 48.42
C TYR A 529 -41.05 20.62 48.10
N SER A 530 -40.86 19.33 48.39
CA SER A 530 -41.92 18.35 48.16
C SER A 530 -43.19 18.75 48.92
N GLU A 531 -43.03 19.11 50.20
CA GLU A 531 -44.09 19.72 51.01
C GLU A 531 -44.94 20.66 50.17
N GLU A 532 -44.33 21.72 49.62
CA GLU A 532 -45.08 22.76 48.94
C GLU A 532 -45.68 22.20 47.67
N SER A 533 -44.94 21.32 46.98
CA SER A 533 -45.44 20.70 45.76
C SER A 533 -46.56 19.72 46.05
N ARG A 534 -46.38 18.86 47.07
CA ARG A 534 -47.43 17.91 47.42
C ARG A 534 -48.77 18.61 47.58
N LEU A 535 -48.75 19.83 48.13
CA LEU A 535 -49.99 20.59 48.31
C LEU A 535 -50.63 20.90 46.97
N LYS A 536 -49.85 21.45 46.02
CA LYS A 536 -50.45 22.02 44.82
C LYS A 536 -50.78 20.96 43.77
N ARG A 537 -50.12 19.81 43.78
CA ARG A 537 -50.63 18.74 42.92
C ARG A 537 -52.04 18.34 43.32
N GLU A 538 -52.29 18.21 44.63
CA GLU A 538 -53.65 17.98 45.10
C GLU A 538 -54.59 19.13 44.72
N GLU A 539 -54.08 20.36 44.77
CA GLU A 539 -54.85 21.52 44.31
C GLU A 539 -55.17 21.43 42.82
N ILE A 540 -54.18 21.04 42.00
CA ILE A 540 -54.36 20.98 40.55
C ILE A 540 -55.21 19.78 40.17
N ASP A 541 -55.15 18.70 40.94
CA ASP A 541 -55.90 17.50 40.59
C ASP A 541 -57.40 17.66 40.77
N SER A 542 -57.87 18.68 41.52
CA SER A 542 -59.31 18.91 41.65
C SER A 542 -59.71 20.33 41.29
N GLY A 543 -59.33 21.34 42.06
CA GLY A 543 -59.67 22.71 41.74
C GLY A 543 -59.02 23.21 40.46
N ALA B 40 -36.65 3.99 55.31
CA ALA B 40 -37.04 3.66 53.94
C ALA B 40 -37.76 2.31 53.91
N GLY B 41 -38.75 2.17 53.01
CA GLY B 41 -39.52 0.94 52.92
C GLY B 41 -39.40 0.18 51.61
N ASP B 42 -38.40 -0.69 51.50
CA ASP B 42 -38.26 -1.69 50.44
C ASP B 42 -37.83 -1.10 49.10
N ARG B 43 -36.63 -1.46 48.64
CA ARG B 43 -36.06 -0.89 47.44
C ARG B 43 -35.48 -1.98 46.54
N ILE B 44 -35.35 -1.65 45.26
CA ILE B 44 -34.58 -2.41 44.29
C ILE B 44 -33.67 -1.43 43.59
N CYS B 45 -32.44 -1.84 43.34
CA CYS B 45 -31.48 -0.99 42.65
C CYS B 45 -30.99 -1.67 41.40
N ILE B 46 -30.40 -0.86 40.52
CA ILE B 46 -29.79 -1.37 39.29
C ILE B 46 -28.48 -0.63 39.09
N GLY B 47 -27.39 -1.39 39.00
CA GLY B 47 -26.05 -0.85 39.04
C GLY B 47 -25.12 -1.83 38.36
N TYR B 48 -23.85 -1.48 38.31
CA TYR B 48 -22.98 -2.23 37.44
C TYR B 48 -21.67 -2.54 38.15
N HIS B 49 -20.96 -3.52 37.59
CA HIS B 49 -19.73 -4.01 38.19
C HIS B 49 -18.64 -2.94 38.22
N ALA B 50 -17.88 -2.91 39.31
CA ALA B 50 -16.63 -2.18 39.36
C ALA B 50 -15.65 -2.98 40.20
N ASN B 51 -14.38 -2.60 40.11
CA ASN B 51 -13.30 -3.14 40.92
C ASN B 51 -12.16 -2.13 40.89
N ASN B 52 -11.10 -2.40 41.61
CA ASN B 52 -9.90 -1.59 41.44
C ASN B 52 -9.03 -2.37 40.48
N SER B 53 -9.00 -1.92 39.24
CA SER B 53 -8.09 -2.40 38.23
C SER B 53 -7.68 -1.15 37.50
N THR B 54 -6.41 -0.77 37.60
CA THR B 54 -5.97 0.45 36.94
C THR B 54 -5.51 0.21 35.53
N THR B 55 -5.99 -0.85 34.89
CA THR B 55 -5.81 -0.99 33.45
C THR B 55 -6.47 0.17 32.71
N GLN B 56 -5.79 0.70 31.71
CA GLN B 56 -6.23 1.88 30.99
C GLN B 56 -6.31 1.61 29.50
N VAL B 57 -7.35 2.15 28.86
CA VAL B 57 -7.53 2.03 27.42
C VAL B 57 -7.71 3.44 26.87
N ASP B 58 -7.42 3.59 25.57
CA ASP B 58 -7.74 4.81 24.86
C ASP B 58 -8.93 4.54 23.95
N THR B 59 -9.63 5.60 23.61
CA THR B 59 -10.71 5.58 22.66
C THR B 59 -10.52 6.74 21.70
N ILE B 60 -11.39 6.82 20.69
CA ILE B 60 -11.19 7.84 19.65
C ILE B 60 -11.38 9.23 20.21
N MET B 61 -12.38 9.39 21.08
CA MET B 61 -12.82 10.66 21.62
C MET B 61 -12.01 11.07 22.86
N GLU B 62 -11.85 10.16 23.81
CA GLU B 62 -11.12 10.46 25.03
C GLU B 62 -9.95 9.50 25.17
N LYS B 63 -8.93 9.92 25.89
CA LYS B 63 -7.75 9.10 26.12
C LYS B 63 -7.66 8.74 27.60
N ASN B 64 -7.04 7.61 27.87
CA ASN B 64 -6.66 7.22 29.21
C ASN B 64 -7.83 7.03 30.16
N VAL B 65 -8.73 6.09 29.86
CA VAL B 65 -9.92 5.87 30.66
C VAL B 65 -9.80 4.52 31.37
N THR B 66 -10.01 4.53 32.68
CA THR B 66 -9.73 3.37 33.52
C THR B 66 -10.87 2.37 33.40
N VAL B 67 -10.61 1.23 32.75
CA VAL B 67 -11.64 0.21 32.61
C VAL B 67 -11.49 -0.81 33.72
N THR B 68 -12.40 -1.78 33.73
CA THR B 68 -12.34 -2.90 34.66
C THR B 68 -11.57 -4.06 34.05
N HIS B 69 -11.83 -4.34 32.77
CA HIS B 69 -11.27 -5.48 32.06
C HIS B 69 -10.71 -5.05 30.71
N ALA B 70 -9.51 -5.52 30.40
CA ALA B 70 -8.85 -5.09 29.19
C ALA B 70 -7.85 -6.13 28.74
N GLN B 71 -7.89 -6.47 27.46
CA GLN B 71 -6.99 -7.43 26.83
C GLN B 71 -5.95 -6.67 26.01
N ASP B 72 -4.75 -6.50 26.56
CA ASP B 72 -3.63 -6.05 25.74
C ASP B 72 -3.38 -7.05 24.64
N ILE B 73 -3.09 -6.54 23.45
CA ILE B 73 -2.93 -7.42 22.29
C ILE B 73 -1.66 -7.07 21.50
N LEU B 74 -0.66 -6.46 22.14
CA LEU B 74 0.54 -6.06 21.41
C LEU B 74 1.80 -6.54 22.12
N GLU B 75 2.48 -7.51 21.51
CA GLU B 75 3.71 -8.06 22.08
C GLU B 75 4.84 -7.06 21.91
N LYS B 76 5.52 -6.73 23.01
CA LYS B 76 6.56 -5.71 22.99
C LYS B 76 7.93 -6.26 23.37
N GLU B 77 8.05 -7.53 23.74
CA GLU B 77 9.26 -8.09 24.32
C GLU B 77 9.91 -9.09 23.38
N HIS B 78 11.22 -9.28 23.56
CA HIS B 78 11.96 -10.30 22.86
C HIS B 78 13.09 -10.82 23.74
N ASN B 79 13.61 -11.99 23.39
CA ASN B 79 14.54 -12.70 24.27
C ASN B 79 16.02 -12.54 23.88
N GLY B 80 16.35 -11.70 22.91
CA GLY B 80 17.73 -11.44 22.57
C GLY B 80 18.55 -12.60 22.03
N ARG B 81 17.91 -13.72 21.70
CA ARG B 81 18.62 -14.88 21.19
C ARG B 81 18.16 -15.20 19.78
N LEU B 82 18.99 -15.95 19.06
CA LEU B 82 18.63 -16.55 17.77
C LEU B 82 18.42 -18.04 17.95
N CYS B 83 17.30 -18.55 17.43
CA CYS B 83 16.81 -19.87 17.84
C CYS B 83 16.41 -20.71 16.64
N SER B 84 16.10 -21.97 16.91
CA SER B 84 15.47 -22.77 15.89
C SER B 84 14.02 -22.36 15.68
N LEU B 85 13.47 -22.76 14.57
CA LEU B 85 12.14 -22.39 14.16
C LEU B 85 11.29 -23.65 14.20
N LYS B 86 10.68 -23.90 15.34
CA LYS B 86 9.87 -25.11 15.49
C LYS B 86 10.70 -26.37 15.24
N GLY B 87 11.94 -26.36 15.73
CA GLY B 87 12.79 -27.52 15.69
C GLY B 87 13.82 -27.53 14.57
N VAL B 88 13.74 -26.62 13.60
CA VAL B 88 14.66 -26.61 12.47
C VAL B 88 15.66 -25.49 12.68
N LYS B 89 16.92 -25.86 12.64
CA LYS B 89 18.01 -24.96 12.99
C LYS B 89 18.33 -24.01 11.84
N PRO B 90 18.71 -22.78 12.16
CA PRO B 90 19.19 -21.87 11.13
C PRO B 90 20.61 -22.20 10.72
N LEU B 91 20.91 -21.96 9.46
CA LEU B 91 22.26 -22.10 8.97
C LEU B 91 23.05 -20.87 9.40
N ILE B 92 23.98 -21.05 10.35
CA ILE B 92 24.76 -19.92 10.85
C ILE B 92 26.07 -19.82 10.05
N LEU B 93 26.21 -18.74 9.27
CA LEU B 93 27.42 -18.58 8.46
C LEU B 93 28.57 -17.98 9.26
N LYS B 94 28.38 -17.72 10.55
CA LYS B 94 29.19 -16.85 11.42
C LYS B 94 29.77 -15.66 10.67
N ASN B 95 31.09 -15.63 10.49
CA ASN B 95 31.73 -14.48 9.83
C ASN B 95 31.86 -14.65 8.33
N CYS B 96 30.97 -15.38 7.67
CA CYS B 96 31.12 -15.66 6.26
C CYS B 96 29.98 -15.05 5.47
N SER B 97 30.30 -14.51 4.32
CA SER B 97 29.25 -14.14 3.40
C SER B 97 28.72 -15.40 2.70
N VAL B 98 27.50 -15.27 2.18
CA VAL B 98 26.95 -16.30 1.30
C VAL B 98 27.96 -16.68 0.22
N ALA B 99 28.54 -15.68 -0.46
CA ALA B 99 29.48 -16.02 -1.53
C ALA B 99 30.64 -16.83 -1.00
N GLY B 100 31.14 -16.49 0.19
CA GLY B 100 32.22 -17.24 0.79
C GLY B 100 31.88 -18.69 0.98
N TRP B 101 30.79 -18.95 1.70
CA TRP B 101 30.34 -20.32 1.94
C TRP B 101 30.21 -21.11 0.63
N LEU B 102 29.57 -20.54 -0.39
CA LEU B 102 29.30 -21.33 -1.58
C LEU B 102 30.57 -21.63 -2.36
N LEU B 103 31.48 -20.66 -2.43
CA LEU B 103 32.68 -20.89 -3.21
C LEU B 103 33.72 -21.65 -2.42
N GLY B 104 33.58 -21.67 -1.10
CA GLY B 104 34.43 -22.51 -0.27
C GLY B 104 35.74 -21.84 0.07
N ASN B 105 35.63 -20.56 0.41
CA ASN B 105 36.76 -19.81 0.95
C ASN B 105 37.31 -20.53 2.18
N PRO B 106 38.61 -20.78 2.25
CA PRO B 106 39.15 -21.66 3.29
C PRO B 106 38.84 -21.23 4.72
N MET B 107 38.59 -19.95 4.95
CA MET B 107 38.20 -19.51 6.28
C MET B 107 36.79 -19.97 6.63
N CYS B 108 35.94 -20.19 5.61
CA CYS B 108 34.59 -20.70 5.78
C CYS B 108 34.55 -22.22 5.74
N ASP B 109 33.57 -22.77 6.45
CA ASP B 109 33.49 -24.22 6.55
C ASP B 109 32.41 -24.79 5.66
N GLU B 110 32.51 -26.09 5.39
CA GLU B 110 31.55 -26.81 4.58
C GLU B 110 30.48 -27.41 5.48
N PHE B 111 29.23 -27.38 5.01
CA PHE B 111 28.15 -28.06 5.70
C PHE B 111 28.07 -29.50 5.17
N LEU B 112 28.94 -30.34 5.74
CA LEU B 112 29.19 -31.69 5.24
C LEU B 112 28.09 -32.68 5.59
N ASN B 113 27.25 -32.39 6.58
CA ASN B 113 26.10 -33.26 6.74
C ASN B 113 24.98 -32.90 5.77
N ALA B 114 25.12 -31.82 5.02
CA ALA B 114 24.06 -31.31 4.16
C ALA B 114 22.77 -31.12 4.96
N PRO B 115 22.69 -30.15 5.86
CA PRO B 115 21.51 -30.04 6.71
C PRO B 115 20.41 -29.28 6.00
N GLU B 116 19.19 -29.48 6.47
CA GLU B 116 18.12 -28.55 6.12
C GLU B 116 18.13 -27.41 7.12
N TRP B 117 17.76 -26.23 6.66
CA TRP B 117 17.76 -25.10 7.56
C TRP B 117 16.37 -24.51 7.60
N SER B 118 16.14 -23.63 8.57
CA SER B 118 14.89 -22.86 8.56
C SER B 118 15.11 -21.46 8.04
N TYR B 119 16.29 -20.90 8.29
CA TYR B 119 16.70 -19.61 7.75
C TYR B 119 18.22 -19.56 7.77
N ILE B 120 18.76 -18.47 7.22
CA ILE B 120 20.19 -18.27 7.05
C ILE B 120 20.58 -16.98 7.78
N VAL B 121 21.61 -17.06 8.63
CA VAL B 121 22.09 -15.90 9.36
C VAL B 121 23.46 -15.51 8.83
N GLU B 122 23.58 -14.25 8.43
CA GLU B 122 24.80 -13.65 7.95
C GLU B 122 25.04 -12.39 8.79
N LYS B 123 26.28 -12.19 9.24
CA LYS B 123 26.64 -10.88 9.78
C LYS B 123 26.38 -9.79 8.73
N ASP B 124 26.21 -8.55 9.19
CA ASP B 124 25.94 -7.49 8.23
C ASP B 124 27.16 -7.19 7.39
N ARG B 125 28.34 -7.17 8.00
CA ARG B 125 29.62 -7.04 7.30
C ARG B 125 30.45 -8.30 7.54
N PRO B 126 30.26 -9.36 6.75
CA PRO B 126 30.99 -10.61 6.98
C PRO B 126 32.45 -10.49 6.59
N SER B 127 33.33 -10.93 7.50
CA SER B 127 34.75 -10.85 7.27
C SER B 127 35.20 -11.70 6.07
N ASN B 128 34.67 -12.93 5.93
CA ASN B 128 35.21 -13.96 5.04
C ASN B 128 34.34 -14.11 3.77
N GLY B 129 34.67 -13.33 2.75
CA GLY B 129 33.93 -13.37 1.50
C GLY B 129 34.81 -13.82 0.35
N LEU B 130 34.90 -13.02 -0.69
CA LEU B 130 35.76 -13.31 -1.83
C LEU B 130 37.20 -12.96 -1.48
N CYS B 131 37.90 -13.91 -0.84
CA CYS B 131 39.24 -13.63 -0.35
C CYS B 131 40.16 -13.14 -1.46
N TYR B 132 40.10 -13.78 -2.62
CA TYR B 132 40.72 -13.20 -3.82
C TYR B 132 39.73 -12.19 -4.41
N PRO B 133 40.16 -10.96 -4.60
CA PRO B 133 39.20 -9.92 -4.97
C PRO B 133 38.53 -10.20 -6.30
N GLY B 134 37.25 -9.87 -6.37
CA GLY B 134 36.54 -9.87 -7.62
C GLY B 134 35.08 -9.54 -7.35
N THR B 135 34.22 -9.98 -8.26
CA THR B 135 32.79 -9.76 -8.08
C THR B 135 32.02 -11.04 -8.40
N PHE B 136 30.74 -11.02 -8.05
CA PHE B 136 29.84 -12.17 -8.18
C PHE B 136 28.59 -11.68 -8.92
N ASN B 137 28.48 -11.97 -10.21
CA ASN B 137 27.37 -11.41 -11.01
C ASN B 137 26.01 -11.86 -10.48
N TYR B 138 25.03 -10.96 -10.51
CA TYR B 138 23.70 -11.22 -10.00
C TYR B 138 23.77 -11.95 -8.66
N TYR B 139 24.74 -11.56 -7.83
CA TYR B 139 24.81 -12.02 -6.45
C TYR B 139 23.46 -11.92 -5.77
N GLU B 140 22.79 -10.78 -5.94
CA GLU B 140 21.61 -10.55 -5.13
C GLU B 140 20.43 -11.38 -5.63
N GLU B 141 20.33 -11.57 -6.95
CA GLU B 141 19.32 -12.50 -7.43
C GLU B 141 19.54 -13.89 -6.83
N LEU B 142 20.77 -14.39 -6.87
CA LEU B 142 21.06 -15.69 -6.25
C LEU B 142 20.66 -15.73 -4.78
N LYS B 143 21.10 -14.73 -4.01
CA LYS B 143 20.72 -14.63 -2.61
C LYS B 143 19.21 -14.70 -2.44
N HIS B 144 18.47 -14.15 -3.40
CA HIS B 144 17.02 -14.21 -3.31
C HIS B 144 16.53 -15.62 -3.54
N LEU B 145 17.13 -16.32 -4.51
CA LEU B 145 16.79 -17.73 -4.71
C LEU B 145 16.93 -18.53 -3.42
N MET B 146 18.01 -18.31 -2.67
CA MET B 146 18.26 -19.01 -1.41
C MET B 146 17.06 -18.95 -0.48
N SER B 147 16.35 -17.81 -0.48
CA SER B 147 15.21 -17.58 0.40
C SER B 147 14.01 -18.47 0.10
N SER B 148 13.97 -19.13 -1.06
CA SER B 148 12.95 -20.13 -1.34
C SER B 148 13.54 -21.54 -1.34
N THR B 149 14.71 -21.72 -0.73
CA THR B 149 15.35 -23.03 -0.67
C THR B 149 15.69 -23.37 0.77
N ASN B 150 15.59 -24.64 1.12
CA ASN B 150 15.83 -25.03 2.50
C ASN B 150 16.90 -26.08 2.67
N GLN B 151 17.42 -26.68 1.59
CA GLN B 151 18.40 -27.75 1.74
C GLN B 151 19.26 -27.96 0.50
N PHE B 152 20.58 -27.82 0.64
CA PHE B 152 21.54 -28.12 -0.42
C PHE B 152 22.22 -29.42 -0.11
N GLU B 153 22.48 -30.21 -1.15
CA GLU B 153 23.42 -31.35 -1.08
C GLU B 153 24.50 -31.14 -2.15
N LYS B 154 25.75 -31.00 -1.70
CA LYS B 154 26.81 -30.70 -2.64
C LYS B 154 27.32 -31.98 -3.29
N ILE B 155 27.57 -31.94 -4.60
CA ILE B 155 28.04 -33.10 -5.34
C ILE B 155 29.21 -32.72 -6.24
N GLN B 156 29.90 -33.73 -6.74
CA GLN B 156 31.04 -33.54 -7.62
C GLN B 156 30.56 -33.64 -9.06
N ILE B 157 31.03 -32.74 -9.92
CA ILE B 157 30.80 -32.84 -11.35
C ILE B 157 32.11 -32.89 -12.13
N PHE B 158 33.12 -32.17 -11.68
CA PHE B 158 34.43 -32.16 -12.32
C PHE B 158 35.47 -32.36 -11.23
N PRO B 159 35.90 -33.59 -11.03
CA PRO B 159 36.94 -33.88 -10.02
C PRO B 159 38.24 -33.15 -10.34
N ARG B 160 38.92 -32.67 -9.30
CA ARG B 160 40.22 -32.05 -9.56
C ARG B 160 41.20 -33.03 -10.17
N SER B 161 41.02 -34.31 -9.92
CA SER B 161 41.93 -35.28 -10.50
C SER B 161 41.62 -35.57 -11.95
N SER B 162 40.80 -34.78 -12.64
CA SER B 162 40.44 -35.09 -14.00
C SER B 162 40.97 -34.10 -15.01
N TRP B 163 41.69 -33.07 -14.58
CA TRP B 163 42.30 -32.11 -15.50
C TRP B 163 43.75 -32.49 -15.78
N SER B 164 43.91 -33.65 -16.42
CA SER B 164 45.24 -34.16 -16.75
C SER B 164 45.96 -33.19 -17.69
N ASN B 165 45.23 -32.57 -18.62
CA ASN B 165 45.79 -31.67 -19.61
C ASN B 165 46.23 -30.32 -19.05
N HIS B 166 46.04 -30.03 -17.75
CA HIS B 166 46.44 -28.75 -17.20
C HIS B 166 46.92 -28.89 -15.78
N ASP B 167 47.34 -27.76 -15.21
CA ASP B 167 47.83 -27.70 -13.85
C ASP B 167 46.68 -27.34 -12.93
N ALA B 168 46.34 -28.26 -12.03
CA ALA B 168 45.26 -28.07 -11.07
C ALA B 168 45.76 -27.86 -9.66
N SER B 169 47.07 -27.79 -9.45
CA SER B 169 47.65 -27.64 -8.12
C SER B 169 48.28 -26.27 -7.87
N SER B 170 48.89 -25.64 -8.87
CA SER B 170 49.61 -24.40 -8.60
C SER B 170 48.71 -23.19 -8.49
N GLY B 171 47.49 -23.23 -9.03
CA GLY B 171 46.57 -22.11 -8.91
C GLY B 171 46.14 -21.73 -7.50
N VAL B 172 47.09 -21.46 -6.61
CA VAL B 172 46.82 -21.02 -5.23
C VAL B 172 47.36 -19.61 -5.06
N SER B 173 47.12 -18.99 -3.91
CA SER B 173 47.41 -17.57 -3.79
C SER B 173 47.49 -17.16 -2.31
N SER B 174 48.26 -16.10 -2.05
CA SER B 174 48.45 -15.64 -0.68
C SER B 174 47.21 -14.95 -0.12
N ALA B 175 46.32 -14.47 -0.99
CA ALA B 175 45.12 -13.80 -0.52
C ALA B 175 44.11 -14.77 0.10
N CYS B 176 44.20 -16.06 -0.20
CA CYS B 176 43.31 -17.05 0.40
C CYS B 176 44.18 -18.00 1.21
N PRO B 177 44.58 -17.64 2.42
CA PRO B 177 45.41 -18.56 3.21
C PRO B 177 44.58 -19.70 3.78
N TYR B 178 45.29 -20.70 4.30
CA TYR B 178 44.65 -21.74 5.09
C TYR B 178 45.48 -22.06 6.31
N ASN B 179 46.44 -22.97 6.16
CA ASN B 179 47.37 -23.32 7.21
C ASN B 179 48.43 -22.24 7.40
N GLY B 180 48.25 -21.06 6.80
CA GLY B 180 49.35 -20.15 6.58
C GLY B 180 49.84 -20.26 5.14
N ARG B 181 49.91 -21.49 4.65
CA ARG B 181 50.20 -21.75 3.24
C ARG B 181 49.19 -21.03 2.36
N SER B 182 49.64 -20.58 1.20
CA SER B 182 48.71 -20.02 0.23
C SER B 182 47.78 -21.12 -0.26
N SER B 183 46.49 -20.81 -0.28
CA SER B 183 45.47 -21.76 -0.68
C SER B 183 44.51 -21.16 -1.71
N PHE B 184 43.22 -21.53 -1.65
CA PHE B 184 42.25 -21.09 -2.64
C PHE B 184 40.87 -21.64 -2.29
N PHE B 185 39.86 -21.04 -2.92
CA PHE B 185 38.51 -21.56 -2.90
C PHE B 185 38.50 -23.06 -3.14
N ARG B 186 37.78 -23.78 -2.29
CA ARG B 186 37.78 -25.23 -2.36
C ARG B 186 36.76 -25.79 -3.35
N ASN B 187 35.84 -25.00 -3.85
CA ASN B 187 34.79 -25.57 -4.67
C ASN B 187 35.01 -25.36 -6.15
N VAL B 188 36.00 -24.57 -6.51
CA VAL B 188 36.37 -24.32 -7.89
C VAL B 188 37.87 -24.56 -8.01
N VAL B 189 38.35 -24.61 -9.26
CA VAL B 189 39.74 -24.94 -9.55
C VAL B 189 40.37 -23.89 -10.45
N TRP B 190 41.50 -23.33 -10.01
CA TRP B 190 42.29 -22.39 -10.80
C TRP B 190 43.20 -23.17 -11.73
N LEU B 191 42.78 -23.37 -12.97
CA LEU B 191 43.60 -24.14 -13.90
C LEU B 191 44.70 -23.27 -14.49
N ILE B 192 45.91 -23.80 -14.51
CA ILE B 192 47.10 -23.13 -15.01
C ILE B 192 47.61 -23.86 -16.26
N LYS B 193 48.29 -23.12 -17.15
CA LYS B 193 49.09 -23.73 -18.22
C LYS B 193 49.93 -24.90 -17.69
N LYS B 194 49.98 -25.97 -18.48
CA LYS B 194 50.59 -27.21 -17.99
C LYS B 194 52.10 -27.18 -18.17
N ASN B 195 52.57 -27.37 -19.39
CA ASN B 195 53.99 -27.48 -19.59
C ASN B 195 54.39 -26.37 -20.54
N ASN B 196 54.09 -25.13 -20.17
CA ASN B 196 54.03 -24.05 -21.14
C ASN B 196 53.12 -24.46 -22.30
N VAL B 197 51.89 -24.80 -21.97
CA VAL B 197 50.85 -25.04 -22.96
C VAL B 197 49.50 -25.05 -22.26
N TYR B 198 48.49 -24.50 -22.94
CA TYR B 198 47.11 -24.44 -22.43
C TYR B 198 46.18 -24.94 -23.54
N ARG B 199 46.02 -26.27 -23.60
CA ARG B 199 45.17 -26.88 -24.60
C ARG B 199 43.72 -26.55 -24.34
N THR B 200 42.94 -26.44 -25.41
CA THR B 200 41.56 -26.04 -25.27
C THR B 200 40.77 -27.04 -24.43
N ILE B 201 39.93 -26.50 -23.54
CA ILE B 201 39.15 -27.29 -22.60
C ILE B 201 37.73 -27.43 -23.11
N THR B 202 37.27 -28.68 -23.26
CA THR B 202 35.86 -28.95 -23.51
C THR B 202 35.42 -30.06 -22.57
N ARG B 203 34.53 -29.72 -21.64
CA ARG B 203 33.90 -30.68 -20.75
C ARG B 203 32.40 -30.44 -20.71
N THR B 204 31.63 -31.53 -20.66
CA THR B 204 30.18 -31.46 -20.56
C THR B 204 29.70 -32.16 -19.29
N TYR B 205 28.63 -31.64 -18.72
CA TYR B 205 27.98 -32.29 -17.60
C TYR B 205 26.48 -32.26 -17.82
N ASN B 206 25.86 -33.43 -17.61
CA ASN B 206 24.44 -33.77 -17.83
C ASN B 206 23.76 -33.98 -16.50
N ASN B 207 22.74 -33.19 -16.20
CA ASN B 207 22.06 -33.33 -14.91
C ASN B 207 21.13 -34.53 -14.94
N THR B 208 21.69 -35.70 -14.59
CA THR B 208 20.95 -36.96 -14.51
C THR B 208 19.99 -37.02 -13.34
N ASN B 209 19.91 -35.98 -12.52
CA ASN B 209 19.13 -35.98 -11.29
C ASN B 209 17.76 -35.35 -11.53
N ILE B 210 16.86 -35.59 -10.56
CA ILE B 210 15.53 -35.01 -10.60
C ILE B 210 15.50 -33.63 -9.97
N GLU B 211 16.61 -33.18 -9.38
CA GLU B 211 16.75 -31.90 -8.70
C GLU B 211 17.37 -30.87 -9.65
N ASP B 212 17.08 -29.60 -9.37
CA ASP B 212 17.81 -28.52 -10.02
C ASP B 212 19.23 -28.45 -9.47
N LEU B 213 20.12 -27.83 -10.24
CA LEU B 213 21.52 -27.74 -9.84
C LEU B 213 22.02 -26.32 -9.98
N LEU B 214 22.61 -25.81 -8.92
CA LEU B 214 23.27 -24.50 -8.90
C LEU B 214 24.74 -24.72 -9.18
N ILE B 215 25.23 -24.14 -10.29
CA ILE B 215 26.60 -24.30 -10.74
C ILE B 215 27.27 -22.92 -10.78
N ILE B 216 28.50 -22.84 -10.28
CA ILE B 216 29.20 -21.58 -10.14
C ILE B 216 30.60 -21.73 -10.75
N TRP B 217 30.93 -20.87 -11.68
CA TRP B 217 32.24 -20.88 -12.30
C TRP B 217 32.71 -19.45 -12.40
N GLY B 218 33.95 -19.25 -12.84
CA GLY B 218 34.46 -17.90 -12.87
C GLY B 218 35.47 -17.71 -13.97
N ILE B 219 36.00 -16.49 -14.05
CA ILE B 219 37.09 -16.17 -14.96
C ILE B 219 38.10 -15.31 -14.19
N HIS B 220 39.36 -15.38 -14.59
CA HIS B 220 40.41 -14.62 -13.92
C HIS B 220 40.87 -13.44 -14.77
N HIS B 221 40.90 -12.23 -14.16
CA HIS B 221 41.35 -11.01 -14.81
C HIS B 221 42.74 -10.60 -14.32
N PRO B 222 43.78 -10.80 -15.12
CA PRO B 222 45.15 -10.53 -14.65
C PRO B 222 45.52 -9.05 -14.68
N ASN B 223 46.69 -8.76 -14.09
CA ASN B 223 47.19 -7.39 -13.99
C ASN B 223 47.65 -6.84 -15.34
N ASN B 224 48.31 -7.65 -16.15
CA ASN B 224 49.04 -7.11 -17.28
C ASN B 224 49.28 -8.21 -18.29
N ALA B 225 49.53 -7.80 -19.53
CA ALA B 225 49.71 -8.77 -20.61
C ALA B 225 50.72 -9.84 -20.26
N ALA B 226 51.72 -9.53 -19.42
CA ALA B 226 52.73 -10.55 -19.15
C ALA B 226 52.16 -11.65 -18.27
N GLU B 227 51.36 -11.26 -17.25
CA GLU B 227 50.72 -12.25 -16.39
C GLU B 227 49.86 -13.22 -17.20
N GLN B 228 49.01 -12.68 -18.09
CA GLN B 228 48.27 -13.57 -18.97
C GLN B 228 49.18 -14.66 -19.52
N ILE B 229 50.27 -14.27 -20.20
CA ILE B 229 51.20 -15.24 -20.77
C ILE B 229 51.79 -16.16 -19.70
N LYS B 230 52.15 -15.59 -18.54
CA LYS B 230 52.80 -16.38 -17.50
C LYS B 230 51.90 -17.51 -17.00
N LEU B 231 50.58 -17.27 -16.90
CA LEU B 231 49.64 -18.26 -16.39
C LEU B 231 48.95 -19.07 -17.48
N TYR B 232 48.55 -18.43 -18.58
CA TYR B 232 47.70 -19.04 -19.57
C TYR B 232 48.30 -19.11 -20.97
N GLN B 233 49.55 -18.67 -21.15
CA GLN B 233 50.22 -18.62 -22.46
C GLN B 233 49.44 -17.85 -23.52
N ASN B 234 48.33 -18.43 -24.00
CA ASN B 234 47.52 -17.79 -25.02
C ASN B 234 47.18 -16.38 -24.58
N PRO B 235 47.36 -15.39 -25.43
CA PRO B 235 47.22 -14.00 -24.99
C PRO B 235 45.83 -13.47 -25.28
N SER B 236 45.06 -14.15 -26.11
CA SER B 236 43.63 -13.85 -26.23
C SER B 236 42.85 -15.12 -25.94
N THR B 237 41.96 -15.03 -24.98
CA THR B 237 41.29 -16.20 -24.43
C THR B 237 39.84 -15.87 -24.18
N TYR B 238 39.07 -16.93 -23.95
CA TYR B 238 37.68 -16.82 -23.55
C TYR B 238 37.32 -18.00 -22.66
N VAL B 239 36.31 -17.76 -21.83
CA VAL B 239 35.59 -18.81 -21.11
C VAL B 239 34.17 -18.81 -21.64
N SER B 240 33.68 -19.98 -22.03
CA SER B 240 32.40 -20.08 -22.71
C SER B 240 31.56 -21.24 -22.15
N VAL B 241 30.30 -20.93 -21.80
CA VAL B 241 29.37 -21.95 -21.31
C VAL B 241 28.19 -22.08 -22.27
N GLY B 242 27.71 -23.31 -22.43
CA GLY B 242 26.47 -23.55 -23.15
C GLY B 242 25.49 -24.49 -22.48
N THR B 243 24.34 -23.97 -22.00
CA THR B 243 23.22 -24.80 -21.57
C THR B 243 22.03 -24.67 -22.56
N SER B 244 20.85 -25.16 -22.17
CA SER B 244 19.69 -25.08 -23.07
C SER B 244 19.16 -23.67 -23.20
N THR B 245 19.48 -22.81 -22.27
CA THR B 245 18.91 -21.48 -22.28
C THR B 245 19.90 -20.41 -21.87
N LEU B 246 21.14 -20.78 -21.54
CA LEU B 246 22.20 -19.84 -21.24
C LEU B 246 23.26 -19.93 -22.32
N ASN B 247 23.71 -18.78 -22.76
CA ASN B 247 24.71 -18.73 -23.82
C ASN B 247 25.70 -17.63 -23.46
N GLN B 248 26.99 -17.96 -23.52
CA GLN B 248 27.97 -17.01 -23.01
C GLN B 248 29.37 -17.34 -23.52
N ARG B 249 30.12 -16.29 -23.82
CA ARG B 249 31.55 -16.40 -24.15
C ARG B 249 32.19 -15.11 -23.64
N SER B 250 32.85 -15.20 -22.47
CA SER B 250 33.45 -14.09 -21.75
C SER B 250 34.97 -14.07 -21.92
N ILE B 251 35.54 -12.86 -21.95
CA ILE B 251 36.96 -12.63 -22.25
C ILE B 251 37.58 -11.73 -21.18
N PRO B 252 38.84 -11.94 -20.80
CA PRO B 252 39.40 -11.21 -19.66
C PRO B 252 39.69 -9.73 -19.95
N GLU B 253 39.47 -8.91 -18.91
CA GLU B 253 39.62 -7.46 -18.94
C GLU B 253 40.84 -7.08 -18.10
N ILE B 254 41.95 -6.74 -18.76
CA ILE B 254 43.19 -6.41 -18.06
C ILE B 254 43.15 -4.94 -17.63
N ALA B 255 43.19 -4.70 -16.32
CA ALA B 255 43.32 -3.36 -15.78
C ALA B 255 44.35 -3.35 -14.68
N THR B 256 44.81 -2.16 -14.36
CA THR B 256 45.73 -1.98 -13.26
C THR B 256 44.88 -1.46 -12.11
N ARG B 257 44.84 -2.21 -11.02
CA ARG B 257 43.93 -1.93 -9.92
C ARG B 257 44.69 -1.84 -8.62
N PRO B 258 44.15 -1.13 -7.64
CA PRO B 258 44.72 -1.18 -6.29
C PRO B 258 44.75 -2.60 -5.77
N LYS B 259 45.69 -2.86 -4.87
CA LYS B 259 45.80 -4.18 -4.27
C LYS B 259 44.73 -4.32 -3.18
N VAL B 260 43.72 -5.13 -3.45
CA VAL B 260 42.79 -5.60 -2.42
C VAL B 260 43.29 -6.92 -1.89
N ASN B 261 43.26 -7.07 -0.56
CA ASN B 261 43.71 -8.30 0.08
C ASN B 261 45.10 -8.71 -0.41
N GLY B 262 45.81 -7.80 -1.05
CA GLY B 262 47.16 -8.05 -1.50
C GLY B 262 47.29 -8.41 -2.96
N GLN B 263 46.19 -8.63 -3.67
CA GLN B 263 46.27 -8.96 -5.08
C GLN B 263 45.69 -7.81 -5.88
N SER B 264 46.21 -7.65 -7.11
CA SER B 264 45.76 -6.62 -8.04
C SER B 264 44.98 -7.19 -9.21
N GLY B 265 45.01 -8.50 -9.41
CA GLY B 265 44.11 -9.12 -10.37
C GLY B 265 42.78 -9.40 -9.71
N ARG B 266 41.80 -9.75 -10.54
CA ARG B 266 40.44 -9.95 -10.05
C ARG B 266 39.86 -11.25 -10.58
N MET B 267 38.79 -11.70 -9.90
CA MET B 267 38.07 -12.89 -10.31
C MET B 267 36.57 -12.60 -10.37
N GLU B 268 35.99 -12.74 -11.56
CA GLU B 268 34.56 -12.54 -11.79
C GLU B 268 33.88 -13.90 -11.79
N PHE B 269 32.81 -14.03 -11.02
CA PHE B 269 32.11 -15.31 -10.92
C PHE B 269 30.69 -15.25 -11.49
N PHE B 270 30.28 -16.40 -12.04
CA PHE B 270 28.96 -16.58 -12.64
C PHE B 270 28.27 -17.81 -12.07
N TRP B 271 26.94 -17.74 -12.02
CA TRP B 271 26.17 -18.90 -11.60
C TRP B 271 24.96 -19.09 -12.50
N THR B 272 24.57 -20.35 -12.66
CA THR B 272 23.36 -20.71 -13.36
C THR B 272 22.66 -21.83 -12.60
N ILE B 273 21.46 -22.17 -13.08
CA ILE B 273 20.72 -23.32 -12.57
C ILE B 273 20.51 -24.25 -13.75
N LEU B 274 21.12 -25.44 -13.67
CA LEU B 274 21.02 -26.41 -14.74
C LEU B 274 19.81 -27.28 -14.46
N ARG B 275 18.72 -27.08 -15.22
CA ARG B 275 17.47 -27.82 -14.99
C ARG B 275 17.67 -29.33 -15.23
N PRO B 276 16.82 -30.18 -14.67
CA PRO B 276 16.98 -31.63 -14.90
C PRO B 276 16.89 -32.02 -16.35
N ASN B 277 17.65 -33.05 -16.71
CA ASN B 277 17.73 -33.59 -18.06
C ASN B 277 18.50 -32.65 -18.97
N ASP B 278 18.93 -31.51 -18.43
CA ASP B 278 19.70 -30.58 -19.23
C ASP B 278 21.19 -30.82 -19.08
N SER B 279 21.96 -30.15 -19.91
CA SER B 279 23.41 -30.31 -19.91
C SER B 279 24.11 -28.96 -19.99
N ILE B 280 25.31 -28.92 -19.45
CA ILE B 280 26.14 -27.72 -19.47
C ILE B 280 27.47 -28.09 -20.12
N THR B 281 27.96 -27.22 -20.99
CA THR B 281 29.23 -27.46 -21.65
C THR B 281 30.10 -26.22 -21.51
N PHE B 282 31.36 -26.44 -21.15
CA PHE B 282 32.31 -25.35 -20.90
C PHE B 282 33.37 -25.37 -21.99
N GLU B 283 33.61 -24.22 -22.59
CA GLU B 283 34.71 -24.03 -23.54
C GLU B 283 35.58 -22.91 -23.00
N SER B 284 36.84 -23.23 -22.74
CA SER B 284 37.77 -22.22 -22.30
C SER B 284 39.10 -22.41 -23.00
N THR B 285 39.74 -21.30 -23.33
CA THR B 285 41.08 -21.36 -23.90
C THR B 285 42.10 -20.62 -23.03
N GLY B 286 41.75 -20.40 -21.76
CA GLY B 286 42.57 -19.70 -20.79
C GLY B 286 41.69 -18.92 -19.82
N ASN B 287 42.23 -18.69 -18.62
CA ASN B 287 41.63 -17.86 -17.56
C ASN B 287 40.38 -18.49 -16.95
N PHE B 288 40.24 -19.80 -17.02
CA PHE B 288 39.02 -20.46 -16.58
C PHE B 288 39.13 -20.82 -15.10
N ILE B 289 38.14 -20.43 -14.32
CA ILE B 289 37.99 -20.90 -12.95
C ILE B 289 36.87 -21.93 -12.96
N ALA B 290 37.25 -23.27 -12.99
CA ALA B 290 36.35 -24.40 -13.22
C ALA B 290 35.61 -24.81 -11.96
N PRO B 291 34.32 -25.11 -12.06
CA PRO B 291 33.60 -25.71 -10.94
C PRO B 291 34.07 -27.13 -10.67
N GLU B 292 34.34 -27.44 -9.39
CA GLU B 292 34.49 -28.84 -9.06
C GLU B 292 33.19 -29.44 -8.58
N TYR B 293 32.40 -28.68 -7.84
CA TYR B 293 31.17 -29.23 -7.30
C TYR B 293 29.94 -28.58 -7.93
N ALA B 294 28.80 -28.89 -7.35
CA ALA B 294 27.53 -28.25 -7.67
C ALA B 294 26.57 -28.58 -6.54
N TYR B 295 25.62 -27.68 -6.30
CA TYR B 295 24.65 -27.83 -5.22
C TYR B 295 23.30 -28.28 -5.79
N LYS B 296 22.79 -29.41 -5.30
CA LYS B 296 21.43 -29.84 -5.61
C LYS B 296 20.46 -29.15 -4.66
N ILE B 297 19.51 -28.42 -5.24
CA ILE B 297 18.35 -27.89 -4.51
C ILE B 297 17.42 -29.06 -4.22
N VAL B 298 17.41 -29.53 -2.98
CA VAL B 298 16.59 -30.69 -2.63
C VAL B 298 15.40 -30.36 -1.74
N LYS B 299 15.25 -29.11 -1.30
CA LYS B 299 14.02 -28.61 -0.68
C LYS B 299 13.81 -27.17 -1.13
N LYS B 300 12.72 -26.93 -1.85
CA LYS B 300 12.23 -25.58 -2.06
C LYS B 300 11.15 -25.31 -1.03
N GLY B 301 11.19 -24.15 -0.40
CA GLY B 301 10.26 -23.95 0.68
C GLY B 301 10.23 -22.51 1.12
N ASP B 302 9.80 -22.26 2.36
CA ASP B 302 9.88 -20.92 2.91
C ASP B 302 11.19 -20.82 3.67
N SER B 303 12.03 -19.85 3.29
CA SER B 303 13.31 -19.58 3.97
C SER B 303 13.59 -18.09 3.90
N ALA B 304 14.75 -17.70 4.40
CA ALA B 304 15.03 -16.30 4.60
C ALA B 304 16.52 -16.13 4.83
N ILE B 305 17.02 -14.93 4.53
CA ILE B 305 18.36 -14.53 4.93
C ILE B 305 18.18 -13.38 5.90
N MET B 306 18.28 -13.67 7.17
CA MET B 306 18.34 -12.65 8.21
C MET B 306 19.74 -12.09 8.35
N LYS B 307 19.84 -10.77 8.39
CA LYS B 307 21.09 -10.11 8.74
C LYS B 307 21.04 -9.77 10.23
N SER B 308 21.79 -10.51 11.02
CA SER B 308 21.83 -10.35 12.46
C SER B 308 23.24 -10.62 12.93
N GLU B 309 23.61 -9.97 14.04
CA GLU B 309 24.94 -10.14 14.61
C GLU B 309 24.99 -11.21 15.69
N LEU B 310 23.84 -11.68 16.16
CA LEU B 310 23.80 -12.63 17.26
C LEU B 310 24.23 -14.02 16.80
N SER B 311 24.34 -14.93 17.76
CA SER B 311 24.73 -16.30 17.51
C SER B 311 23.78 -17.25 18.24
N TYR B 312 23.68 -18.46 17.74
CA TYR B 312 22.66 -19.41 18.17
C TYR B 312 23.01 -20.00 19.52
N SER B 313 21.97 -20.20 20.36
CA SER B 313 22.03 -21.00 21.58
C SER B 313 20.92 -22.05 21.53
N ASN B 314 20.81 -22.90 22.54
CA ASN B 314 19.76 -23.91 22.45
C ASN B 314 18.43 -23.31 22.91
N CYS B 315 17.69 -22.76 21.96
CA CYS B 315 16.30 -22.36 22.15
C CYS B 315 15.53 -22.69 20.88
N ASP B 316 14.23 -22.45 20.94
CA ASP B 316 13.33 -22.71 19.83
C ASP B 316 12.14 -21.76 19.96
N THR B 317 11.58 -21.38 18.82
CA THR B 317 10.53 -20.37 18.80
C THR B 317 9.65 -20.59 17.58
N LYS B 318 8.49 -19.97 17.60
CA LYS B 318 7.71 -19.84 16.39
C LYS B 318 8.08 -18.63 15.56
N CYS B 319 8.84 -17.68 16.13
CA CYS B 319 8.98 -16.40 15.46
C CYS B 319 10.33 -15.80 15.79
N GLN B 320 11.14 -15.61 14.76
CA GLN B 320 12.50 -15.12 14.89
C GLN B 320 12.58 -13.72 14.29
N THR B 321 13.24 -12.79 15.00
CA THR B 321 13.62 -11.50 14.45
C THR B 321 15.13 -11.33 14.57
N PRO B 322 15.73 -10.38 13.85
CA PRO B 322 17.19 -10.19 13.97
C PRO B 322 17.68 -9.92 15.38
N VAL B 323 16.86 -9.35 16.27
CA VAL B 323 17.36 -8.95 17.57
C VAL B 323 16.90 -9.87 18.66
N GLY B 324 16.20 -10.94 18.33
CA GLY B 324 15.66 -11.84 19.33
C GLY B 324 14.38 -12.49 18.84
N ALA B 325 13.89 -13.43 19.63
CA ALA B 325 12.68 -14.19 19.36
C ALA B 325 11.54 -13.71 20.23
N ILE B 326 10.32 -13.84 19.73
CA ILE B 326 9.18 -13.31 20.45
C ILE B 326 8.09 -14.37 20.51
N ASN B 327 7.26 -14.28 21.55
CA ASN B 327 6.13 -15.19 21.68
C ASN B 327 5.06 -14.84 20.66
N SER B 328 4.30 -15.84 20.24
CA SER B 328 3.25 -15.60 19.26
C SER B 328 1.86 -15.66 19.85
N SER B 329 1.73 -15.54 21.18
CA SER B 329 0.41 -15.63 21.79
C SER B 329 -0.49 -14.49 21.32
N MET B 330 0.08 -13.32 21.09
CA MET B 330 -0.68 -12.12 20.79
C MET B 330 -0.64 -11.80 19.30
N PRO B 331 -1.63 -11.07 18.77
CA PRO B 331 -1.69 -10.87 17.32
C PRO B 331 -0.80 -9.77 16.79
N PHE B 332 -0.08 -9.07 17.66
CA PHE B 332 0.63 -7.88 17.22
C PHE B 332 1.97 -7.80 17.91
N HIS B 333 2.91 -7.15 17.23
CA HIS B 333 4.17 -6.89 17.89
C HIS B 333 4.78 -5.64 17.28
N ASN B 334 5.63 -5.00 18.07
CA ASN B 334 6.32 -3.80 17.63
C ASN B 334 7.82 -3.93 17.72
N VAL B 335 8.35 -5.15 17.57
CA VAL B 335 9.75 -5.38 17.95
C VAL B 335 10.72 -5.17 16.79
N HIS B 336 10.32 -5.49 15.57
CA HIS B 336 11.14 -5.37 14.37
C HIS B 336 10.25 -5.72 13.19
N PRO B 337 10.31 -5.00 12.07
CA PRO B 337 9.39 -5.33 10.98
C PRO B 337 9.76 -6.60 10.25
N PHE B 338 10.99 -7.11 10.41
CA PHE B 338 11.40 -8.36 9.75
C PHE B 338 11.31 -9.47 10.79
N ALA B 339 10.26 -10.26 10.72
CA ALA B 339 10.17 -11.43 11.58
C ALA B 339 9.77 -12.63 10.75
N ILE B 340 10.36 -13.79 11.08
CA ILE B 340 10.24 -15.01 10.31
C ILE B 340 9.38 -16.01 11.08
N GLY B 341 8.48 -16.70 10.38
CA GLY B 341 7.78 -17.82 11.00
C GLY B 341 6.29 -17.62 11.21
N GLU B 342 5.74 -18.25 12.24
CA GLU B 342 4.34 -18.02 12.63
C GLU B 342 4.30 -16.76 13.49
N CYS B 343 4.27 -15.61 12.84
CA CYS B 343 4.53 -14.40 13.59
C CYS B 343 3.26 -13.59 13.79
N PRO B 344 3.20 -12.82 14.89
CA PRO B 344 2.18 -11.77 14.97
C PRO B 344 2.38 -10.75 13.86
N LYS B 345 1.49 -9.80 13.71
CA LYS B 345 1.66 -8.80 12.67
C LYS B 345 2.28 -7.53 13.26
N TYR B 346 3.21 -6.94 12.54
CA TYR B 346 3.97 -5.80 13.00
C TYR B 346 3.23 -4.49 12.76
N VAL B 347 3.27 -3.60 13.75
CA VAL B 347 2.66 -2.29 13.65
C VAL B 347 3.50 -1.27 14.44
N LYS B 348 3.71 -0.08 13.88
CA LYS B 348 4.52 0.96 14.53
C LYS B 348 3.71 1.63 15.64
N LEU B 349 3.62 0.97 16.80
CA LEU B 349 2.81 1.44 17.92
C LEU B 349 3.51 1.10 19.23
N LYS B 350 3.20 1.87 20.27
CA LYS B 350 3.78 1.60 21.58
C LYS B 350 2.85 0.86 22.53
N LYS B 351 1.54 0.88 22.26
CA LYS B 351 0.57 0.21 23.11
C LYS B 351 -0.65 -0.11 22.27
N LEU B 352 -1.36 -1.18 22.63
CA LEU B 352 -2.58 -1.51 21.90
C LEU B 352 -3.45 -2.38 22.82
N VAL B 353 -4.27 -1.72 23.62
CA VAL B 353 -5.08 -2.37 24.64
C VAL B 353 -6.55 -2.31 24.26
N LEU B 354 -7.21 -3.46 24.35
CA LEU B 354 -8.60 -3.64 23.92
C LEU B 354 -9.45 -3.64 25.17
N ALA B 355 -10.36 -2.69 25.27
CA ALA B 355 -11.31 -2.70 26.37
C ALA B 355 -12.25 -3.87 26.18
N THR B 356 -12.35 -4.72 27.20
CA THR B 356 -13.34 -5.79 27.20
C THR B 356 -14.38 -5.68 28.31
N GLY B 357 -14.10 -4.95 29.39
CA GLY B 357 -15.06 -4.77 30.46
C GLY B 357 -15.73 -3.40 30.51
N LEU B 358 -15.94 -2.86 31.70
CA LEU B 358 -16.69 -1.63 31.89
C LEU B 358 -15.76 -0.51 32.32
N ARG B 359 -16.30 0.70 32.36
CA ARG B 359 -15.55 1.76 32.99
C ARG B 359 -15.48 1.46 34.48
N ASN B 360 -14.42 1.96 35.10
CA ASN B 360 -14.22 1.74 36.52
C ASN B 360 -14.44 3.04 37.28
N ILE B 361 -15.71 3.36 37.50
CA ILE B 361 -16.01 4.51 38.34
C ILE B 361 -16.70 4.01 39.60
N PRO B 362 -15.95 3.60 40.61
CA PRO B 362 -16.55 3.13 41.86
C PRO B 362 -16.90 4.30 42.75
N GLN B 363 -17.60 3.99 43.84
CA GLN B 363 -17.94 4.98 44.85
C GLN B 363 -16.99 4.88 46.04
N ARG B 364 -16.13 5.91 46.20
CA ARG B 364 -15.09 5.95 47.23
C ARG B 364 -15.57 5.58 48.63
N ILE B 373 -26.65 1.13 49.05
CA ILE B 373 -26.86 2.56 48.85
C ILE B 373 -27.45 2.79 47.44
N ALA B 374 -26.94 3.77 46.69
CA ALA B 374 -27.47 4.18 45.40
C ALA B 374 -26.97 3.29 44.26
N GLY B 375 -27.73 3.31 43.18
CA GLY B 375 -27.44 2.51 42.01
C GLY B 375 -26.56 3.23 41.01
N PHE B 376 -26.80 2.92 39.73
CA PHE B 376 -25.83 3.16 38.67
C PHE B 376 -25.60 4.61 38.35
N ILE B 377 -26.37 5.54 38.92
CA ILE B 377 -26.14 6.92 38.55
C ILE B 377 -24.88 7.48 39.19
N GLU B 378 -24.41 6.89 40.27
CA GLU B 378 -23.14 7.30 40.85
C GLU B 378 -22.02 6.29 40.63
N GLY B 379 -22.30 5.13 40.03
CA GLY B 379 -21.25 4.32 39.46
C GLY B 379 -21.27 2.88 39.94
N GLY B 380 -20.08 2.27 39.95
CA GLY B 380 -19.99 0.85 40.13
C GLY B 380 -20.15 0.43 41.58
N TRP B 381 -20.66 -0.79 41.72
CA TRP B 381 -20.64 -1.54 42.97
C TRP B 381 -19.54 -2.58 42.88
N GLN B 382 -18.69 -2.66 43.91
CA GLN B 382 -17.76 -3.78 43.99
C GLN B 382 -18.38 -4.97 44.70
N GLY B 383 -19.56 -4.81 45.27
CA GLY B 383 -20.31 -5.89 45.87
C GLY B 383 -20.78 -6.97 44.92
N MET B 384 -20.63 -6.76 43.62
CA MET B 384 -20.97 -7.78 42.64
C MET B 384 -19.74 -8.59 42.27
N VAL B 385 -19.89 -9.92 42.33
CA VAL B 385 -18.78 -10.85 42.08
C VAL B 385 -18.92 -11.51 40.70
N ASP B 386 -19.95 -12.34 40.50
CA ASP B 386 -20.27 -12.91 39.21
C ASP B 386 -21.40 -12.10 38.59
N GLY B 387 -21.19 -11.65 37.36
CA GLY B 387 -22.17 -10.78 36.71
C GLY B 387 -21.63 -9.38 36.50
N TRP B 388 -21.83 -8.85 35.30
CA TRP B 388 -21.42 -7.50 34.95
C TRP B 388 -22.48 -6.45 35.24
N TYR B 389 -23.75 -6.86 35.31
CA TYR B 389 -24.90 -5.99 35.52
C TYR B 389 -25.81 -6.66 36.53
N GLY B 390 -25.99 -6.03 37.69
CA GLY B 390 -26.73 -6.65 38.77
C GLY B 390 -27.69 -5.70 39.45
N TYR B 391 -28.34 -6.22 40.49
CA TYR B 391 -29.32 -5.53 41.29
C TYR B 391 -28.81 -5.37 42.71
N HIS B 392 -29.53 -4.55 43.51
CA HIS B 392 -29.25 -4.36 44.93
C HIS B 392 -30.61 -4.24 45.62
N HIS B 393 -31.33 -5.35 45.67
CA HIS B 393 -32.59 -5.35 46.39
C HIS B 393 -32.36 -5.13 47.88
N SER B 394 -33.11 -4.20 48.44
CA SER B 394 -33.12 -3.95 49.87
C SER B 394 -34.53 -4.24 50.40
N ASN B 395 -34.64 -5.23 51.26
CA ASN B 395 -35.78 -5.37 52.17
C ASN B 395 -35.19 -5.79 53.52
N GLU B 396 -35.64 -5.12 54.59
CA GLU B 396 -35.04 -5.18 55.93
C GLU B 396 -33.64 -4.54 55.93
N GLN B 397 -32.99 -4.48 57.10
CA GLN B 397 -31.82 -3.64 57.34
C GLN B 397 -30.49 -4.30 56.92
N GLY B 398 -30.54 -5.36 56.11
CA GLY B 398 -29.34 -5.97 55.59
C GLY B 398 -29.15 -5.56 54.15
N SER B 399 -29.05 -6.52 53.24
CA SER B 399 -28.61 -6.15 51.90
C SER B 399 -29.22 -7.05 50.82
N GLY B 400 -28.44 -7.18 49.74
CA GLY B 400 -28.79 -7.89 48.53
C GLY B 400 -27.88 -7.41 47.42
N TYR B 401 -27.28 -8.32 46.65
CA TYR B 401 -26.55 -8.01 45.43
C TYR B 401 -26.70 -9.21 44.52
N ALA B 402 -27.33 -9.03 43.37
CA ALA B 402 -27.51 -10.15 42.47
C ALA B 402 -26.74 -9.89 41.19
N ALA B 403 -27.18 -10.49 40.09
CA ALA B 403 -26.60 -10.19 38.79
C ALA B 403 -27.63 -10.60 37.77
N ASP B 404 -28.06 -9.66 36.92
CA ASP B 404 -28.84 -10.11 35.78
C ASP B 404 -27.93 -11.05 35.03
N LYS B 405 -28.03 -12.35 35.33
CA LYS B 405 -27.11 -13.32 34.74
C LYS B 405 -27.20 -13.32 33.23
N GLU B 406 -28.37 -12.96 32.71
CA GLU B 406 -28.72 -13.22 31.33
C GLU B 406 -28.12 -12.17 30.39
N SER B 407 -28.48 -10.91 30.60
CA SER B 407 -27.86 -9.83 29.84
C SER B 407 -26.37 -9.71 30.15
N THR B 408 -25.89 -10.30 31.25
CA THR B 408 -24.44 -10.35 31.48
C THR B 408 -23.76 -11.33 30.54
N GLN B 409 -24.35 -12.51 30.35
CA GLN B 409 -23.75 -13.48 29.46
C GLN B 409 -24.15 -13.29 28.00
N LYS B 410 -24.89 -12.21 27.69
CA LYS B 410 -25.09 -11.78 26.30
C LYS B 410 -24.08 -10.73 25.89
N ALA B 411 -23.65 -9.88 26.83
CA ALA B 411 -22.51 -9.01 26.57
C ALA B 411 -21.22 -9.81 26.44
N VAL B 412 -20.93 -10.68 27.43
CA VAL B 412 -19.70 -11.47 27.38
C VAL B 412 -19.63 -12.34 26.13
N ASP B 413 -20.77 -12.83 25.63
CA ASP B 413 -20.77 -13.71 24.46
C ASP B 413 -20.65 -12.95 23.15
N GLY B 414 -20.62 -11.62 23.18
CA GLY B 414 -20.46 -10.84 21.98
C GLY B 414 -19.16 -10.04 22.04
N ILE B 415 -18.72 -9.73 23.26
CA ILE B 415 -17.46 -9.01 23.40
C ILE B 415 -16.29 -9.94 23.09
N THR B 416 -16.36 -11.19 23.57
CA THR B 416 -15.35 -12.16 23.18
C THR B 416 -15.54 -12.59 21.73
N ASN B 417 -16.78 -12.67 21.26
CA ASN B 417 -17.05 -12.94 19.84
C ASN B 417 -16.39 -11.88 18.95
N LYS B 418 -16.72 -10.61 19.17
CA LYS B 418 -16.24 -9.56 18.28
C LYS B 418 -14.74 -9.34 18.44
N VAL B 419 -14.19 -9.64 19.62
CA VAL B 419 -12.74 -9.58 19.78
C VAL B 419 -12.07 -10.56 18.83
N ASN B 420 -12.45 -11.84 18.93
CA ASN B 420 -12.04 -12.81 17.93
C ASN B 420 -12.20 -12.26 16.50
N SER B 421 -13.29 -11.54 16.24
CA SER B 421 -13.51 -11.05 14.89
C SER B 421 -12.57 -9.92 14.51
N ILE B 422 -12.09 -9.16 15.49
CA ILE B 422 -11.12 -8.11 15.18
C ILE B 422 -9.79 -8.74 14.78
N ILE B 423 -9.27 -9.64 15.61
CA ILE B 423 -8.00 -10.29 15.32
C ILE B 423 -8.07 -11.13 14.04
N SER B 424 -9.26 -11.62 13.71
CA SER B 424 -9.46 -12.29 12.43
C SER B 424 -9.23 -11.34 11.25
N LYS B 425 -9.78 -10.12 11.34
CA LYS B 425 -9.85 -9.21 10.19
C LYS B 425 -8.48 -8.75 9.71
N MET B 426 -7.52 -8.61 10.62
CA MET B 426 -6.18 -8.14 10.23
C MET B 426 -5.34 -9.28 9.67
N ASN B 427 -5.26 -10.37 10.41
CA ASN B 427 -4.46 -11.52 9.99
C ASN B 427 -4.84 -11.92 8.58
N SER B 428 -3.81 -11.86 7.70
CA SER B 428 -3.82 -11.65 6.25
C SER B 428 -3.40 -10.21 5.97
N GLN B 429 -2.76 -9.60 6.95
CA GLN B 429 -2.17 -8.27 6.88
C GLN B 429 -0.92 -8.34 5.99
N PHE B 430 -0.20 -7.21 5.87
CA PHE B 430 1.06 -7.18 5.16
C PHE B 430 2.20 -7.68 6.05
N GLU B 431 3.00 -8.61 5.52
CA GLU B 431 4.25 -9.02 6.14
C GLU B 431 5.38 -8.70 5.17
N ALA B 432 6.45 -8.07 5.65
CA ALA B 432 7.56 -7.62 4.82
C ALA B 432 8.64 -8.72 4.69
N VAL B 433 9.49 -8.58 3.66
CA VAL B 433 10.40 -9.67 3.28
C VAL B 433 11.79 -9.13 2.98
N GLY B 434 12.82 -9.81 3.51
CA GLY B 434 14.20 -9.38 3.31
C GLY B 434 14.60 -9.45 1.85
N LYS B 435 15.41 -8.49 1.42
CA LYS B 435 15.81 -8.39 0.02
C LYS B 435 17.02 -7.49 -0.08
N GLU B 436 17.99 -7.89 -0.88
CA GLU B 436 19.23 -7.13 -0.96
C GLU B 436 19.36 -6.48 -2.33
N PHE B 437 20.10 -5.37 -2.36
CA PHE B 437 20.30 -4.65 -3.60
C PHE B 437 21.75 -4.19 -3.65
N ASN B 438 22.23 -3.83 -4.84
CA ASN B 438 23.59 -3.30 -4.93
C ASN B 438 23.59 -1.81 -5.22
N ASN B 439 24.79 -1.25 -5.43
CA ASN B 439 24.97 0.21 -5.48
C ASN B 439 24.46 0.84 -6.77
N LEU B 440 24.05 0.05 -7.76
CA LEU B 440 23.39 0.63 -8.91
C LEU B 440 21.94 0.21 -8.99
N GLU B 441 21.41 -0.42 -7.94
CA GLU B 441 19.99 -0.67 -7.81
C GLU B 441 19.39 0.13 -6.68
N ARG B 442 19.84 1.37 -6.49
CA ARG B 442 19.36 2.14 -5.35
C ARG B 442 17.91 2.59 -5.55
N ARG B 443 17.46 2.71 -6.79
CA ARG B 443 16.06 3.05 -7.06
C ARG B 443 15.14 1.92 -6.70
N ILE B 444 15.36 0.72 -7.26
CA ILE B 444 14.43 -0.35 -6.93
C ILE B 444 14.52 -0.70 -5.46
N GLU B 445 15.71 -0.51 -4.86
CA GLU B 445 15.83 -0.65 -3.41
C GLU B 445 14.90 0.32 -2.68
N ASN B 446 14.85 1.57 -3.16
CA ASN B 446 14.03 2.59 -2.50
C ASN B 446 12.56 2.33 -2.72
N LEU B 447 12.24 1.82 -3.90
CA LEU B 447 10.88 1.39 -4.18
C LEU B 447 10.47 0.28 -3.22
N ASN B 448 11.29 -0.76 -3.13
CA ASN B 448 10.98 -1.81 -2.16
C ASN B 448 10.76 -1.22 -0.77
N LYS B 449 11.64 -0.30 -0.32
CA LYS B 449 11.53 0.15 1.07
C LYS B 449 10.33 1.04 1.26
N LYS B 450 10.04 1.91 0.28
CA LYS B 450 8.86 2.76 0.38
C LYS B 450 7.57 1.94 0.43
N MET B 451 7.52 0.87 -0.38
CA MET B 451 6.31 0.05 -0.40
C MET B 451 6.11 -0.69 0.92
N GLU B 452 7.20 -1.17 1.52
CA GLU B 452 7.03 -1.89 2.78
C GLU B 452 6.66 -0.92 3.90
N ASP B 453 7.36 0.22 3.98
CA ASP B 453 6.94 1.23 4.94
C ASP B 453 5.54 1.72 4.63
N GLY B 454 5.21 1.84 3.34
CA GLY B 454 3.86 2.13 2.92
C GLY B 454 2.82 1.26 3.59
N PHE B 455 2.88 -0.05 3.36
CA PHE B 455 1.85 -0.93 3.90
C PHE B 455 1.95 -1.06 5.41
N ILE B 456 3.16 -0.98 5.99
CA ILE B 456 3.24 -0.99 7.44
C ILE B 456 2.48 0.21 8.03
N ASP B 457 2.55 1.36 7.37
CA ASP B 457 1.82 2.53 7.86
C ASP B 457 0.31 2.33 7.75
N VAL B 458 -0.15 1.87 6.58
CA VAL B 458 -1.58 1.64 6.37
C VAL B 458 -2.16 0.77 7.47
N TRP B 459 -1.59 -0.43 7.67
CA TRP B 459 -2.12 -1.35 8.68
C TRP B 459 -1.88 -0.84 10.10
N THR B 460 -0.76 -0.15 10.35
CA THR B 460 -0.62 0.42 11.69
C THR B 460 -1.76 1.38 11.97
N TYR B 461 -2.12 2.19 10.98
CA TYR B 461 -3.31 3.03 11.10
C TYR B 461 -4.57 2.18 11.22
N ASN B 462 -4.71 1.18 10.35
CA ASN B 462 -5.92 0.36 10.39
C ASN B 462 -6.14 -0.28 11.75
N ALA B 463 -5.09 -0.95 12.28
CA ALA B 463 -5.25 -1.60 13.58
C ALA B 463 -5.58 -0.59 14.67
N GLU B 464 -4.86 0.53 14.71
CA GLU B 464 -5.09 1.49 15.78
C GLU B 464 -6.49 2.05 15.73
N LEU B 465 -6.92 2.48 14.55
CA LEU B 465 -8.24 3.08 14.44
C LEU B 465 -9.33 2.04 14.63
N LEU B 466 -9.06 0.77 14.32
CA LEU B 466 -10.07 -0.25 14.56
C LEU B 466 -10.29 -0.48 16.06
N VAL B 467 -9.22 -0.58 16.85
CA VAL B 467 -9.49 -0.83 18.27
C VAL B 467 -10.07 0.41 18.94
N LEU B 468 -9.57 1.60 18.56
CA LEU B 468 -10.08 2.83 19.17
C LEU B 468 -11.58 2.90 19.02
N MET B 469 -12.08 2.51 17.85
CA MET B 469 -13.50 2.52 17.63
C MET B 469 -14.17 1.43 18.44
N GLU B 470 -13.59 0.23 18.45
CA GLU B 470 -14.20 -0.86 19.20
C GLU B 470 -14.22 -0.57 20.68
N ASN B 471 -13.19 0.12 21.19
CA ASN B 471 -13.21 0.55 22.58
C ASN B 471 -14.39 1.50 22.87
N GLU B 472 -14.63 2.52 22.02
CA GLU B 472 -15.74 3.43 22.33
C GLU B 472 -17.08 2.74 22.20
N ARG B 473 -17.20 1.85 21.24
CA ARG B 473 -18.48 1.19 21.05
C ARG B 473 -18.65 0.03 22.00
N THR B 474 -17.56 -0.49 22.57
CA THR B 474 -17.72 -1.51 23.59
C THR B 474 -18.23 -0.90 24.89
N LEU B 475 -17.72 0.28 25.27
CA LEU B 475 -18.28 0.96 26.43
C LEU B 475 -19.63 1.58 26.13
N ASP B 476 -19.82 2.05 24.89
CA ASP B 476 -21.15 2.52 24.51
C ASP B 476 -22.21 1.45 24.68
N LEU B 477 -21.82 0.17 24.61
CA LEU B 477 -22.79 -0.91 24.75
C LEU B 477 -23.07 -1.24 26.21
N HIS B 478 -22.15 -0.93 27.10
CA HIS B 478 -22.44 -1.09 28.52
C HIS B 478 -23.43 -0.05 29.01
N ASP B 479 -23.21 1.22 28.65
CA ASP B 479 -24.17 2.26 28.97
C ASP B 479 -25.56 1.89 28.46
N SER B 480 -25.63 1.45 27.20
CA SER B 480 -26.89 0.92 26.70
C SER B 480 -27.35 -0.30 27.50
N ASN B 481 -26.43 -1.18 27.89
CA ASN B 481 -26.86 -2.39 28.58
C ASN B 481 -27.41 -2.06 29.97
N VAL B 482 -26.72 -1.19 30.73
CA VAL B 482 -27.24 -0.83 32.04
C VAL B 482 -28.56 -0.09 31.90
N LYS B 483 -28.64 0.88 30.99
CA LYS B 483 -29.88 1.61 30.82
C LYS B 483 -31.00 0.70 30.34
N ASN B 484 -30.68 -0.46 29.77
CA ASN B 484 -31.70 -1.44 29.40
C ASN B 484 -32.11 -2.30 30.58
N LEU B 485 -31.22 -2.46 31.56
CA LEU B 485 -31.62 -3.13 32.79
C LEU B 485 -32.58 -2.27 33.59
N TYR B 486 -32.31 -0.97 33.70
CA TYR B 486 -33.20 -0.04 34.38
C TYR B 486 -34.59 -0.05 33.75
N ASP B 487 -34.64 0.05 32.43
CA ASP B 487 -35.93 0.14 31.75
C ASP B 487 -36.68 -1.19 31.78
N LYS B 488 -35.97 -2.32 31.85
CA LYS B 488 -36.65 -3.62 31.93
C LYS B 488 -37.49 -3.70 33.19
N VAL B 489 -36.94 -3.25 34.32
CA VAL B 489 -37.74 -3.27 35.54
C VAL B 489 -38.84 -2.23 35.46
N ARG B 490 -38.54 -1.07 34.89
CA ARG B 490 -39.47 0.05 34.89
C ARG B 490 -40.73 -0.30 34.10
N ARG B 491 -40.57 -0.95 32.94
CA ARG B 491 -41.71 -1.35 32.14
C ARG B 491 -42.64 -2.31 32.88
N GLN B 492 -42.16 -2.98 33.91
CA GLN B 492 -43.01 -3.93 34.63
C GLN B 492 -43.76 -3.29 35.78
N LEU B 493 -43.08 -2.43 36.55
CA LEU B 493 -43.62 -1.98 37.82
C LEU B 493 -44.66 -0.86 37.65
N ARG B 494 -44.47 0.02 36.66
CA ARG B 494 -45.41 1.12 36.35
C ARG B 494 -45.67 1.90 37.63
N ASP B 495 -46.93 2.19 37.98
CA ASP B 495 -47.19 3.02 39.15
C ASP B 495 -47.11 2.26 40.46
N ASN B 496 -46.67 1.01 40.45
CA ASN B 496 -46.45 0.29 41.69
C ASN B 496 -45.14 0.67 42.38
N ALA B 497 -44.31 1.52 41.76
CA ALA B 497 -43.03 1.87 42.37
C ALA B 497 -42.61 3.28 41.97
N LYS B 498 -41.83 3.91 42.85
CA LYS B 498 -41.40 5.30 42.75
C LYS B 498 -39.98 5.37 42.21
N GLU B 499 -39.75 6.27 41.24
CA GLU B 499 -38.42 6.48 40.66
C GLU B 499 -37.69 7.57 41.44
N LEU B 500 -36.49 7.25 41.90
CA LEU B 500 -35.54 8.28 42.29
C LEU B 500 -34.47 8.35 41.21
N GLY B 501 -33.94 9.57 41.01
CA GLY B 501 -32.89 9.84 40.04
C GLY B 501 -31.58 9.22 40.49
N ASN B 502 -31.67 7.97 40.87
CA ASN B 502 -30.56 7.30 41.48
C ASN B 502 -30.24 5.99 40.84
N GLY B 503 -31.18 5.36 40.14
CA GLY B 503 -31.02 4.01 39.64
C GLY B 503 -31.74 2.94 40.42
N CYS B 504 -32.49 3.30 41.48
CA CYS B 504 -33.27 2.37 42.27
C CYS B 504 -34.75 2.77 42.22
N PHE B 505 -35.62 1.83 42.59
CA PHE B 505 -37.04 2.07 42.76
C PHE B 505 -37.44 1.76 44.19
N GLU B 506 -37.89 2.78 44.93
CA GLU B 506 -38.56 2.52 46.21
C GLU B 506 -39.95 1.96 45.92
N PHE B 507 -40.35 0.94 46.68
CA PHE B 507 -41.54 0.19 46.36
C PHE B 507 -42.78 0.76 47.05
N TYR B 508 -43.87 0.89 46.29
CA TYR B 508 -45.17 1.21 46.88
C TYR B 508 -45.86 -0.02 47.46
N HIS B 509 -45.11 -1.04 47.89
CA HIS B 509 -45.63 -2.19 48.63
C HIS B 509 -44.42 -2.98 49.15
N ARG B 510 -44.67 -4.19 49.66
CA ARG B 510 -43.62 -5.00 50.24
C ARG B 510 -43.22 -6.13 49.29
N CYS B 511 -41.91 -6.34 49.18
CA CYS B 511 -41.34 -7.33 48.25
C CYS B 511 -40.26 -8.11 48.99
N ASP B 512 -40.49 -9.38 49.22
CA ASP B 512 -39.40 -10.16 49.78
C ASP B 512 -38.68 -10.89 48.63
N ASN B 513 -37.89 -11.91 48.97
CA ASN B 513 -36.94 -12.49 48.02
C ASN B 513 -37.62 -13.01 46.77
N LYS B 514 -38.78 -13.64 46.91
CA LYS B 514 -39.44 -14.24 45.75
C LYS B 514 -39.95 -13.17 44.78
N CYS B 515 -40.46 -12.06 45.31
CA CYS B 515 -40.81 -10.95 44.42
C CYS B 515 -39.60 -10.41 43.68
N MET B 516 -38.44 -10.41 44.31
CA MET B 516 -37.22 -9.94 43.67
C MET B 516 -36.92 -10.77 42.43
N GLU B 517 -36.50 -12.03 42.62
CA GLU B 517 -36.28 -12.95 41.50
C GLU B 517 -37.36 -12.87 40.43
N SER B 518 -38.61 -12.57 40.83
CA SER B 518 -39.68 -12.43 39.85
C SER B 518 -39.40 -11.25 38.92
N VAL B 519 -39.05 -10.08 39.47
CA VAL B 519 -38.80 -8.93 38.61
C VAL B 519 -37.51 -9.11 37.81
N ARG B 520 -36.56 -9.91 38.31
CA ARG B 520 -35.36 -10.19 37.54
C ARG B 520 -35.66 -11.04 36.31
N ASN B 521 -36.48 -12.07 36.49
CA ASN B 521 -36.82 -12.99 35.41
C ASN B 521 -37.88 -12.43 34.47
N GLY B 522 -38.34 -11.19 34.68
CA GLY B 522 -39.33 -10.58 33.82
C GLY B 522 -40.75 -11.02 34.06
N THR B 523 -40.98 -11.81 35.12
CA THR B 523 -42.27 -12.43 35.42
C THR B 523 -42.91 -11.71 36.61
N TYR B 524 -43.25 -10.45 36.41
CA TYR B 524 -43.81 -9.67 37.51
C TYR B 524 -45.27 -9.35 37.26
N ASP B 525 -46.08 -9.56 38.31
CA ASP B 525 -47.52 -9.47 38.23
C ASP B 525 -47.95 -8.11 38.77
N TYR B 526 -47.89 -7.10 37.91
CA TYR B 526 -48.42 -5.79 38.27
C TYR B 526 -49.87 -5.95 38.71
N PRO B 527 -50.81 -6.47 37.84
CA PRO B 527 -52.18 -6.68 38.31
C PRO B 527 -52.22 -7.78 39.35
N GLN B 528 -51.61 -7.51 40.51
CA GLN B 528 -51.72 -8.38 41.69
C GLN B 528 -51.53 -7.51 42.93
N TYR B 529 -50.49 -6.68 42.90
CA TYR B 529 -50.22 -5.66 43.90
C TYR B 529 -50.81 -4.30 43.52
N SER B 530 -51.39 -4.19 42.32
CA SER B 530 -51.98 -2.94 41.86
C SER B 530 -52.91 -2.37 42.91
N GLU B 531 -53.86 -3.18 43.38
CA GLU B 531 -54.82 -2.73 44.38
C GLU B 531 -54.12 -2.32 45.66
N GLU B 532 -53.24 -3.18 46.16
CA GLU B 532 -52.47 -2.84 47.35
C GLU B 532 -51.74 -1.52 47.16
N SER B 533 -51.00 -1.38 46.04
CA SER B 533 -50.18 -0.19 45.81
C SER B 533 -51.00 1.09 45.70
N ARG B 534 -52.25 1.00 45.24
CA ARG B 534 -53.04 2.20 45.05
C ARG B 534 -53.38 2.85 46.40
N LEU B 535 -53.77 2.02 47.38
CA LEU B 535 -54.03 2.52 48.72
C LEU B 535 -52.74 3.00 49.39
N LYS B 536 -51.64 2.31 49.15
CA LYS B 536 -50.33 2.85 49.49
C LYS B 536 -50.21 4.29 49.04
N ARG B 537 -50.42 4.50 47.74
CA ARG B 537 -50.07 5.75 47.09
C ARG B 537 -50.95 6.89 47.54
N GLU B 538 -52.23 6.61 47.85
CA GLU B 538 -53.16 7.66 48.26
C GLU B 538 -52.85 8.21 49.65
N GLU B 539 -52.15 7.44 50.49
CA GLU B 539 -51.86 7.93 51.84
C GLU B 539 -50.89 9.11 51.80
N ILE B 540 -49.81 8.99 51.02
CA ILE B 540 -48.81 10.05 51.00
C ILE B 540 -49.26 11.27 50.20
N ASP B 541 -50.20 11.11 49.27
CA ASP B 541 -50.72 12.26 48.54
C ASP B 541 -51.60 13.14 49.42
N SER B 542 -52.14 12.59 50.50
CA SER B 542 -53.05 13.34 51.34
C SER B 542 -52.36 14.03 52.52
N GLY B 543 -51.19 13.54 52.92
CA GLY B 543 -50.52 14.05 54.11
C GLY B 543 -50.20 13.00 55.14
N LEU B 544 -49.15 12.22 54.89
CA LEU B 544 -48.69 11.19 55.83
C LEU B 544 -47.17 11.05 55.75
N ALA C 40 -59.43 0.08 29.77
CA ALA C 40 -60.05 -1.10 29.17
C ALA C 40 -60.35 -0.87 27.70
N GLY C 41 -59.72 0.14 27.11
CA GLY C 41 -59.91 0.39 25.70
C GLY C 41 -59.42 1.76 25.31
N ASP C 42 -59.42 1.99 24.00
CA ASP C 42 -58.93 3.19 23.35
C ASP C 42 -57.43 3.32 23.57
N ARG C 43 -56.65 2.76 22.65
CA ARG C 43 -55.22 2.64 22.85
C ARG C 43 -54.50 2.94 21.56
N ILE C 44 -53.18 3.03 21.65
CA ILE C 44 -52.34 3.19 20.47
C ILE C 44 -50.97 2.64 20.81
N CYS C 45 -50.41 1.85 19.87
CA CYS C 45 -49.16 1.11 20.03
C CYS C 45 -48.13 1.67 19.05
N ILE C 46 -46.87 1.68 19.47
CA ILE C 46 -45.75 2.01 18.59
C ILE C 46 -45.07 0.71 18.18
N GLY C 47 -44.94 0.49 16.87
CA GLY C 47 -44.35 -0.76 16.40
C GLY C 47 -43.54 -0.58 15.13
N TYR C 48 -43.10 -1.67 14.51
CA TYR C 48 -42.27 -1.58 13.32
C TYR C 48 -42.48 -2.79 12.41
N HIS C 49 -42.16 -2.57 11.14
CA HIS C 49 -42.31 -3.58 10.08
C HIS C 49 -41.51 -4.85 10.36
N ALA C 50 -42.13 -6.00 10.06
CA ALA C 50 -41.46 -7.28 9.93
C ALA C 50 -42.05 -7.99 8.72
N ASN C 51 -41.45 -9.09 8.31
CA ASN C 51 -42.00 -9.79 7.15
C ASN C 51 -41.45 -11.22 7.07
N ASN C 52 -41.51 -11.79 5.86
CA ASN C 52 -41.27 -13.19 5.51
C ASN C 52 -39.80 -13.44 5.14
N SER C 53 -39.04 -12.37 4.87
CA SER C 53 -37.65 -12.47 4.45
C SER C 53 -36.79 -13.23 5.46
N THR C 54 -35.69 -13.76 4.97
CA THR C 54 -34.67 -14.32 5.83
C THR C 54 -33.26 -14.16 5.28
N THR C 55 -33.06 -13.27 4.32
CA THR C 55 -31.72 -12.86 3.96
C THR C 55 -30.99 -12.37 5.21
N GLN C 56 -29.67 -12.56 5.24
CA GLN C 56 -28.90 -12.25 6.43
C GLN C 56 -27.76 -11.30 6.11
N VAL C 57 -27.33 -10.55 7.11
CA VAL C 57 -26.17 -9.69 7.03
C VAL C 57 -25.31 -9.96 8.25
N ASP C 58 -24.17 -9.28 8.31
CA ASP C 58 -23.23 -9.45 9.41
C ASP C 58 -22.91 -8.09 10.01
N THR C 59 -22.45 -8.14 11.24
CA THR C 59 -22.06 -6.99 12.03
C THR C 59 -20.68 -7.30 12.59
N ILE C 60 -19.93 -6.25 12.95
CA ILE C 60 -18.65 -6.48 13.61
C ILE C 60 -18.83 -7.42 14.79
N MET C 61 -19.87 -7.19 15.60
CA MET C 61 -20.08 -7.94 16.84
C MET C 61 -20.87 -9.22 16.63
N GLU C 62 -22.03 -9.13 15.99
CA GLU C 62 -22.91 -10.28 15.84
C GLU C 62 -22.96 -10.66 14.37
N LYS C 63 -23.02 -11.97 14.11
CA LYS C 63 -23.05 -12.43 12.74
C LYS C 63 -24.30 -13.27 12.52
N ASN C 64 -24.72 -13.35 11.25
CA ASN C 64 -25.92 -14.07 10.84
C ASN C 64 -27.18 -13.46 11.44
N VAL C 65 -27.29 -12.13 11.34
CA VAL C 65 -28.48 -11.43 11.80
C VAL C 65 -29.46 -11.35 10.65
N THR C 66 -30.68 -11.84 10.88
CA THR C 66 -31.70 -11.85 9.85
C THR C 66 -32.34 -10.47 9.72
N VAL C 67 -32.37 -9.94 8.50
CA VAL C 67 -32.90 -8.60 8.31
C VAL C 67 -34.09 -8.61 7.37
N THR C 68 -34.77 -7.46 7.37
CA THR C 68 -35.96 -7.23 6.56
C THR C 68 -35.63 -7.15 5.07
N HIS C 69 -34.78 -6.20 4.68
CA HIS C 69 -34.25 -6.10 3.33
C HIS C 69 -32.74 -6.01 3.36
N ALA C 70 -32.10 -6.50 2.30
CA ALA C 70 -30.66 -6.53 2.23
C ALA C 70 -30.23 -6.63 0.78
N GLN C 71 -29.22 -5.84 0.41
CA GLN C 71 -28.69 -5.76 -0.95
C GLN C 71 -27.35 -6.47 -1.05
N ASP C 72 -27.17 -7.23 -2.12
CA ASP C 72 -25.88 -7.83 -2.45
C ASP C 72 -25.08 -6.82 -3.28
N ILE C 73 -23.86 -6.55 -2.86
CA ILE C 73 -22.98 -5.65 -3.62
C ILE C 73 -21.82 -6.41 -4.25
N LEU C 74 -21.82 -7.72 -4.20
CA LEU C 74 -20.71 -8.53 -4.71
C LEU C 74 -21.21 -9.40 -5.84
N GLU C 75 -20.73 -9.16 -7.07
CA GLU C 75 -21.03 -10.06 -8.19
C GLU C 75 -20.02 -11.20 -8.18
N LYS C 76 -20.52 -12.43 -8.35
CA LYS C 76 -19.60 -13.58 -8.37
C LYS C 76 -19.81 -14.50 -9.55
N GLU C 77 -20.47 -14.06 -10.61
CA GLU C 77 -20.73 -14.98 -11.72
C GLU C 77 -20.21 -14.40 -13.03
N HIS C 78 -19.58 -15.27 -13.82
CA HIS C 78 -18.97 -14.94 -15.11
C HIS C 78 -19.34 -16.00 -16.14
N ASN C 79 -19.70 -15.58 -17.36
CA ASN C 79 -19.76 -16.53 -18.47
C ASN C 79 -18.36 -17.06 -18.68
N GLY C 80 -18.26 -18.30 -19.14
CA GLY C 80 -16.95 -18.90 -19.24
C GLY C 80 -16.25 -18.62 -20.55
N ARG C 81 -16.50 -17.45 -21.17
CA ARG C 81 -16.10 -17.19 -22.55
C ARG C 81 -15.28 -15.90 -22.67
N LEU C 82 -14.30 -15.93 -23.60
CA LEU C 82 -13.53 -14.76 -23.99
C LEU C 82 -14.34 -13.93 -24.97
N CYS C 83 -14.76 -12.73 -24.57
CA CYS C 83 -15.56 -11.86 -25.42
C CYS C 83 -14.77 -10.66 -25.89
N SER C 84 -15.40 -9.86 -26.73
CA SER C 84 -14.78 -8.68 -27.30
C SER C 84 -15.18 -7.44 -26.51
N LEU C 85 -14.20 -6.57 -26.27
CA LEU C 85 -14.39 -5.42 -25.38
C LEU C 85 -14.92 -4.23 -26.17
N LYS C 86 -16.08 -3.72 -25.74
CA LYS C 86 -16.76 -2.57 -26.35
C LYS C 86 -16.85 -2.69 -27.87
N GLY C 87 -17.12 -3.91 -28.36
CA GLY C 87 -17.34 -4.16 -29.76
C GLY C 87 -16.12 -4.43 -30.60
N VAL C 88 -14.92 -4.40 -30.02
CA VAL C 88 -13.67 -4.58 -30.74
C VAL C 88 -13.03 -5.87 -30.28
N LYS C 89 -12.78 -6.78 -31.21
CA LYS C 89 -12.43 -8.15 -30.87
C LYS C 89 -10.98 -8.24 -30.39
N PRO C 90 -10.68 -9.15 -29.49
CA PRO C 90 -9.29 -9.40 -29.12
C PRO C 90 -8.52 -10.05 -30.26
N LEU C 91 -7.22 -10.10 -30.05
CA LEU C 91 -6.28 -10.85 -30.87
C LEU C 91 -5.89 -12.08 -30.06
N ILE C 92 -6.52 -13.21 -30.37
CA ILE C 92 -6.25 -14.47 -29.68
C ILE C 92 -5.15 -15.18 -30.46
N LEU C 93 -3.98 -15.37 -29.85
CA LEU C 93 -2.85 -15.90 -30.60
C LEU C 93 -2.77 -17.42 -30.61
N LYS C 94 -3.84 -18.12 -30.21
CA LYS C 94 -3.85 -19.58 -30.13
C LYS C 94 -2.60 -20.03 -29.38
N ASN C 95 -1.73 -20.89 -29.97
CA ASN C 95 -0.46 -21.20 -29.27
C ASN C 95 0.73 -20.46 -29.86
N CYS C 96 0.54 -19.36 -30.54
CA CYS C 96 1.69 -18.58 -30.93
C CYS C 96 2.04 -17.66 -29.78
N SER C 97 3.33 -17.63 -29.42
CA SER C 97 3.94 -16.62 -28.57
C SER C 97 3.97 -15.26 -29.27
N VAL C 98 4.13 -14.18 -28.50
CA VAL C 98 4.22 -12.87 -29.18
C VAL C 98 5.51 -12.77 -29.99
N ALA C 99 6.65 -13.17 -29.41
CA ALA C 99 7.88 -13.33 -30.18
C ALA C 99 7.62 -14.05 -31.49
N GLY C 100 6.97 -15.21 -31.42
CA GLY C 100 6.58 -15.91 -32.63
C GLY C 100 5.84 -14.98 -33.56
N TRP C 101 4.83 -14.31 -33.03
CA TRP C 101 4.02 -13.44 -33.86
C TRP C 101 4.88 -12.36 -34.51
N LEU C 102 5.60 -11.60 -33.70
CA LEU C 102 6.31 -10.44 -34.20
C LEU C 102 7.43 -10.84 -35.15
N LEU C 103 8.13 -11.93 -34.84
CA LEU C 103 9.21 -12.35 -35.71
C LEU C 103 8.71 -13.01 -36.97
N GLY C 104 7.45 -13.40 -37.01
CA GLY C 104 6.94 -14.15 -38.13
C GLY C 104 7.37 -15.60 -38.12
N ASN C 105 7.22 -16.29 -36.99
CA ASN C 105 7.49 -17.71 -36.97
C ASN C 105 6.65 -18.35 -38.07
N PRO C 106 7.20 -19.35 -38.78
CA PRO C 106 6.51 -19.91 -39.95
C PRO C 106 5.24 -20.69 -39.61
N MET C 107 4.82 -20.70 -38.35
CA MET C 107 3.58 -21.35 -37.98
C MET C 107 2.58 -20.36 -37.39
N CYS C 108 2.90 -19.07 -37.43
CA CYS C 108 1.99 -18.02 -37.01
C CYS C 108 1.39 -17.28 -38.18
N ASP C 109 1.31 -17.93 -39.34
CA ASP C 109 0.91 -17.22 -40.54
C ASP C 109 -0.48 -16.62 -40.43
N GLU C 110 -1.27 -17.07 -39.46
CA GLU C 110 -2.60 -16.51 -39.27
C GLU C 110 -2.54 -15.03 -38.90
N PHE C 111 -1.55 -14.65 -38.11
CA PHE C 111 -1.41 -13.29 -37.61
C PHE C 111 -0.36 -12.49 -38.35
N LEU C 112 -0.10 -12.86 -39.61
CA LEU C 112 0.89 -12.13 -40.40
C LEU C 112 0.47 -10.69 -40.58
N ASN C 113 -0.82 -10.44 -40.73
CA ASN C 113 -1.34 -9.10 -40.88
C ASN C 113 -2.53 -8.97 -39.94
N ALA C 114 -2.21 -8.85 -38.65
CA ALA C 114 -3.26 -8.85 -37.64
C ALA C 114 -3.97 -7.50 -37.62
N PRO C 115 -5.28 -7.48 -37.44
CA PRO C 115 -6.01 -6.20 -37.40
C PRO C 115 -5.87 -5.51 -36.06
N GLU C 116 -6.79 -4.58 -35.81
CA GLU C 116 -6.85 -3.89 -34.54
C GLU C 116 -7.32 -4.86 -33.45
N TRP C 117 -6.95 -4.57 -32.20
CA TRP C 117 -7.33 -5.46 -31.11
C TRP C 117 -7.62 -4.65 -29.83
N SER C 118 -8.62 -5.12 -29.08
CA SER C 118 -8.86 -4.55 -27.75
C SER C 118 -7.84 -5.06 -26.74
N TYR C 119 -7.67 -6.37 -26.64
CA TYR C 119 -6.65 -6.98 -25.79
C TYR C 119 -6.06 -8.17 -26.53
N ILE C 120 -4.95 -8.69 -26.04
CA ILE C 120 -4.24 -9.82 -26.64
C ILE C 120 -4.25 -10.95 -25.63
N VAL C 121 -4.65 -12.16 -26.06
CA VAL C 121 -4.61 -13.31 -25.15
C VAL C 121 -3.60 -14.32 -25.68
N GLU C 122 -2.52 -14.45 -24.92
CA GLU C 122 -1.48 -15.46 -25.05
C GLU C 122 -1.81 -16.62 -24.12
N LYS C 123 -1.45 -17.82 -24.53
CA LYS C 123 -1.58 -18.97 -23.65
C LYS C 123 -0.40 -19.02 -22.69
N ASP C 124 -0.54 -19.88 -21.68
CA ASP C 124 0.43 -19.90 -20.58
C ASP C 124 1.83 -20.25 -21.09
N ARG C 125 1.94 -21.35 -21.83
CA ARG C 125 3.17 -21.71 -22.54
C ARG C 125 2.82 -21.88 -24.00
N PRO C 126 2.95 -20.82 -24.80
CA PRO C 126 2.69 -20.95 -26.23
C PRO C 126 3.69 -21.92 -26.83
N SER C 127 3.24 -22.66 -27.84
CA SER C 127 4.06 -23.68 -28.47
C SER C 127 4.99 -23.12 -29.54
N ASN C 128 4.59 -22.07 -30.24
CA ASN C 128 5.36 -21.54 -31.38
C ASN C 128 5.96 -20.20 -31.01
N GLY C 129 7.25 -20.20 -30.68
CA GLY C 129 7.98 -19.00 -30.34
C GLY C 129 9.25 -18.92 -31.16
N LEU C 130 10.40 -18.78 -30.48
CA LEU C 130 11.68 -18.92 -31.16
C LEU C 130 11.91 -20.38 -31.50
N CYS C 131 11.40 -20.79 -32.66
CA CYS C 131 11.68 -22.12 -33.18
C CYS C 131 13.18 -22.36 -33.27
N TYR C 132 13.90 -21.50 -34.00
CA TYR C 132 15.35 -21.53 -33.87
C TYR C 132 15.73 -21.07 -32.47
N PRO C 133 16.52 -21.86 -31.74
CA PRO C 133 16.83 -21.51 -30.36
C PRO C 133 17.54 -20.17 -30.23
N GLY C 134 17.39 -19.59 -29.06
CA GLY C 134 17.99 -18.30 -28.80
C GLY C 134 17.07 -17.46 -27.96
N THR C 135 17.53 -16.24 -27.70
CA THR C 135 16.89 -15.33 -26.78
C THR C 135 16.46 -14.07 -27.51
N PHE C 136 15.65 -13.29 -26.79
CA PHE C 136 15.01 -12.07 -27.32
C PHE C 136 15.13 -10.99 -26.25
N ASN C 137 16.07 -10.07 -26.45
CA ASN C 137 16.45 -9.12 -25.41
C ASN C 137 15.31 -8.15 -25.10
N TYR C 138 15.19 -7.81 -23.81
CA TYR C 138 14.14 -6.91 -23.32
C TYR C 138 12.78 -7.34 -23.82
N TYR C 139 12.59 -8.65 -23.87
CA TYR C 139 11.32 -9.23 -24.29
C TYR C 139 10.16 -8.66 -23.49
N GLU C 140 10.18 -8.87 -22.18
CA GLU C 140 9.09 -8.37 -21.34
C GLU C 140 8.91 -6.87 -21.47
N GLU C 141 9.99 -6.10 -21.55
CA GLU C 141 9.78 -4.67 -21.71
C GLU C 141 9.02 -4.38 -22.99
N LEU C 142 9.21 -5.23 -24.01
CA LEU C 142 8.47 -5.10 -25.27
C LEU C 142 6.99 -5.44 -25.09
N LYS C 143 6.70 -6.57 -24.43
CA LYS C 143 5.30 -6.91 -24.19
C LYS C 143 4.57 -5.85 -23.36
N HIS C 144 5.26 -5.15 -22.46
CA HIS C 144 4.60 -4.10 -21.69
C HIS C 144 4.25 -2.90 -22.55
N LEU C 145 5.08 -2.59 -23.55
CA LEU C 145 4.74 -1.53 -24.48
C LEU C 145 3.50 -1.89 -25.29
N MET C 146 3.34 -3.17 -25.62
CA MET C 146 2.18 -3.59 -26.40
C MET C 146 0.87 -3.22 -25.71
N SER C 147 0.80 -3.42 -24.39
CA SER C 147 -0.33 -3.04 -23.56
C SER C 147 -0.70 -1.56 -23.73
N SER C 148 0.12 -0.81 -24.45
CA SER C 148 -0.15 0.59 -24.70
C SER C 148 -0.39 0.84 -26.19
N THR C 149 -0.80 -0.20 -26.92
CA THR C 149 -0.92 -0.10 -28.37
C THR C 149 -2.06 -1.02 -28.82
N ASN C 150 -2.77 -0.61 -29.87
CA ASN C 150 -3.98 -1.30 -30.27
C ASN C 150 -3.99 -1.76 -31.71
N GLN C 151 -3.04 -1.31 -32.53
CA GLN C 151 -3.06 -1.72 -33.93
C GLN C 151 -1.68 -1.60 -34.53
N PHE C 152 -1.32 -2.58 -35.34
CA PHE C 152 -0.06 -2.63 -36.05
C PHE C 152 -0.30 -2.59 -37.55
N GLU C 153 0.48 -1.77 -38.24
CA GLU C 153 0.51 -1.75 -39.70
C GLU C 153 1.92 -2.13 -40.10
N LYS C 154 2.11 -3.38 -40.48
CA LYS C 154 3.44 -3.85 -40.79
C LYS C 154 3.79 -3.42 -42.21
N ILE C 155 4.93 -2.74 -42.34
CA ILE C 155 5.40 -2.19 -43.60
C ILE C 155 6.82 -2.67 -43.81
N GLN C 156 7.24 -2.68 -45.07
CA GLN C 156 8.51 -3.27 -45.44
C GLN C 156 9.53 -2.17 -45.64
N ILE C 157 10.76 -2.41 -45.18
CA ILE C 157 11.83 -1.43 -45.31
C ILE C 157 13.02 -1.99 -46.10
N PHE C 158 13.39 -3.25 -45.87
CA PHE C 158 14.49 -3.90 -46.58
C PHE C 158 13.96 -5.10 -47.34
N PRO C 159 13.42 -4.91 -48.55
CA PRO C 159 12.94 -6.04 -49.36
C PRO C 159 14.02 -7.09 -49.57
N ARG C 160 13.62 -8.37 -49.45
CA ARG C 160 14.54 -9.47 -49.75
C ARG C 160 15.20 -9.25 -51.10
N SER C 161 14.45 -8.72 -52.07
CA SER C 161 15.02 -8.41 -53.37
C SER C 161 16.19 -7.44 -53.28
N SER C 162 16.26 -6.64 -52.23
CA SER C 162 17.32 -5.64 -52.17
C SER C 162 18.64 -6.22 -51.69
N TRP C 163 18.69 -7.50 -51.30
CA TRP C 163 19.95 -8.07 -50.83
C TRP C 163 20.73 -8.67 -52.01
N SER C 164 21.11 -7.77 -52.90
CA SER C 164 22.17 -8.12 -53.85
C SER C 164 23.46 -8.36 -53.09
N ASN C 165 24.39 -9.00 -53.78
CA ASN C 165 25.71 -9.25 -53.21
C ASN C 165 25.65 -10.02 -51.90
N HIS C 166 24.55 -10.73 -51.64
CA HIS C 166 24.48 -11.72 -50.57
C HIS C 166 23.45 -12.76 -50.96
N ASP C 167 23.38 -13.83 -50.14
CA ASP C 167 22.44 -14.93 -50.38
C ASP C 167 21.31 -14.83 -49.36
N ALA C 168 20.15 -14.37 -49.84
CA ALA C 168 18.97 -14.29 -49.01
C ALA C 168 17.99 -15.41 -49.30
N SER C 169 18.47 -16.52 -49.86
CA SER C 169 17.62 -17.66 -50.16
C SER C 169 17.90 -18.87 -49.28
N SER C 170 19.16 -19.27 -49.15
CA SER C 170 19.47 -20.52 -48.49
C SER C 170 19.32 -20.45 -46.97
N GLY C 171 19.27 -19.25 -46.40
CA GLY C 171 19.06 -19.09 -44.97
C GLY C 171 17.75 -19.64 -44.44
N VAL C 172 17.67 -20.98 -44.31
CA VAL C 172 16.53 -21.69 -43.76
C VAL C 172 17.07 -22.80 -42.88
N SER C 173 16.19 -23.39 -42.07
CA SER C 173 16.63 -24.46 -41.19
C SER C 173 15.46 -25.34 -40.78
N SER C 174 15.78 -26.59 -40.42
CA SER C 174 14.82 -27.58 -39.96
C SER C 174 14.23 -27.24 -38.60
N ALA C 175 14.78 -26.25 -37.90
CA ALA C 175 14.11 -25.81 -36.68
C ALA C 175 12.81 -25.05 -36.95
N CYS C 176 12.64 -24.48 -38.14
CA CYS C 176 11.46 -23.66 -38.47
C CYS C 176 10.74 -24.25 -39.67
N PRO C 177 10.09 -25.40 -39.51
CA PRO C 177 9.41 -26.01 -40.66
C PRO C 177 8.20 -25.19 -41.07
N TYR C 178 8.00 -25.06 -42.38
CA TYR C 178 6.72 -24.48 -42.80
C TYR C 178 5.68 -25.60 -42.85
N ASN C 179 5.39 -26.09 -44.06
CA ASN C 179 4.58 -27.28 -44.26
C ASN C 179 5.42 -28.22 -45.11
N GLY C 180 5.89 -29.29 -44.51
CA GLY C 180 7.04 -29.97 -45.05
C GLY C 180 8.19 -29.66 -44.12
N ARG C 181 9.16 -28.86 -44.58
CA ARG C 181 10.35 -28.65 -43.77
C ARG C 181 11.02 -27.34 -44.12
N SER C 182 11.99 -26.99 -43.28
CA SER C 182 12.94 -25.90 -43.44
C SER C 182 12.36 -24.65 -44.11
N SER C 183 11.85 -23.72 -43.29
CA SER C 183 11.67 -22.34 -43.69
C SER C 183 12.44 -21.47 -42.71
N PHE C 184 11.90 -20.30 -42.35
CA PHE C 184 12.56 -19.40 -41.42
C PHE C 184 11.58 -18.28 -41.11
N PHE C 185 11.88 -17.52 -40.05
CA PHE C 185 11.03 -16.39 -39.68
C PHE C 185 10.69 -15.54 -40.90
N ARG C 186 9.45 -15.13 -41.01
CA ARG C 186 9.04 -14.47 -42.24
C ARG C 186 9.44 -13.00 -42.28
N ASN C 187 9.59 -12.37 -41.13
CA ASN C 187 9.80 -10.94 -41.06
C ASN C 187 11.28 -10.55 -40.99
N VAL C 188 12.18 -11.47 -40.67
CA VAL C 188 13.61 -11.21 -40.77
C VAL C 188 14.20 -12.16 -41.80
N VAL C 189 15.42 -11.86 -42.23
CA VAL C 189 16.12 -12.68 -43.21
C VAL C 189 17.50 -13.03 -42.69
N TRP C 190 17.94 -14.25 -42.97
CA TRP C 190 19.24 -14.77 -42.57
C TRP C 190 20.17 -14.67 -43.77
N LEU C 191 21.15 -13.78 -43.68
CA LEU C 191 22.05 -13.53 -44.81
C LEU C 191 23.23 -14.48 -44.76
N ILE C 192 23.45 -15.19 -45.88
CA ILE C 192 24.50 -16.17 -46.04
C ILE C 192 25.53 -15.61 -47.02
N LYS C 193 26.81 -15.92 -46.79
CA LYS C 193 27.85 -15.60 -47.76
C LYS C 193 27.47 -16.13 -49.15
N LYS C 194 27.84 -15.36 -50.18
CA LYS C 194 27.60 -15.73 -51.57
C LYS C 194 28.91 -15.72 -52.32
N ASN C 195 29.18 -16.78 -53.09
CA ASN C 195 30.45 -16.93 -53.79
C ASN C 195 31.61 -16.67 -52.84
N ASN C 196 31.50 -17.21 -51.63
CA ASN C 196 32.58 -17.21 -50.65
C ASN C 196 33.07 -15.80 -50.35
N VAL C 197 32.19 -14.81 -50.49
CA VAL C 197 32.45 -13.46 -50.02
C VAL C 197 31.20 -12.90 -49.35
N TYR C 198 31.38 -12.28 -48.18
CA TYR C 198 30.35 -11.55 -47.44
C TYR C 198 30.78 -10.09 -47.38
N ARG C 199 30.49 -9.33 -48.43
CA ARG C 199 30.93 -7.94 -48.47
C ARG C 199 30.27 -7.17 -47.33
N THR C 200 31.03 -6.29 -46.69
CA THR C 200 30.48 -5.60 -45.53
C THR C 200 29.24 -4.81 -45.93
N ILE C 201 28.23 -4.89 -45.08
CA ILE C 201 26.91 -4.35 -45.39
C ILE C 201 26.75 -3.00 -44.73
N THR C 202 26.09 -2.09 -45.43
CA THR C 202 25.73 -0.82 -44.83
C THR C 202 24.43 -0.35 -45.47
N ARG C 203 23.38 -0.19 -44.66
CA ARG C 203 22.04 0.11 -45.16
C ARG C 203 21.29 0.94 -44.15
N THR C 204 20.73 2.05 -44.59
CA THR C 204 20.03 2.99 -43.74
C THR C 204 18.56 3.03 -44.10
N TYR C 205 17.70 3.17 -43.11
CA TYR C 205 16.29 3.43 -43.38
C TYR C 205 15.82 4.64 -42.58
N ASN C 206 14.89 5.38 -43.16
CA ASN C 206 14.47 6.67 -42.61
C ASN C 206 12.96 6.66 -42.38
N ASN C 207 12.54 6.67 -41.11
CA ASN C 207 11.11 6.76 -40.84
C ASN C 207 10.65 8.15 -41.26
N THR C 208 10.17 8.24 -42.50
CA THR C 208 9.45 9.42 -42.98
C THR C 208 8.02 9.42 -42.49
N ASN C 209 7.54 8.30 -41.98
CA ASN C 209 6.18 8.23 -41.48
C ASN C 209 6.03 9.15 -40.26
N ILE C 210 4.77 9.40 -39.87
CA ILE C 210 4.49 10.20 -38.68
C ILE C 210 4.29 9.37 -37.43
N GLU C 211 4.24 8.05 -37.56
CA GLU C 211 3.99 7.14 -36.46
C GLU C 211 5.30 6.50 -36.02
N ASP C 212 5.34 6.03 -34.78
CA ASP C 212 6.52 5.35 -34.28
C ASP C 212 6.70 4.00 -34.98
N LEU C 213 7.95 3.62 -35.26
CA LEU C 213 8.26 2.37 -35.91
C LEU C 213 8.90 1.39 -34.93
N LEU C 214 8.46 0.14 -34.98
CA LEU C 214 9.07 -0.93 -34.22
C LEU C 214 9.91 -1.78 -35.17
N ILE C 215 11.23 -1.82 -34.93
CA ILE C 215 12.20 -2.53 -35.77
C ILE C 215 12.86 -3.62 -34.91
N ILE C 216 13.07 -4.80 -35.51
CA ILE C 216 13.62 -5.96 -34.80
C ILE C 216 14.67 -6.62 -35.67
N TRP C 217 15.89 -6.77 -35.15
CA TRP C 217 16.96 -7.43 -35.88
C TRP C 217 17.62 -8.47 -34.98
N GLY C 218 18.54 -9.26 -35.55
CA GLY C 218 19.19 -10.30 -34.77
C GLY C 218 20.60 -10.63 -35.23
N ILE C 219 21.26 -11.48 -34.44
CA ILE C 219 22.62 -11.91 -34.75
C ILE C 219 22.72 -13.41 -34.50
N HIS C 220 23.52 -14.10 -35.31
CA HIS C 220 23.61 -15.55 -35.24
C HIS C 220 24.85 -15.96 -34.46
N HIS C 221 24.65 -16.84 -33.48
CA HIS C 221 25.72 -17.43 -32.67
C HIS C 221 25.97 -18.86 -33.15
N PRO C 222 27.04 -19.10 -33.91
CA PRO C 222 27.25 -20.43 -34.50
C PRO C 222 27.96 -21.38 -33.55
N ASN C 223 28.09 -22.61 -34.01
CA ASN C 223 28.65 -23.67 -33.18
C ASN C 223 30.17 -23.66 -33.18
N ASN C 224 30.79 -23.48 -34.33
CA ASN C 224 32.21 -23.76 -34.52
C ASN C 224 32.91 -22.58 -35.16
N ALA C 225 34.22 -22.52 -34.94
CA ALA C 225 35.06 -21.73 -35.84
C ALA C 225 34.80 -22.11 -37.30
N ALA C 226 34.52 -23.38 -37.57
CA ALA C 226 34.32 -23.77 -38.94
C ALA C 226 32.97 -23.33 -39.46
N GLU C 227 31.91 -23.47 -38.65
CA GLU C 227 30.59 -23.09 -39.11
C GLU C 227 30.53 -21.59 -39.43
N GLN C 228 31.34 -20.79 -38.72
CA GLN C 228 31.42 -19.38 -39.03
C GLN C 228 31.96 -19.14 -40.43
N ILE C 229 33.15 -19.69 -40.72
CA ILE C 229 33.74 -19.50 -42.05
C ILE C 229 32.81 -20.05 -43.11
N LYS C 230 32.16 -21.18 -42.84
CA LYS C 230 31.30 -21.76 -43.86
C LYS C 230 30.12 -20.85 -44.18
N LEU C 231 29.66 -20.06 -43.20
CA LEU C 231 28.43 -19.32 -43.38
C LEU C 231 28.69 -17.89 -43.83
N TYR C 232 29.75 -17.27 -43.32
CA TYR C 232 30.02 -15.87 -43.53
C TYR C 232 31.45 -15.56 -43.90
N GLN C 233 32.30 -16.58 -44.10
CA GLN C 233 33.70 -16.44 -44.52
C GLN C 233 34.59 -15.73 -43.50
N ASN C 234 34.20 -14.56 -43.02
CA ASN C 234 35.13 -13.81 -42.18
C ASN C 234 35.07 -14.33 -40.74
N PRO C 235 36.21 -14.66 -40.14
CA PRO C 235 36.18 -15.20 -38.77
C PRO C 235 35.69 -14.21 -37.73
N SER C 236 36.15 -12.96 -37.75
CA SER C 236 35.73 -11.95 -36.79
C SER C 236 34.68 -11.03 -37.44
N THR C 237 33.48 -10.98 -36.86
CA THR C 237 32.36 -10.24 -37.41
C THR C 237 31.71 -9.39 -36.32
N TYR C 238 30.68 -8.64 -36.71
CA TYR C 238 29.96 -7.74 -35.79
C TYR C 238 28.72 -7.19 -36.49
N VAL C 239 27.74 -6.79 -35.67
CA VAL C 239 26.53 -6.15 -36.17
C VAL C 239 26.34 -4.88 -35.38
N SER C 240 26.39 -3.74 -36.06
CA SER C 240 26.29 -2.41 -35.47
C SER C 240 25.04 -1.72 -35.99
N VAL C 241 24.20 -1.29 -35.08
CA VAL C 241 22.99 -0.62 -35.51
C VAL C 241 23.00 0.79 -34.94
N GLY C 242 22.46 1.74 -35.72
CA GLY C 242 22.51 3.14 -35.34
C GLY C 242 21.22 3.93 -35.40
N THR C 243 20.99 4.74 -34.37
CA THR C 243 19.79 5.55 -34.21
C THR C 243 20.20 6.83 -33.53
N SER C 244 19.34 7.86 -33.62
CA SER C 244 19.60 9.05 -32.83
C SER C 244 19.62 8.75 -31.34
N THR C 245 19.06 7.60 -30.94
CA THR C 245 19.00 7.11 -29.58
C THR C 245 20.02 6.02 -29.30
N LEU C 246 20.23 5.12 -30.26
CA LEU C 246 20.66 3.75 -29.97
C LEU C 246 22.02 3.49 -30.60
N ASN C 247 23.02 3.27 -29.76
CA ASN C 247 24.34 2.94 -30.25
C ASN C 247 24.69 1.57 -29.74
N GLN C 248 24.78 0.59 -30.64
CA GLN C 248 25.12 -0.74 -30.18
C GLN C 248 25.97 -1.48 -31.20
N ARG C 249 26.94 -2.23 -30.65
CA ARG C 249 27.73 -3.22 -31.37
C ARG C 249 27.42 -4.58 -30.76
N SER C 250 27.32 -5.60 -31.63
CA SER C 250 27.12 -6.96 -31.17
C SER C 250 28.13 -7.85 -31.85
N ILE C 251 28.72 -8.75 -31.08
CA ILE C 251 29.73 -9.68 -31.59
C ILE C 251 29.30 -11.09 -31.19
N PRO C 252 29.43 -12.05 -32.09
CA PRO C 252 28.88 -13.39 -31.82
C PRO C 252 29.59 -14.20 -30.74
N GLU C 253 28.87 -14.54 -29.69
CA GLU C 253 29.39 -15.44 -28.66
C GLU C 253 29.29 -16.88 -29.19
N ILE C 254 30.42 -17.49 -29.51
CA ILE C 254 30.49 -18.71 -30.31
C ILE C 254 30.88 -19.89 -29.41
N ALA C 255 30.06 -20.94 -29.38
CA ALA C 255 30.16 -21.89 -28.28
C ALA C 255 29.41 -23.17 -28.61
N THR C 256 29.73 -24.19 -27.83
CA THR C 256 29.13 -25.51 -27.97
C THR C 256 27.96 -25.59 -27.01
N ARG C 257 26.84 -26.11 -27.48
CA ARG C 257 25.61 -26.06 -26.70
C ARG C 257 24.78 -27.32 -26.97
N PRO C 258 23.90 -27.65 -26.05
CA PRO C 258 22.94 -28.74 -26.34
C PRO C 258 21.98 -28.33 -27.43
N LYS C 259 21.67 -29.28 -28.30
CA LYS C 259 20.72 -28.95 -29.36
C LYS C 259 19.36 -28.63 -28.74
N VAL C 260 18.74 -27.58 -29.25
CA VAL C 260 17.36 -27.25 -28.93
C VAL C 260 16.61 -27.08 -30.24
N ASN C 261 15.42 -27.67 -30.31
CA ASN C 261 14.69 -27.83 -31.57
C ASN C 261 15.64 -28.21 -32.71
N GLY C 262 16.61 -29.09 -32.42
CA GLY C 262 17.53 -29.61 -33.40
C GLY C 262 18.85 -28.87 -33.50
N GLN C 263 18.88 -27.59 -33.18
CA GLN C 263 20.04 -26.76 -33.47
C GLN C 263 20.87 -26.54 -32.21
N SER C 264 22.18 -26.45 -32.41
CA SER C 264 23.12 -26.20 -31.34
C SER C 264 23.61 -24.77 -31.31
N GLY C 265 23.40 -24.01 -32.38
CA GLY C 265 23.62 -22.58 -32.35
C GLY C 265 22.36 -21.86 -31.94
N ARG C 266 22.49 -20.54 -31.74
CA ARG C 266 21.38 -19.71 -31.30
C ARG C 266 21.39 -18.34 -31.97
N MET C 267 20.21 -17.72 -32.04
CA MET C 267 20.05 -16.36 -32.52
C MET C 267 19.56 -15.43 -31.41
N GLU C 268 20.35 -14.42 -31.11
CA GLU C 268 19.99 -13.35 -30.19
C GLU C 268 19.23 -12.28 -30.96
N PHE C 269 18.12 -11.81 -30.41
CA PHE C 269 17.31 -10.83 -31.13
C PHE C 269 17.23 -9.48 -30.41
N PHE C 270 17.09 -8.43 -31.20
CA PHE C 270 17.16 -7.07 -30.71
C PHE C 270 15.99 -6.27 -31.26
N TRP C 271 15.56 -5.28 -30.50
CA TRP C 271 14.50 -4.42 -31.00
C TRP C 271 14.74 -3.00 -30.52
N THR C 272 14.30 -2.04 -31.34
CA THR C 272 14.28 -0.64 -30.93
C THR C 272 13.06 0.02 -31.57
N ILE C 273 12.67 1.15 -31.00
CA ILE C 273 11.56 1.97 -31.49
C ILE C 273 12.14 3.19 -32.19
N LEU C 274 11.94 3.29 -33.50
CA LEU C 274 12.49 4.39 -34.28
C LEU C 274 11.41 5.46 -34.44
N ARG C 275 11.68 6.66 -33.88
CA ARG C 275 10.70 7.75 -33.89
C ARG C 275 10.63 8.40 -35.29
N PRO C 276 9.59 9.21 -35.54
CA PRO C 276 9.46 9.83 -36.86
C PRO C 276 10.53 10.89 -37.11
N ASN C 277 10.93 11.01 -38.38
CA ASN C 277 12.04 11.80 -38.87
C ASN C 277 13.39 11.25 -38.44
N ASP C 278 13.43 10.16 -37.66
CA ASP C 278 14.67 9.54 -37.27
C ASP C 278 15.07 8.45 -38.24
N SER C 279 16.38 8.21 -38.34
CA SER C 279 16.91 7.20 -39.26
C SER C 279 17.68 6.13 -38.49
N ILE C 280 17.83 4.97 -39.13
CA ILE C 280 18.53 3.84 -38.53
C ILE C 280 19.55 3.30 -39.53
N THR C 281 20.75 2.93 -39.03
CA THR C 281 21.86 2.47 -39.87
C THR C 281 22.37 1.14 -39.35
N PHE C 282 22.39 0.14 -40.21
CA PHE C 282 23.00 -1.16 -39.93
C PHE C 282 24.28 -1.30 -40.75
N GLU C 283 25.35 -1.73 -40.10
CA GLU C 283 26.59 -2.08 -40.78
C GLU C 283 27.04 -3.40 -40.18
N SER C 284 27.51 -4.32 -41.02
CA SER C 284 27.80 -5.66 -40.51
C SER C 284 28.67 -6.44 -41.50
N THR C 285 29.60 -7.24 -40.95
CA THR C 285 30.47 -8.11 -41.72
C THR C 285 30.08 -9.58 -41.64
N GLY C 286 28.99 -9.92 -40.96
CA GLY C 286 28.56 -11.31 -40.83
C GLY C 286 27.63 -11.51 -39.65
N ASN C 287 26.96 -12.66 -39.66
CA ASN C 287 26.04 -13.05 -38.59
C ASN C 287 24.87 -12.08 -38.42
N PHE C 288 24.63 -11.22 -39.40
CA PHE C 288 23.49 -10.32 -39.41
C PHE C 288 22.22 -11.07 -39.76
N ILE C 289 21.19 -10.99 -38.90
CA ILE C 289 19.83 -11.37 -39.30
C ILE C 289 19.05 -10.09 -39.49
N ALA C 290 18.79 -9.73 -40.74
CA ALA C 290 18.28 -8.41 -41.06
C ALA C 290 16.76 -8.39 -41.06
N PRO C 291 16.15 -7.22 -40.86
CA PRO C 291 14.68 -7.16 -40.89
C PRO C 291 14.15 -6.86 -42.27
N GLU C 292 13.16 -7.62 -42.72
CA GLU C 292 12.46 -7.27 -43.93
C GLU C 292 11.31 -6.31 -43.69
N TYR C 293 10.69 -6.37 -42.51
CA TYR C 293 9.53 -5.56 -42.20
C TYR C 293 9.77 -4.79 -40.91
N ALA C 294 8.87 -3.85 -40.65
CA ALA C 294 8.78 -3.14 -39.38
C ALA C 294 7.30 -2.92 -39.09
N TYR C 295 6.99 -2.64 -37.84
CA TYR C 295 5.60 -2.40 -37.45
C TYR C 295 5.41 -0.94 -37.09
N LYS C 296 4.45 -0.29 -37.74
CA LYS C 296 4.10 1.07 -37.41
C LYS C 296 3.01 1.07 -36.35
N ILE C 297 3.25 1.76 -35.23
CA ILE C 297 2.29 1.89 -34.14
C ILE C 297 1.17 2.86 -34.53
N VAL C 298 0.09 2.35 -35.14
CA VAL C 298 -0.96 3.23 -35.65
C VAL C 298 -2.03 3.59 -34.61
N LYS C 299 -2.12 2.84 -33.51
CA LYS C 299 -3.10 3.16 -32.48
C LYS C 299 -2.52 2.78 -31.12
N LYS C 300 -2.07 3.79 -30.37
CA LYS C 300 -1.80 3.62 -28.95
C LYS C 300 -3.12 3.72 -28.18
N GLY C 301 -3.06 3.36 -26.89
CA GLY C 301 -4.24 3.34 -26.05
C GLY C 301 -4.31 2.16 -25.10
N ASP C 302 -5.39 2.09 -24.32
CA ASP C 302 -5.53 1.05 -23.31
C ASP C 302 -5.62 -0.33 -23.94
N SER C 303 -4.89 -1.28 -23.37
CA SER C 303 -4.91 -2.67 -23.80
C SER C 303 -4.13 -3.48 -22.78
N ALA C 304 -3.99 -4.77 -23.06
CA ALA C 304 -3.42 -5.69 -22.08
C ALA C 304 -3.05 -6.98 -22.78
N ILE C 305 -2.31 -7.82 -22.07
CA ILE C 305 -2.03 -9.18 -22.50
C ILE C 305 -2.44 -10.13 -21.39
N MET C 306 -3.53 -10.87 -21.60
CA MET C 306 -4.10 -11.79 -20.64
C MET C 306 -3.66 -13.21 -20.91
N LYS C 307 -3.46 -13.97 -19.83
CA LYS C 307 -2.88 -15.32 -19.92
C LYS C 307 -3.98 -16.35 -19.69
N SER C 308 -4.72 -16.65 -20.76
CA SER C 308 -5.86 -17.56 -20.74
C SER C 308 -5.68 -18.66 -21.78
N GLU C 309 -5.97 -19.90 -21.39
CA GLU C 309 -6.02 -20.98 -22.37
C GLU C 309 -7.40 -21.11 -23.01
N LEU C 310 -8.32 -20.20 -22.71
CA LEU C 310 -9.65 -20.18 -23.31
C LEU C 310 -9.56 -19.77 -24.78
N SER C 311 -10.74 -19.67 -25.41
CA SER C 311 -10.80 -19.27 -26.81
C SER C 311 -12.07 -18.46 -27.09
N TYR C 312 -12.17 -17.97 -28.33
CA TYR C 312 -13.06 -16.87 -28.63
C TYR C 312 -14.51 -17.34 -28.79
N SER C 313 -15.42 -16.55 -28.24
CA SER C 313 -16.86 -16.67 -28.45
C SER C 313 -17.40 -15.34 -28.99
N ASN C 314 -18.63 -15.34 -29.47
CA ASN C 314 -19.20 -14.15 -30.11
C ASN C 314 -20.14 -13.46 -29.11
N CYS C 315 -19.55 -12.58 -28.28
CA CYS C 315 -20.28 -11.79 -27.30
C CYS C 315 -19.65 -10.40 -27.20
N ASP C 316 -20.29 -9.53 -26.41
CA ASP C 316 -19.75 -8.20 -26.10
C ASP C 316 -19.79 -8.01 -24.60
N THR C 317 -18.79 -7.30 -24.07
CA THR C 317 -18.67 -7.15 -22.62
C THR C 317 -18.08 -5.78 -22.33
N LYS C 318 -18.33 -5.27 -21.13
CA LYS C 318 -17.59 -4.11 -20.65
C LYS C 318 -16.40 -4.48 -19.75
N CYS C 319 -16.29 -5.74 -19.31
CA CYS C 319 -15.21 -6.21 -18.45
C CYS C 319 -14.94 -7.70 -18.67
N GLN C 320 -13.67 -8.06 -18.97
CA GLN C 320 -13.30 -9.45 -19.22
C GLN C 320 -12.14 -9.86 -18.30
N THR C 321 -11.91 -11.17 -18.21
CA THR C 321 -11.11 -11.81 -17.16
C THR C 321 -10.50 -13.08 -17.72
N PRO C 322 -9.28 -13.48 -17.26
CA PRO C 322 -8.72 -14.76 -17.74
C PRO C 322 -9.70 -15.93 -17.73
N VAL C 323 -10.74 -15.88 -16.90
CA VAL C 323 -11.67 -17.00 -16.82
C VAL C 323 -13.03 -16.69 -17.43
N GLY C 324 -13.37 -15.44 -17.63
CA GLY C 324 -14.67 -15.14 -18.22
C GLY C 324 -14.97 -13.66 -18.21
N ALA C 325 -16.06 -13.31 -18.90
CA ALA C 325 -16.56 -11.95 -18.95
C ALA C 325 -17.60 -11.74 -17.85
N ILE C 326 -17.96 -10.46 -17.64
CA ILE C 326 -18.86 -10.08 -16.55
C ILE C 326 -19.87 -9.06 -17.06
N ASN C 327 -21.15 -9.43 -17.06
CA ASN C 327 -22.25 -8.47 -17.13
C ASN C 327 -22.67 -8.19 -15.68
N SER C 328 -22.52 -6.94 -15.25
CA SER C 328 -22.80 -6.60 -13.85
C SER C 328 -22.69 -5.11 -13.54
N SER C 329 -23.69 -4.59 -12.83
CA SER C 329 -23.65 -3.24 -12.29
C SER C 329 -23.19 -3.21 -10.84
N MET C 330 -22.91 -4.36 -10.24
CA MET C 330 -22.38 -4.41 -8.88
C MET C 330 -21.13 -3.55 -8.74
N PRO C 331 -20.86 -3.02 -7.55
CA PRO C 331 -19.63 -2.24 -7.36
C PRO C 331 -18.42 -3.11 -7.11
N PHE C 332 -18.62 -4.36 -6.71
CA PHE C 332 -17.53 -5.30 -6.49
C PHE C 332 -17.78 -6.57 -7.26
N HIS C 333 -16.70 -7.31 -7.45
CA HIS C 333 -16.77 -8.68 -7.91
C HIS C 333 -15.65 -9.42 -7.21
N ASN C 334 -15.69 -10.74 -7.31
CA ASN C 334 -14.65 -11.56 -6.71
C ASN C 334 -14.20 -12.69 -7.61
N VAL C 335 -14.35 -12.52 -8.94
CA VAL C 335 -14.13 -13.66 -9.83
C VAL C 335 -12.66 -13.85 -10.12
N HIS C 336 -11.91 -12.74 -10.21
CA HIS C 336 -10.49 -12.81 -10.56
C HIS C 336 -9.83 -11.45 -10.38
N PRO C 337 -8.64 -11.38 -9.77
CA PRO C 337 -7.92 -10.09 -9.66
C PRO C 337 -7.76 -9.30 -10.96
N PHE C 338 -7.44 -9.94 -12.08
CA PHE C 338 -7.16 -9.22 -13.32
C PHE C 338 -8.44 -9.06 -14.13
N ALA C 339 -8.74 -7.83 -14.55
CA ALA C 339 -9.95 -7.53 -15.28
C ALA C 339 -9.75 -6.24 -16.07
N ILE C 340 -10.12 -6.24 -17.35
CA ILE C 340 -9.91 -5.10 -18.25
C ILE C 340 -11.26 -4.47 -18.58
N GLY C 341 -11.26 -3.14 -18.74
CA GLY C 341 -12.46 -2.42 -19.14
C GLY C 341 -13.06 -1.66 -17.97
N GLU C 342 -14.11 -0.90 -18.26
CA GLU C 342 -14.88 -0.29 -17.19
C GLU C 342 -15.65 -1.40 -16.49
N CYS C 343 -15.31 -1.70 -15.23
CA CYS C 343 -15.98 -2.81 -14.60
C CYS C 343 -15.84 -2.72 -13.09
N PRO C 344 -16.59 -3.56 -12.34
CA PRO C 344 -16.50 -3.53 -10.88
C PRO C 344 -15.10 -3.82 -10.40
N LYS C 345 -15.00 -4.08 -9.13
CA LYS C 345 -13.75 -3.82 -8.46
C LYS C 345 -13.49 -4.95 -7.47
N TYR C 346 -12.36 -5.63 -7.60
CA TYR C 346 -12.21 -7.01 -7.16
C TYR C 346 -11.94 -7.13 -5.67
N VAL C 347 -12.55 -8.10 -5.01
CA VAL C 347 -12.29 -8.35 -3.59
C VAL C 347 -12.12 -9.84 -3.33
N LYS C 348 -11.16 -10.17 -2.44
CA LYS C 348 -10.87 -11.53 -1.97
C LYS C 348 -11.82 -11.92 -0.82
N LEU C 349 -13.12 -11.92 -1.11
CA LEU C 349 -14.18 -12.20 -0.15
C LEU C 349 -15.20 -13.16 -0.75
N LYS C 350 -15.96 -13.84 0.11
CA LYS C 350 -17.01 -14.75 -0.35
C LYS C 350 -18.42 -14.16 -0.27
N LYS C 351 -18.60 -13.08 0.49
CA LYS C 351 -19.92 -12.50 0.63
C LYS C 351 -19.75 -11.04 1.01
N LEU C 352 -20.66 -10.22 0.49
CA LEU C 352 -20.64 -8.80 0.79
C LEU C 352 -22.09 -8.33 0.60
N VAL C 353 -22.90 -8.51 1.64
CA VAL C 353 -24.29 -8.10 1.58
C VAL C 353 -24.52 -7.04 2.64
N LEU C 354 -25.28 -6.01 2.26
CA LEU C 354 -25.52 -4.81 3.04
C LEU C 354 -26.96 -4.75 3.52
N ALA C 355 -27.16 -4.30 4.77
CA ALA C 355 -28.47 -4.28 5.41
C ALA C 355 -29.23 -3.00 5.06
N THR C 356 -30.38 -3.14 4.38
CA THR C 356 -31.23 -2.00 4.07
C THR C 356 -32.37 -1.83 5.07
N GLY C 357 -32.93 -2.93 5.57
CA GLY C 357 -34.07 -2.85 6.46
C GLY C 357 -33.83 -3.33 7.88
N LEU C 358 -34.91 -3.69 8.57
CA LEU C 358 -34.92 -4.00 9.99
C LEU C 358 -34.41 -5.41 10.27
N ARG C 359 -33.98 -5.64 11.51
CA ARG C 359 -33.90 -7.01 12.03
C ARG C 359 -35.29 -7.60 11.98
N ASN C 360 -35.45 -8.68 11.24
CA ASN C 360 -36.78 -9.25 11.05
C ASN C 360 -37.11 -10.16 12.22
N ILE C 361 -37.68 -9.58 13.27
CA ILE C 361 -38.07 -10.41 14.41
C ILE C 361 -39.57 -10.30 14.61
N PRO C 362 -40.35 -11.14 13.92
CA PRO C 362 -41.80 -11.03 13.95
C PRO C 362 -42.37 -11.66 15.20
N GLN C 363 -43.56 -11.19 15.59
CA GLN C 363 -44.17 -11.67 16.83
C GLN C 363 -45.44 -12.47 16.57
N ILE C 373 -52.30 -5.36 19.01
CA ILE C 373 -52.32 -5.56 20.45
C ILE C 373 -50.94 -5.33 21.08
N ALA C 374 -49.89 -5.92 20.49
CA ALA C 374 -48.66 -6.22 21.23
C ALA C 374 -47.78 -5.00 21.48
N GLY C 375 -47.11 -4.52 20.45
CA GLY C 375 -46.18 -3.40 20.58
C GLY C 375 -44.78 -3.81 20.17
N PHE C 376 -43.88 -2.84 20.20
CA PHE C 376 -42.55 -3.08 19.66
C PHE C 376 -41.61 -3.74 20.67
N ILE C 377 -41.95 -3.76 21.96
CA ILE C 377 -41.05 -4.36 22.94
C ILE C 377 -41.02 -5.88 22.79
N GLU C 378 -42.00 -6.46 22.12
CA GLU C 378 -42.06 -7.91 21.93
C GLU C 378 -41.79 -8.36 20.50
N GLY C 379 -41.77 -7.45 19.52
CA GLY C 379 -41.32 -7.79 18.18
C GLY C 379 -41.96 -6.89 17.13
N GLY C 380 -41.67 -7.20 15.86
CA GLY C 380 -42.19 -6.44 14.74
C GLY C 380 -43.56 -6.87 14.23
N TRP C 381 -44.27 -5.90 13.64
CA TRP C 381 -45.62 -6.11 13.13
C TRP C 381 -45.55 -6.56 11.69
N GLN C 382 -46.12 -7.74 11.41
CA GLN C 382 -46.25 -8.14 10.01
C GLN C 382 -47.44 -7.47 9.35
N GLY C 383 -48.45 -7.14 10.12
CA GLY C 383 -49.64 -6.57 9.56
C GLY C 383 -49.50 -5.17 9.01
N MET C 384 -48.32 -4.55 9.06
CA MET C 384 -48.16 -3.21 8.51
C MET C 384 -47.19 -3.26 7.34
N VAL C 385 -47.66 -2.76 6.20
CA VAL C 385 -46.89 -2.70 4.97
C VAL C 385 -46.71 -1.27 4.46
N ASP C 386 -47.49 -0.31 4.94
CA ASP C 386 -47.35 1.09 4.55
C ASP C 386 -45.90 1.56 4.66
N GLY C 387 -45.22 1.20 5.74
CA GLY C 387 -43.89 1.73 5.99
C GLY C 387 -43.04 0.90 6.94
N TRP C 388 -41.87 1.43 7.34
CA TRP C 388 -40.98 0.69 8.24
C TRP C 388 -41.39 0.83 9.70
N TYR C 389 -41.86 2.01 10.09
CA TYR C 389 -42.30 2.25 11.45
C TYR C 389 -43.69 2.86 11.44
N GLY C 390 -44.49 2.51 12.43
CA GLY C 390 -45.83 3.03 12.46
C GLY C 390 -46.59 2.67 13.72
N TYR C 391 -47.90 2.84 13.63
CA TYR C 391 -48.75 2.69 14.80
C TYR C 391 -49.80 1.62 14.57
N HIS C 392 -50.45 1.24 15.66
CA HIS C 392 -51.68 0.46 15.68
C HIS C 392 -52.59 1.11 16.70
N HIS C 393 -53.80 1.50 16.29
CA HIS C 393 -54.78 2.06 17.21
C HIS C 393 -55.97 1.10 17.36
N SER C 394 -56.80 1.37 18.37
CA SER C 394 -57.87 0.43 18.75
C SER C 394 -59.23 1.09 18.77
N ASN C 395 -59.52 1.83 19.83
CA ASN C 395 -60.69 2.69 19.89
C ASN C 395 -62.06 2.03 19.91
N GLU C 396 -63.07 2.88 20.14
CA GLU C 396 -64.46 2.49 20.00
C GLU C 396 -64.79 2.04 18.58
N GLN C 397 -64.39 2.82 17.56
CA GLN C 397 -64.83 2.52 16.19
C GLN C 397 -64.21 1.24 15.66
N GLY C 398 -62.89 1.11 15.71
CA GLY C 398 -62.24 -0.07 15.15
C GLY C 398 -60.75 0.13 14.99
N SER C 399 -60.04 -1.00 14.82
CA SER C 399 -58.58 -1.08 14.85
C SER C 399 -57.95 -0.98 13.46
N GLY C 400 -56.65 -0.66 13.43
CA GLY C 400 -55.96 -0.52 12.16
C GLY C 400 -54.49 -0.15 12.32
N TYR C 401 -53.74 -0.41 11.24
CA TYR C 401 -52.33 -0.05 11.15
C TYR C 401 -52.13 1.19 10.29
N ALA C 402 -51.11 1.97 10.63
CA ALA C 402 -50.79 3.22 9.95
C ALA C 402 -49.30 3.47 10.13
N ALA C 403 -48.60 3.73 9.03
CA ALA C 403 -47.18 4.01 9.11
C ALA C 403 -46.94 5.46 9.49
N ASP C 404 -45.82 5.71 10.17
CA ASP C 404 -45.39 7.08 10.40
C ASP C 404 -44.68 7.51 9.12
N LYS C 405 -45.48 8.04 8.19
CA LYS C 405 -44.98 8.37 6.86
C LYS C 405 -43.75 9.29 6.94
N GLU C 406 -43.76 10.24 7.86
CA GLU C 406 -42.65 11.21 7.96
C GLU C 406 -41.33 10.52 8.27
N SER C 407 -41.33 9.57 9.21
CA SER C 407 -40.08 8.97 9.67
C SER C 407 -39.58 7.91 8.70
N THR C 408 -40.49 7.21 8.03
CA THR C 408 -40.08 6.10 7.18
C THR C 408 -39.46 6.59 5.87
N GLN C 409 -40.01 7.65 5.27
CA GLN C 409 -39.41 8.15 4.03
C GLN C 409 -38.06 8.79 4.31
N LYS C 410 -37.92 9.45 5.47
CA LYS C 410 -36.62 9.94 5.91
C LYS C 410 -35.64 8.79 6.10
N ALA C 411 -36.11 7.71 6.72
CA ALA C 411 -35.34 6.47 6.75
C ALA C 411 -34.98 6.04 5.33
N VAL C 412 -35.98 5.89 4.47
CA VAL C 412 -35.71 5.53 3.08
C VAL C 412 -34.69 6.47 2.47
N ASP C 413 -34.92 7.78 2.61
CA ASP C 413 -34.03 8.75 1.96
C ASP C 413 -32.64 8.73 2.60
N GLY C 414 -32.56 8.54 3.92
CA GLY C 414 -31.26 8.48 4.57
C GLY C 414 -30.53 7.17 4.35
N ILE C 415 -31.26 6.08 4.14
CA ILE C 415 -30.62 4.81 3.82
C ILE C 415 -30.17 4.77 2.37
N THR C 416 -31.00 5.27 1.44
CA THR C 416 -30.59 5.34 0.05
C THR C 416 -29.40 6.29 -0.14
N ASN C 417 -29.36 7.36 0.65
CA ASN C 417 -28.24 8.29 0.62
C ASN C 417 -26.93 7.63 1.03
N LYS C 418 -27.00 6.62 1.90
CA LYS C 418 -25.80 5.92 2.33
C LYS C 418 -25.36 4.92 1.27
N VAL C 419 -26.28 4.03 0.85
CA VAL C 419 -25.89 2.95 -0.05
C VAL C 419 -25.37 3.50 -1.38
N ASN C 420 -26.05 4.52 -1.94
CA ASN C 420 -25.57 5.11 -3.19
C ASN C 420 -24.26 5.83 -2.98
N SER C 421 -24.12 6.54 -1.85
CA SER C 421 -22.85 7.13 -1.50
C SER C 421 -21.75 6.08 -1.51
N ILE C 422 -21.82 5.11 -0.59
CA ILE C 422 -20.78 4.11 -0.42
C ILE C 422 -20.34 3.50 -1.74
N ILE C 423 -21.31 2.99 -2.49
CA ILE C 423 -21.00 2.26 -3.72
C ILE C 423 -20.19 3.11 -4.70
N SER C 424 -20.73 4.25 -5.13
CA SER C 424 -20.09 5.08 -6.14
C SER C 424 -19.40 6.30 -5.53
N LYS C 425 -18.82 6.13 -4.34
CA LYS C 425 -18.02 7.17 -3.67
C LYS C 425 -16.54 7.00 -3.92
N MET C 426 -15.96 5.95 -3.33
CA MET C 426 -14.54 5.64 -3.48
C MET C 426 -14.44 4.71 -4.66
N ASN C 427 -14.14 5.30 -5.81
CA ASN C 427 -14.07 4.53 -7.05
C ASN C 427 -12.64 4.19 -7.42
N SER C 428 -11.67 4.67 -6.66
CA SER C 428 -10.28 4.61 -7.10
C SER C 428 -9.56 3.35 -6.62
N GLN C 429 -10.30 2.33 -6.16
CA GLN C 429 -9.71 1.06 -5.71
C GLN C 429 -8.71 0.50 -6.73
N PHE C 430 -7.64 -0.09 -6.20
CA PHE C 430 -6.50 -0.53 -6.98
C PHE C 430 -6.85 -1.56 -8.04
N GLU C 431 -7.20 -1.10 -9.24
CA GLU C 431 -7.30 -1.98 -10.41
C GLU C 431 -5.93 -2.11 -11.07
N ALA C 432 -5.75 -3.18 -11.86
CA ALA C 432 -4.42 -3.50 -12.33
C ALA C 432 -4.44 -4.15 -13.71
N VAL C 433 -3.24 -4.23 -14.31
CA VAL C 433 -2.94 -5.05 -15.47
C VAL C 433 -1.55 -5.64 -15.24
N GLY C 434 -1.43 -6.99 -15.34
CA GLY C 434 -0.23 -7.69 -14.97
C GLY C 434 0.91 -7.61 -16.00
N LYS C 435 2.07 -8.12 -15.59
CA LYS C 435 3.32 -7.96 -16.32
C LYS C 435 4.17 -9.21 -16.09
N GLU C 436 5.23 -9.36 -16.89
CA GLU C 436 6.07 -10.55 -16.81
C GLU C 436 7.51 -10.18 -16.47
N PHE C 437 8.26 -11.19 -16.04
CA PHE C 437 9.63 -11.00 -15.61
C PHE C 437 10.43 -12.21 -16.01
N ASN C 438 11.72 -12.01 -16.23
CA ASN C 438 12.61 -13.06 -16.68
C ASN C 438 13.37 -13.64 -15.50
N ASN C 439 14.17 -14.68 -15.79
CA ASN C 439 14.74 -15.53 -14.75
C ASN C 439 15.69 -14.78 -13.82
N LEU C 440 16.18 -13.62 -14.20
CA LEU C 440 16.98 -12.86 -13.26
C LEU C 440 16.33 -11.55 -12.86
N GLU C 441 15.02 -11.50 -12.93
CA GLU C 441 14.20 -10.38 -12.47
C GLU C 441 13.30 -10.83 -11.33
N ARG C 442 13.77 -11.80 -10.53
CA ARG C 442 12.89 -12.44 -9.55
C ARG C 442 12.50 -11.47 -8.44
N ARG C 443 13.48 -10.77 -7.87
CA ARG C 443 13.22 -9.77 -6.84
C ARG C 443 12.19 -8.71 -7.28
N ILE C 444 12.36 -8.10 -8.46
CA ILE C 444 11.31 -7.12 -8.82
C ILE C 444 9.99 -7.83 -9.15
N GLU C 445 10.04 -9.07 -9.65
CA GLU C 445 8.80 -9.84 -9.77
C GLU C 445 8.11 -9.92 -8.42
N ASN C 446 8.85 -10.26 -7.37
CA ASN C 446 8.22 -10.45 -6.09
C ASN C 446 7.70 -9.12 -5.57
N LEU C 447 8.55 -8.10 -5.65
CA LEU C 447 8.17 -6.72 -5.38
C LEU C 447 6.82 -6.41 -5.97
N ASN C 448 6.67 -6.73 -7.26
CA ASN C 448 5.40 -6.51 -7.94
C ASN C 448 4.28 -7.37 -7.38
N LYS C 449 4.48 -8.71 -7.31
CA LYS C 449 3.48 -9.60 -6.69
C LYS C 449 3.20 -9.17 -5.27
N LYS C 450 4.24 -8.86 -4.50
CA LYS C 450 4.04 -8.43 -3.13
C LYS C 450 3.16 -7.21 -3.05
N MET C 451 3.39 -6.25 -3.95
CA MET C 451 2.61 -5.03 -3.92
C MET C 451 1.20 -5.27 -4.41
N GLU C 452 1.03 -6.05 -5.50
CA GLU C 452 -0.29 -6.27 -6.05
C GLU C 452 -1.19 -6.95 -5.03
N ASP C 453 -0.73 -8.06 -4.47
CA ASP C 453 -1.47 -8.70 -3.39
C ASP C 453 -1.56 -7.79 -2.17
N GLY C 454 -0.60 -6.87 -1.99
CA GLY C 454 -0.72 -5.93 -0.88
C GLY C 454 -1.97 -5.09 -0.97
N PHE C 455 -2.16 -4.40 -2.10
CA PHE C 455 -3.37 -3.61 -2.25
C PHE C 455 -4.63 -4.46 -2.30
N ILE C 456 -4.57 -5.68 -2.83
CA ILE C 456 -5.74 -6.54 -2.80
C ILE C 456 -6.21 -6.73 -1.36
N ASP C 457 -5.28 -7.07 -0.48
CA ASP C 457 -5.62 -7.31 0.92
C ASP C 457 -6.17 -6.04 1.58
N VAL C 458 -5.62 -4.87 1.25
CA VAL C 458 -6.02 -3.61 1.89
C VAL C 458 -7.45 -3.24 1.51
N TRP C 459 -7.77 -3.39 0.23
CA TRP C 459 -9.07 -2.94 -0.22
C TRP C 459 -10.17 -3.89 0.25
N THR C 460 -9.91 -5.20 0.22
CA THR C 460 -10.91 -6.12 0.74
C THR C 460 -11.18 -5.83 2.21
N TYR C 461 -10.13 -5.52 2.98
CA TYR C 461 -10.34 -5.13 4.37
C TYR C 461 -11.23 -3.89 4.44
N ASN C 462 -10.91 -2.89 3.62
CA ASN C 462 -11.73 -1.69 3.60
C ASN C 462 -13.18 -2.01 3.27
N ALA C 463 -13.41 -2.85 2.26
CA ALA C 463 -14.80 -3.18 1.91
C ALA C 463 -15.48 -3.94 3.05
N GLU C 464 -14.82 -4.99 3.57
CA GLU C 464 -15.45 -5.81 4.61
C GLU C 464 -15.85 -4.98 5.81
N LEU C 465 -14.93 -4.15 6.29
CA LEU C 465 -15.15 -3.39 7.51
C LEU C 465 -16.26 -2.36 7.33
N LEU C 466 -16.25 -1.66 6.21
CA LEU C 466 -17.32 -0.69 5.95
C LEU C 466 -18.69 -1.35 5.97
N VAL C 467 -18.81 -2.50 5.29
CA VAL C 467 -20.09 -3.19 5.28
C VAL C 467 -20.50 -3.58 6.69
N LEU C 468 -19.54 -4.04 7.49
CA LEU C 468 -19.88 -4.53 8.82
C LEU C 468 -20.13 -3.37 9.78
N MET C 469 -19.40 -2.27 9.60
CA MET C 469 -19.61 -1.15 10.49
C MET C 469 -20.84 -0.35 10.11
N GLU C 470 -21.23 -0.38 8.83
CA GLU C 470 -22.48 0.27 8.44
C GLU C 470 -23.70 -0.61 8.70
N ASN C 471 -23.57 -1.93 8.55
CA ASN C 471 -24.66 -2.79 8.97
C ASN C 471 -24.96 -2.58 10.43
N GLU C 472 -23.94 -2.34 11.24
CA GLU C 472 -24.18 -2.14 12.67
C GLU C 472 -24.93 -0.84 12.92
N ARG C 473 -24.63 0.20 12.12
CA ARG C 473 -25.24 1.48 12.40
C ARG C 473 -26.65 1.60 11.81
N THR C 474 -26.91 1.05 10.62
CA THR C 474 -28.29 1.10 10.14
C THR C 474 -29.19 0.28 11.05
N LEU C 475 -28.68 -0.85 11.53
CA LEU C 475 -29.50 -1.72 12.35
C LEU C 475 -29.90 -1.05 13.65
N ASP C 476 -29.08 -0.13 14.16
CA ASP C 476 -29.48 0.56 15.37
C ASP C 476 -29.82 2.02 15.11
N LEU C 477 -29.77 2.46 13.86
CA LEU C 477 -30.57 3.60 13.46
C LEU C 477 -32.05 3.25 13.47
N HIS C 478 -32.41 2.09 12.89
CA HIS C 478 -33.77 1.59 12.95
C HIS C 478 -34.25 1.49 14.39
N ASP C 479 -33.54 0.71 15.20
CA ASP C 479 -33.73 0.64 16.64
C ASP C 479 -34.02 2.01 17.25
N SER C 480 -33.28 3.03 16.83
CA SER C 480 -33.46 4.35 17.41
C SER C 480 -34.70 5.02 16.88
N ASN C 481 -34.96 4.87 15.58
CA ASN C 481 -36.12 5.52 15.00
C ASN C 481 -37.41 5.05 15.65
N VAL C 482 -37.49 3.76 15.99
CA VAL C 482 -38.72 3.31 16.62
C VAL C 482 -38.81 3.82 18.05
N LYS C 483 -37.67 4.12 18.68
CA LYS C 483 -37.75 4.69 20.02
C LYS C 483 -38.20 6.15 19.94
N ASN C 484 -37.70 6.88 18.97
CA ASN C 484 -37.94 8.31 18.92
C ASN C 484 -39.41 8.62 18.66
N LEU C 485 -40.05 7.90 17.73
CA LEU C 485 -41.48 8.14 17.54
C LEU C 485 -42.30 7.60 18.71
N TYR C 486 -41.78 6.66 19.49
CA TYR C 486 -42.44 6.33 20.75
C TYR C 486 -42.40 7.52 21.69
N ASP C 487 -41.27 8.24 21.71
CA ASP C 487 -41.18 9.40 22.58
C ASP C 487 -42.01 10.57 22.05
N LYS C 488 -42.10 10.73 20.73
CA LYS C 488 -42.90 11.83 20.19
C LYS C 488 -44.39 11.64 20.47
N VAL C 489 -44.85 10.41 20.64
CA VAL C 489 -46.26 10.23 20.99
C VAL C 489 -46.47 10.30 22.50
N ARG C 490 -45.42 10.15 23.30
CA ARG C 490 -45.57 10.24 24.75
C ARG C 490 -45.38 11.66 25.26
N ARG C 491 -44.47 12.41 24.65
CA ARG C 491 -44.34 13.81 24.97
C ARG C 491 -45.54 14.63 24.52
N GLN C 492 -46.35 14.10 23.61
CA GLN C 492 -47.58 14.78 23.19
C GLN C 492 -48.69 14.59 24.21
N LEU C 493 -49.19 13.35 24.33
CA LEU C 493 -50.15 13.02 25.37
C LEU C 493 -49.35 12.73 26.63
N ARG C 494 -49.43 13.61 27.60
CA ARG C 494 -48.56 13.38 28.74
C ARG C 494 -49.34 12.57 29.76
N ASP C 495 -49.77 13.19 30.84
CA ASP C 495 -50.57 12.43 31.80
C ASP C 495 -52.01 12.22 31.32
N ASN C 496 -52.29 12.45 30.04
CA ASN C 496 -53.55 12.03 29.43
C ASN C 496 -53.56 10.55 29.07
N ALA C 497 -52.47 9.81 29.27
CA ALA C 497 -52.47 8.38 28.93
C ALA C 497 -51.43 7.64 29.75
N LYS C 498 -51.63 6.32 29.84
CA LYS C 498 -50.94 5.43 30.76
C LYS C 498 -49.89 4.62 30.01
N GLU C 499 -48.62 4.80 30.34
CA GLU C 499 -47.58 3.92 29.83
C GLU C 499 -47.86 2.48 30.29
N LEU C 500 -47.95 1.55 29.34
CA LEU C 500 -48.25 0.17 29.69
C LEU C 500 -47.00 -0.67 29.92
N GLY C 501 -45.94 -0.45 29.13
CA GLY C 501 -44.70 -1.20 29.26
C GLY C 501 -44.39 -2.14 28.11
N ASN C 502 -45.29 -2.23 27.13
CA ASN C 502 -45.11 -3.03 25.94
C ASN C 502 -44.82 -2.18 24.71
N GLY C 503 -44.76 -0.87 24.86
CA GLY C 503 -44.76 0.02 23.73
C GLY C 503 -46.12 0.61 23.40
N CYS C 504 -47.07 0.61 24.34
CA CYS C 504 -48.44 0.98 24.05
C CYS C 504 -48.99 1.94 25.10
N PHE C 505 -49.96 2.75 24.70
CA PHE C 505 -50.59 3.72 25.58
C PHE C 505 -52.09 3.45 25.67
N GLU C 506 -52.61 3.32 26.88
CA GLU C 506 -54.04 3.38 27.13
C GLU C 506 -54.40 4.83 27.42
N PHE C 507 -55.50 5.28 26.85
CA PHE C 507 -55.91 6.69 27.01
C PHE C 507 -56.81 6.87 28.23
N TYR C 508 -56.75 8.08 28.81
CA TYR C 508 -57.67 8.54 29.87
C TYR C 508 -58.81 9.39 29.33
N HIS C 509 -58.92 9.58 28.02
CA HIS C 509 -59.96 10.43 27.46
C HIS C 509 -60.55 9.95 26.14
N ARG C 510 -60.01 8.89 25.54
CA ARG C 510 -60.66 8.15 24.45
C ARG C 510 -60.99 9.01 23.23
N CYS C 511 -60.19 8.82 22.17
CA CYS C 511 -60.13 9.71 21.02
C CYS C 511 -59.98 8.87 19.77
N ASP C 512 -60.62 9.26 18.67
CA ASP C 512 -60.54 8.43 17.48
C ASP C 512 -60.15 9.16 16.21
N ASN C 513 -60.52 8.54 15.08
CA ASN C 513 -59.90 8.64 13.77
C ASN C 513 -59.42 10.05 13.38
N LYS C 514 -59.84 11.07 14.12
CA LYS C 514 -59.25 12.40 13.93
C LYS C 514 -58.15 12.67 14.93
N CYS C 515 -58.32 12.29 16.19
CA CYS C 515 -57.23 12.45 17.14
C CYS C 515 -56.16 11.38 16.97
N MET C 516 -56.50 10.20 16.45
CA MET C 516 -55.46 9.24 16.14
C MET C 516 -54.55 9.80 15.05
N GLU C 517 -55.15 10.31 13.98
CA GLU C 517 -54.41 11.10 13.01
C GLU C 517 -53.74 12.32 13.65
N SER C 518 -54.34 12.89 14.69
CA SER C 518 -53.73 14.02 15.39
C SER C 518 -52.48 13.64 16.19
N VAL C 519 -52.46 12.45 16.79
CA VAL C 519 -51.22 12.00 17.43
C VAL C 519 -50.21 11.55 16.39
N ARG C 520 -50.68 10.92 15.30
CA ARG C 520 -49.80 10.59 14.19
C ARG C 520 -49.25 11.84 13.52
N ASN C 521 -50.03 12.93 13.50
CA ASN C 521 -49.65 14.19 12.83
C ASN C 521 -48.66 15.02 13.62
N GLY C 522 -48.45 14.72 14.91
CA GLY C 522 -47.72 15.65 15.74
C GLY C 522 -48.56 16.88 15.98
N THR C 523 -49.86 16.71 16.16
CA THR C 523 -50.80 17.81 16.22
C THR C 523 -51.65 17.74 17.49
N TYR C 524 -51.48 16.71 18.32
CA TYR C 524 -52.44 16.42 19.39
C TYR C 524 -52.48 17.55 20.43
N ASP C 525 -53.67 18.11 20.64
CA ASP C 525 -53.86 19.24 21.55
C ASP C 525 -54.11 18.67 22.95
N TYR C 526 -53.07 18.70 23.79
CA TYR C 526 -53.25 18.22 25.16
C TYR C 526 -54.27 19.05 25.93
N PRO C 527 -54.19 20.40 25.98
CA PRO C 527 -55.17 21.16 26.78
C PRO C 527 -56.62 20.92 26.44
N GLN C 528 -56.93 20.28 25.32
CA GLN C 528 -58.32 20.04 24.95
C GLN C 528 -58.91 18.88 25.76
N TYR C 529 -58.11 17.84 25.99
CA TYR C 529 -58.51 16.71 26.82
C TYR C 529 -57.89 16.78 28.21
N SER C 530 -57.21 17.88 28.50
CA SER C 530 -56.61 18.08 29.83
C SER C 530 -57.59 17.75 30.94
N GLU C 531 -58.66 18.53 31.07
CA GLU C 531 -59.57 18.33 32.19
C GLU C 531 -60.58 17.21 31.96
N GLU C 532 -60.71 16.68 30.73
CA GLU C 532 -61.47 15.45 30.57
C GLU C 532 -60.72 14.28 31.18
N SER C 533 -59.42 14.17 30.90
CA SER C 533 -58.59 13.07 31.40
C SER C 533 -58.38 13.18 32.90
N ARG C 534 -58.15 14.41 33.39
CA ARG C 534 -57.98 14.62 34.83
C ARG C 534 -59.10 13.98 35.64
N LEU C 535 -60.35 14.09 35.18
CA LEU C 535 -61.46 13.50 35.91
C LEU C 535 -61.43 11.97 35.89
N LYS C 536 -60.94 11.37 34.81
CA LYS C 536 -60.93 9.91 34.78
C LYS C 536 -59.80 9.35 35.65
N ARG C 537 -58.60 9.93 35.59
CA ARG C 537 -57.53 9.43 36.44
C ARG C 537 -57.72 9.87 37.88
N GLU C 538 -58.51 10.91 38.13
CA GLU C 538 -58.91 11.16 39.51
C GLU C 538 -59.99 10.16 39.96
N GLU C 539 -60.84 9.71 39.03
CA GLU C 539 -61.77 8.61 39.31
C GLU C 539 -61.01 7.29 39.46
N ILE C 540 -59.97 7.10 38.64
CA ILE C 540 -59.23 5.84 38.67
C ILE C 540 -58.48 5.69 39.99
N ASP C 541 -58.15 6.80 40.65
CA ASP C 541 -57.32 6.73 41.85
C ASP C 541 -58.11 6.18 43.04
N SER C 542 -59.41 6.49 43.13
CA SER C 542 -60.19 5.97 44.25
C SER C 542 -60.77 4.59 43.96
N GLY C 543 -61.25 4.37 42.74
CA GLY C 543 -61.85 3.10 42.39
C GLY C 543 -62.85 3.13 41.23
C1 NAG D . 16.01 28.91 -21.20
C2 NAG D . 16.66 30.24 -20.88
C3 NAG D . 15.96 31.36 -21.63
C4 NAG D . 15.98 31.06 -23.12
C5 NAG D . 15.31 29.71 -23.39
C6 NAG D . 15.44 29.29 -24.84
C7 NAG D . 15.60 30.51 -18.66
C8 NAG D . 15.86 30.81 -17.21
N2 NAG D . 16.69 30.52 -19.46
O3 NAG D . 16.69 32.55 -21.39
O4 NAG D . 15.45 32.15 -23.90
O5 NAG D . 15.98 28.70 -22.62
O6 NAG D . 16.60 28.49 -25.06
O7 NAG D . 14.46 30.29 -19.08
C1 NAG D . 14.22 32.74 -23.55
C2 NAG D . 13.77 33.63 -24.71
C3 NAG D . 12.25 33.95 -24.68
C4 NAG D . 11.43 32.71 -24.42
C5 NAG D . 11.90 32.16 -23.09
C6 NAG D . 11.12 30.95 -22.60
C7 NAG D . 14.38 35.96 -24.08
C8 NAG D . 15.31 37.11 -24.39
N2 NAG D . 14.55 34.86 -24.83
O3 NAG D . 11.89 34.53 -25.95
O4 NAG D . 10.04 32.98 -24.38
O5 NAG D . 13.26 31.76 -23.25
O6 NAG D . 10.83 31.07 -21.22
O7 NAG D . 13.56 36.04 -23.16
C1 NAG E . 48.42 6.13 -4.35
C2 NAG E . 49.84 6.68 -3.99
C3 NAG E . 50.88 5.60 -3.53
C4 NAG E . 50.39 4.15 -3.46
C5 NAG E . 49.13 3.96 -4.25
C6 NAG E . 48.52 2.59 -4.08
C7 NAG E . 50.94 8.63 -5.02
C8 NAG E . 51.40 9.25 -6.31
N2 NAG E . 50.35 7.43 -5.12
O3 NAG E . 51.38 5.99 -2.26
O4 NAG E . 51.39 3.25 -3.94
O5 NAG E . 48.21 4.92 -3.74
O6 NAG E . 47.37 2.63 -3.24
O7 NAG E . 51.09 9.19 -3.94
C1 NAG F . -0.90 32.12 3.08
C2 NAG F . -2.03 32.64 2.20
C3 NAG F . -2.35 34.12 2.53
C4 NAG F . -2.63 34.31 4.02
C5 NAG F . -1.44 33.81 4.81
C6 NAG F . -1.65 33.85 6.31
C7 NAG F . -1.75 31.35 0.10
C8 NAG F . -1.43 31.46 -1.36
N2 NAG F . -1.70 32.50 0.78
O3 NAG F . -3.46 34.59 1.77
O4 NAG F . -2.94 35.66 4.32
O5 NAG F . -1.19 32.43 4.47
O6 NAG F . -2.29 32.67 6.75
O7 NAG F . -2.05 30.29 0.62
C1 NAG G . -24.99 20.38 -1.49
C2 NAG G . -26.10 19.98 -2.36
C3 NAG G . -25.70 19.94 -3.84
C4 NAG G . -25.18 21.30 -4.29
C5 NAG G . -24.17 21.85 -3.22
C6 NAG G . -23.95 23.34 -3.29
C7 NAG G . -26.83 17.55 -2.44
C8 NAG G . -27.68 16.62 -1.66
N2 NAG G . -26.72 18.76 -1.89
O3 NAG G . -26.78 19.47 -4.64
O4 NAG G . -24.58 21.24 -5.60
O5 NAG G . -24.59 21.66 -1.85
O6 NAG G . -24.96 23.93 -4.11
O7 NAG G . -26.20 17.20 -3.44
C1 NAG H . -2.03 7.77 30.40
C2 NAG H . -0.82 8.70 30.17
C3 NAG H . 0.51 7.96 30.42
C4 NAG H . 0.48 7.14 31.71
C5 NAG H . -0.78 6.30 31.78
C6 NAG H . -0.91 5.53 33.08
C7 NAG H . -1.47 10.39 28.48
C8 NAG H . -1.38 10.79 27.04
N2 NAG H . -0.85 9.25 28.82
O3 NAG H . 1.57 8.91 30.50
O4 NAG H . 1.62 6.29 31.75
O5 NAG H . -1.91 7.16 31.67
O6 NAG H . -1.08 4.13 32.84
O7 NAG H . -2.08 11.07 29.29
C1 NAG I . 13.86 -36.73 -18.09
C2 NAG I . 12.36 -36.55 -17.83
C3 NAG I . 11.70 -37.90 -17.57
C4 NAG I . 11.98 -38.87 -18.71
C5 NAG I . 13.49 -39.00 -18.92
C6 NAG I . 13.86 -39.87 -20.10
C7 NAG I . 12.23 -34.30 -16.82
C8 NAG I . 11.88 -33.53 -15.58
N2 NAG I . 12.09 -35.64 -16.73
O3 NAG I . 10.30 -37.70 -17.41
O4 NAG I . 11.40 -40.13 -18.43
O5 NAG I . 14.07 -37.70 -19.16
O6 NAG I . 14.21 -39.11 -21.25
O7 NAG I . 12.61 -33.75 -17.85
C1 NAG J . 34.27 -13.47 13.84
C2 NAG J . 35.03 -14.41 14.73
C3 NAG J . 35.15 -13.81 16.12
C4 NAG J . 35.77 -12.41 16.06
C5 NAG J . 35.08 -11.55 15.01
C6 NAG J . 35.83 -10.26 14.73
C7 NAG J . 34.97 -16.83 14.33
C8 NAG J . 34.20 -18.10 14.53
N2 NAG J . 34.38 -15.72 14.79
O3 NAG J . 35.94 -14.66 16.95
O4 NAG J . 35.70 -11.77 17.33
O5 NAG J . 34.98 -12.24 13.76
O6 NAG J . 37.24 -10.45 14.85
O7 NAG J . 36.07 -16.81 13.79
C1 NAG K . 24.19 -36.46 -21.57
C2 NAG K . 23.10 -36.24 -22.72
C3 NAG K . 23.62 -36.82 -24.03
C4 NAG K . 25.07 -36.38 -24.23
C5 NAG K . 25.99 -37.08 -23.21
C6 NAG K . 27.12 -36.20 -22.74
C7 NAG K . 20.88 -36.39 -21.48
C8 NAG K . 21.18 -35.06 -20.89
N2 NAG K . 21.83 -36.87 -22.32
O3 NAG K . 22.80 -36.57 -25.18
O4 NAG K . 25.51 -36.91 -25.47
O5 NAG K . 25.25 -37.47 -22.06
O6 NAG K . 28.32 -36.94 -22.94
O7 NAG K . 19.85 -37.02 -21.24
C1 NAG L . 7.02 -16.03 26.44
C2 NAG L . 7.90 -14.89 27.00
C3 NAG L . 8.74 -15.37 28.19
C4 NAG L . 7.87 -16.07 29.22
C5 NAG L . 7.09 -17.19 28.53
C6 NAG L . 6.17 -17.95 29.46
C7 NAG L . 9.02 -13.05 25.81
C8 NAG L . 9.91 -12.69 24.65
N2 NAG L . 8.75 -14.36 25.95
O3 NAG L . 9.39 -14.25 28.78
O4 NAG L . 8.65 -16.59 30.28
O5 NAG L . 6.26 -16.62 27.51
O6 NAG L . 5.13 -18.55 28.70
O7 NAG L . 8.58 -12.21 26.59
C1 NAG M . -2.02 -25.76 -30.07
C2 NAG M . -2.23 -27.00 -29.09
C3 NAG M . -3.19 -28.08 -29.72
C4 NAG M . -4.35 -27.47 -30.50
C5 NAG M . -3.86 -26.25 -31.31
C6 NAG M . -4.94 -25.56 -32.10
C7 NAG M . -0.72 -28.76 -28.03
C8 NAG M . 0.73 -29.20 -28.03
N2 NAG M . -0.96 -27.66 -28.76
O3 NAG M . -3.77 -28.96 -28.76
O4 NAG M . -4.97 -28.43 -31.36
O5 NAG M . -3.24 -25.29 -30.47
O6 NAG M . -5.79 -26.50 -32.74
O7 NAG M . -1.59 -29.35 -27.40
C1 NAG N . -23.68 -18.28 9.64
C2 NAG N . -23.58 -19.59 10.38
C3 NAG N . -22.90 -20.64 9.51
C4 NAG N . -23.67 -20.81 8.20
C5 NAG N . -23.88 -19.46 7.50
C6 NAG N . -24.89 -19.57 6.38
C7 NAG N . -21.77 -19.84 12.15
C8 NAG N . -21.46 -19.51 13.59
N2 NAG N . -22.98 -19.44 11.70
O3 NAG N . -22.84 -21.89 10.19
O4 NAG N . -22.99 -21.70 7.33
O5 NAG N . -24.41 -18.47 8.40
O6 NAG N . -26.05 -20.26 6.80
O7 NAG N . -20.95 -20.43 11.44
C1 NAG O . -42.44 -14.35 0.59
C2 NAG O . -42.34 -15.56 -0.42
C3 NAG O . -42.48 -15.07 -1.87
C4 NAG O . -43.76 -14.25 -2.01
C5 NAG O . -43.84 -13.14 -0.95
C6 NAG O . -45.17 -12.40 -0.99
C7 NAG O . -39.94 -16.09 0.05
C8 NAG O . -38.91 -17.18 0.05
N2 NAG O . -41.19 -16.45 -0.30
O3 NAG O . -42.47 -16.14 -2.83
O4 NAG O . -43.82 -13.65 -3.30
O5 NAG O . -43.69 -13.65 0.38
O6 NAG O . -45.13 -11.08 -0.46
O7 NAG O . -39.68 -14.95 0.40
C1 NAG P . 15.51 11.34 -43.20
C2 NAG P . 16.81 11.88 -43.73
C3 NAG P . 17.02 13.28 -43.20
C4 NAG P . 15.80 14.15 -43.49
C5 NAG P . 14.49 13.45 -43.10
C6 NAG P . 13.27 14.16 -43.62
C7 NAG P . 18.51 10.19 -44.26
C8 NAG P . 19.61 9.30 -43.73
N2 NAG P . 17.93 11.00 -43.37
O3 NAG P . 18.18 13.80 -43.85
O4 NAG P . 15.88 15.36 -42.76
O5 NAG P . 14.45 12.14 -43.65
O6 NAG P . 12.10 13.38 -43.45
O7 NAG P . 18.15 10.15 -45.43
#